data_1EVJ
#
_entry.id   1EVJ
#
_cell.length_a   47.710
_cell.length_b   91.460
_cell.length_c   98.920
_cell.angle_alpha   64.53
_cell.angle_beta   84.45
_cell.angle_gamma   75.28
#
_symmetry.space_group_name_H-M   'P 1'
#
loop_
_entity.id
_entity.type
_entity.pdbx_description
1 polymer 'GLUCOSE-FRUCTOSE OXIDOREDUCTASE'
2 non-polymer NICOTINAMIDE-ADENINE-DINUCLEOTIDE
3 water water
#
_entity_poly.entity_id   1
_entity_poly.type   'polypeptide(L)'
_entity_poly.pdbx_seq_one_letter_code
;RRFGYAIVGLGKYALNQILPGFAGCQHSRIEALVDGNAEKAKIVAAEYGVDPRKIYDYSNFDKIAKDPKIDAVYIILPNS
LHAEFAIRAFKAGKHVMCEKPMATSVADCQRMIDAAKAANKKLMIGYRCHYDPMNRAAVKLIRENQLGKLGMVTTDNSDV
MDQNDPAQQWRLRRELAGGGSLMDIGIYGLNGTRYLLGEEPIEVRAYTYSDPNDERFVEVEDRIIWQMRFRSGALSHGAS
SYSTTTTSRFSVQGDKAVLLMDPATGYYQNLISVQTPGHANQSMMPQFIMPANNQFSAQLDHLAEAVINNKPVRSPGEEG
MQDVRLIQAIYEAARTGRPVNTDWGYVRQGGY
;
_entity_poly.pdbx_strand_id   A,B,C,D
#
# COMPACT_ATOMS: atom_id res chain seq x y z
N ARG A 1 15.68 12.13 -17.82
CA ARG A 1 15.28 11.00 -18.70
C ARG A 1 16.48 10.53 -19.54
N ARG A 2 16.68 9.22 -19.58
CA ARG A 2 17.79 8.65 -20.34
C ARG A 2 17.34 7.58 -21.34
N PHE A 3 16.03 7.36 -21.43
CA PHE A 3 15.50 6.36 -22.36
C PHE A 3 14.77 7.10 -23.47
N GLY A 4 15.31 6.98 -24.67
CA GLY A 4 14.75 7.70 -25.80
C GLY A 4 13.67 6.95 -26.54
N TYR A 5 12.57 7.65 -26.81
CA TYR A 5 11.45 7.06 -27.53
C TYR A 5 11.26 7.64 -28.91
N ALA A 6 10.90 6.79 -29.86
CA ALA A 6 10.66 7.21 -31.22
C ALA A 6 9.17 6.95 -31.46
N ILE A 7 8.37 8.02 -31.44
CA ILE A 7 6.93 7.91 -31.64
C ILE A 7 6.52 7.79 -33.10
N VAL A 8 5.96 6.64 -33.46
CA VAL A 8 5.52 6.38 -34.83
C VAL A 8 4.00 6.49 -34.97
N GLY A 9 3.55 7.58 -35.60
CA GLY A 9 2.12 7.79 -35.79
C GLY A 9 1.61 8.93 -34.93
N LEU A 10 1.72 10.16 -35.43
CA LEU A 10 1.25 11.30 -34.66
C LEU A 10 -0.23 11.51 -34.91
N GLY A 11 -1.02 10.58 -34.38
CA GLY A 11 -2.47 10.65 -34.54
C GLY A 11 -3.16 11.17 -33.31
N LYS A 12 -4.45 10.83 -33.18
CA LYS A 12 -5.26 11.28 -32.06
C LYS A 12 -4.73 10.78 -30.70
N TYR A 13 -4.44 9.49 -30.60
CA TYR A 13 -3.94 8.94 -29.35
C TYR A 13 -2.55 9.44 -29.00
N ALA A 14 -1.70 9.60 -30.01
CA ALA A 14 -0.34 10.08 -29.78
C ALA A 14 -0.37 11.53 -29.31
N LEU A 15 -1.07 12.35 -30.08
CA LEU A 15 -1.15 13.78 -29.77
C LEU A 15 -1.95 14.09 -28.52
N ASN A 16 -3.05 13.39 -28.32
CA ASN A 16 -3.88 13.66 -27.16
C ASN A 16 -3.49 12.98 -25.86
N GLN A 17 -3.00 11.75 -25.91
CA GLN A 17 -2.67 11.07 -24.67
C GLN A 17 -1.20 10.80 -24.44
N ILE A 18 -0.56 10.16 -25.41
CA ILE A 18 0.85 9.77 -25.30
C ILE A 18 1.90 10.87 -25.19
N LEU A 19 1.92 11.80 -26.14
CA LEU A 19 2.94 12.83 -26.07
C LEU A 19 2.83 13.57 -24.74
N PRO A 20 1.63 14.04 -24.38
CA PRO A 20 1.50 14.75 -23.10
C PRO A 20 1.87 13.85 -21.93
N GLY A 21 1.68 12.55 -22.13
CA GLY A 21 1.99 11.58 -21.10
C GLY A 21 3.43 11.62 -20.64
N PHE A 22 4.33 11.96 -21.57
CA PHE A 22 5.75 12.02 -21.25
C PHE A 22 6.07 12.98 -20.11
N ALA A 23 5.26 14.02 -19.98
CA ALA A 23 5.47 15.02 -18.94
C ALA A 23 5.68 14.43 -17.56
N GLY A 24 5.03 13.30 -17.30
CA GLY A 24 5.16 12.68 -15.99
C GLY A 24 6.23 11.62 -15.87
N CYS A 25 6.80 11.21 -17.00
CA CYS A 25 7.83 10.18 -16.98
C CYS A 25 9.03 10.60 -16.14
N GLN A 26 9.85 9.62 -15.78
CA GLN A 26 11.03 9.89 -14.97
C GLN A 26 12.22 9.11 -15.53
N HIS A 27 12.12 8.71 -16.79
CA HIS A 27 13.18 7.96 -17.46
C HIS A 27 13.01 8.13 -18.95
N SER A 28 11.76 8.16 -19.39
CA SER A 28 11.48 8.28 -20.80
C SER A 28 11.52 9.72 -21.28
N ARG A 29 11.71 9.87 -22.59
CA ARG A 29 11.77 11.18 -23.22
C ARG A 29 11.44 10.99 -24.69
N ILE A 30 10.87 12.01 -25.31
CA ILE A 30 10.53 11.98 -26.72
C ILE A 30 11.79 12.33 -27.50
N GLU A 31 12.44 11.33 -28.10
CA GLU A 31 13.67 11.59 -28.85
C GLU A 31 13.42 11.87 -30.32
N ALA A 32 12.51 11.12 -30.93
CA ALA A 32 12.21 11.28 -32.34
C ALA A 32 10.75 11.09 -32.68
N LEU A 33 10.35 11.65 -33.82
CA LEU A 33 8.97 11.55 -34.31
C LEU A 33 9.00 10.88 -35.66
N VAL A 34 7.88 10.27 -36.05
CA VAL A 34 7.75 9.59 -37.34
C VAL A 34 6.34 9.81 -37.83
N ASP A 35 6.17 10.16 -39.11
CA ASP A 35 4.83 10.38 -39.64
C ASP A 35 4.84 10.73 -41.12
N GLY A 36 3.77 10.34 -41.81
CA GLY A 36 3.66 10.62 -43.22
C GLY A 36 3.30 12.07 -43.46
N ASN A 37 3.79 12.94 -42.58
CA ASN A 37 3.52 14.36 -42.70
C ASN A 37 4.53 15.17 -41.89
N ALA A 38 5.47 15.79 -42.60
CA ALA A 38 6.51 16.59 -41.97
C ALA A 38 5.94 17.89 -41.39
N GLU A 39 5.02 18.51 -42.12
CA GLU A 39 4.40 19.75 -41.66
C GLU A 39 3.88 19.55 -40.25
N LYS A 40 3.04 18.53 -40.09
CA LYS A 40 2.45 18.19 -38.80
C LYS A 40 3.57 17.91 -37.80
N ALA A 41 4.44 16.99 -38.16
CA ALA A 41 5.56 16.60 -37.31
C ALA A 41 6.35 17.82 -36.86
N LYS A 42 6.64 18.70 -37.81
CA LYS A 42 7.41 19.89 -37.49
C LYS A 42 6.75 20.61 -36.33
N ILE A 43 5.52 21.06 -36.54
CA ILE A 43 4.76 21.75 -35.52
C ILE A 43 4.85 20.97 -34.20
N VAL A 44 4.73 19.64 -34.32
CA VAL A 44 4.79 18.76 -33.17
C VAL A 44 6.17 18.79 -32.51
N ALA A 45 7.21 18.54 -33.32
CA ALA A 45 8.58 18.54 -32.82
C ALA A 45 8.87 19.81 -32.04
N ALA A 46 8.46 20.93 -32.61
CA ALA A 46 8.67 22.23 -31.96
C ALA A 46 7.96 22.15 -30.63
N GLU A 47 6.65 21.96 -30.73
CA GLU A 47 5.76 21.86 -29.59
C GLU A 47 6.33 21.09 -28.40
N TYR A 48 6.89 19.92 -28.64
CA TYR A 48 7.45 19.13 -27.54
C TYR A 48 8.96 19.23 -27.36
N GLY A 49 9.59 20.16 -28.07
CA GLY A 49 11.02 20.35 -27.97
C GLY A 49 11.90 19.23 -28.48
N VAL A 50 11.69 18.83 -29.74
CA VAL A 50 12.49 17.79 -30.37
C VAL A 50 13.16 18.41 -31.59
N ASP A 51 14.48 18.26 -31.71
CA ASP A 51 15.18 18.83 -32.86
C ASP A 51 14.62 18.25 -34.15
N PRO A 52 14.09 19.12 -35.02
CA PRO A 52 13.51 18.72 -36.30
C PRO A 52 14.43 17.84 -37.13
N ARG A 53 15.63 17.61 -36.61
CA ARG A 53 16.61 16.78 -37.28
C ARG A 53 16.25 15.31 -37.12
N LYS A 54 15.31 15.04 -36.23
CA LYS A 54 14.89 13.66 -35.98
C LYS A 54 13.48 13.32 -36.42
N ILE A 55 12.99 14.03 -37.44
CA ILE A 55 11.66 13.79 -37.99
C ILE A 55 11.78 12.84 -39.19
N TYR A 56 11.39 11.58 -39.02
CA TYR A 56 11.46 10.60 -40.11
C TYR A 56 10.09 10.41 -40.75
N ASP A 57 10.00 9.43 -41.64
CA ASP A 57 8.76 9.09 -42.30
C ASP A 57 8.78 7.59 -42.56
N TYR A 58 7.74 7.08 -43.22
CA TYR A 58 7.66 5.64 -43.45
C TYR A 58 8.64 5.09 -44.48
N SER A 59 9.44 5.97 -45.09
CA SER A 59 10.44 5.54 -46.08
C SER A 59 11.79 5.36 -45.40
N ASN A 60 12.26 6.44 -44.79
CA ASN A 60 13.54 6.46 -44.10
C ASN A 60 13.40 6.06 -42.64
N PHE A 61 12.34 5.31 -42.33
CA PHE A 61 12.11 4.88 -40.96
C PHE A 61 13.31 4.12 -40.43
N ASP A 62 13.75 3.11 -41.20
CA ASP A 62 14.88 2.28 -40.83
C ASP A 62 16.10 3.09 -40.45
N LYS A 63 16.12 4.35 -40.86
CA LYS A 63 17.24 5.23 -40.57
C LYS A 63 17.50 5.34 -39.07
N ILE A 64 16.47 5.11 -38.26
CA ILE A 64 16.61 5.22 -36.82
C ILE A 64 17.74 4.34 -36.27
N ALA A 65 18.07 3.28 -36.99
CA ALA A 65 19.13 2.36 -36.56
C ALA A 65 20.44 3.08 -36.29
N LYS A 66 20.66 4.22 -36.94
CA LYS A 66 21.88 4.99 -36.79
C LYS A 66 21.86 6.01 -35.66
N ASP A 67 20.79 6.00 -34.86
CA ASP A 67 20.67 6.94 -33.75
C ASP A 67 20.59 6.18 -32.43
N PRO A 68 21.72 6.01 -31.74
CA PRO A 68 21.78 5.30 -30.46
C PRO A 68 21.01 5.96 -29.31
N LYS A 69 20.67 7.23 -29.47
CA LYS A 69 19.92 7.91 -28.42
C LYS A 69 18.48 7.36 -28.41
N ILE A 70 18.05 6.87 -29.57
CA ILE A 70 16.71 6.31 -29.74
C ILE A 70 16.66 4.88 -29.22
N ASP A 71 16.39 4.73 -27.93
CA ASP A 71 16.30 3.43 -27.29
C ASP A 71 15.13 2.59 -27.80
N ALA A 72 13.98 3.22 -28.01
CA ALA A 72 12.82 2.49 -28.47
C ALA A 72 11.89 3.28 -29.37
N VAL A 73 11.04 2.53 -30.06
CA VAL A 73 10.04 3.09 -30.96
C VAL A 73 8.66 2.76 -30.36
N TYR A 74 7.66 3.60 -30.63
CA TYR A 74 6.31 3.39 -30.14
C TYR A 74 5.35 3.45 -31.33
N ILE A 75 4.88 2.29 -31.77
CA ILE A 75 3.97 2.25 -32.91
C ILE A 75 2.59 2.66 -32.45
N ILE A 76 1.98 3.55 -33.22
CA ILE A 76 0.65 4.06 -32.92
C ILE A 76 -0.03 4.27 -34.25
N LEU A 77 0.01 3.24 -35.07
CA LEU A 77 -0.59 3.31 -36.40
C LEU A 77 -1.75 2.32 -36.47
N PRO A 78 -2.52 2.37 -37.57
CA PRO A 78 -3.63 1.42 -37.69
C PRO A 78 -3.11 0.01 -37.39
N ASN A 79 -4.01 -0.85 -36.92
CA ASN A 79 -3.65 -2.20 -36.54
C ASN A 79 -2.88 -3.04 -37.55
N SER A 80 -3.21 -2.92 -38.83
CA SER A 80 -2.52 -3.70 -39.84
C SER A 80 -1.04 -3.36 -39.99
N LEU A 81 -0.68 -2.10 -39.79
CA LEU A 81 0.71 -1.69 -39.90
C LEU A 81 1.55 -2.04 -38.69
N HIS A 82 0.92 -2.59 -37.65
CA HIS A 82 1.64 -2.92 -36.43
C HIS A 82 2.82 -3.86 -36.61
N ALA A 83 2.57 -5.03 -37.18
CA ALA A 83 3.64 -5.99 -37.38
C ALA A 83 4.76 -5.46 -38.29
N GLU A 84 4.40 -4.81 -39.38
CA GLU A 84 5.39 -4.29 -40.32
C GLU A 84 6.47 -3.46 -39.65
N PHE A 85 6.06 -2.39 -38.98
CA PHE A 85 7.02 -1.50 -38.32
C PHE A 85 7.57 -2.06 -37.04
N ALA A 86 6.93 -3.07 -36.49
CA ALA A 86 7.39 -3.67 -35.25
C ALA A 86 8.68 -4.42 -35.57
N ILE A 87 8.64 -5.21 -36.64
CA ILE A 87 9.78 -5.99 -37.08
C ILE A 87 10.90 -5.07 -37.59
N ARG A 88 10.57 -4.16 -38.50
CA ARG A 88 11.56 -3.23 -39.01
C ARG A 88 12.21 -2.51 -37.85
N ALA A 89 11.42 -2.22 -36.81
CA ALA A 89 11.92 -1.53 -35.64
C ALA A 89 12.96 -2.40 -34.95
N PHE A 90 12.67 -3.70 -34.85
CA PHE A 90 13.60 -4.63 -34.22
C PHE A 90 14.84 -4.79 -35.09
N LYS A 91 14.64 -4.76 -36.40
CA LYS A 91 15.74 -4.89 -37.34
C LYS A 91 16.74 -3.78 -37.11
N ALA A 92 16.26 -2.63 -36.65
CA ALA A 92 17.14 -1.49 -36.39
C ALA A 92 17.66 -1.57 -34.95
N GLY A 93 17.56 -2.76 -34.37
CA GLY A 93 18.02 -3.00 -33.01
C GLY A 93 17.43 -2.07 -31.97
N LYS A 94 16.10 -2.00 -31.90
CA LYS A 94 15.45 -1.13 -30.93
C LYS A 94 14.22 -1.76 -30.29
N HIS A 95 14.08 -1.59 -28.98
CA HIS A 95 12.93 -2.14 -28.27
C HIS A 95 11.63 -1.55 -28.82
N VAL A 96 10.59 -2.36 -28.84
CA VAL A 96 9.31 -1.92 -29.39
C VAL A 96 8.15 -1.82 -28.39
N MET A 97 7.39 -0.74 -28.54
CA MET A 97 6.19 -0.44 -27.76
C MET A 97 5.11 -0.41 -28.85
N CYS A 98 4.26 -1.43 -28.86
CA CYS A 98 3.19 -1.48 -29.86
C CYS A 98 1.81 -1.37 -29.24
N GLU A 99 0.98 -0.49 -29.80
CA GLU A 99 -0.37 -0.29 -29.29
C GLU A 99 -1.24 -1.51 -29.56
N LYS A 100 -2.36 -1.58 -28.84
CA LYS A 100 -3.32 -2.66 -29.00
C LYS A 100 -4.22 -2.32 -30.15
N PRO A 101 -4.74 -3.33 -30.87
CA PRO A 101 -4.48 -4.77 -30.69
C PRO A 101 -3.08 -5.04 -31.22
N MET A 102 -2.41 -6.09 -30.72
CA MET A 102 -1.05 -6.39 -31.17
C MET A 102 -0.96 -6.36 -32.70
N ALA A 103 -1.85 -7.10 -33.35
CA ALA A 103 -1.90 -7.16 -34.80
C ALA A 103 -3.25 -7.68 -35.28
N THR A 104 -3.45 -7.70 -36.59
CA THR A 104 -4.70 -8.17 -37.16
C THR A 104 -4.64 -9.67 -37.50
N SER A 105 -3.62 -10.35 -36.97
CA SER A 105 -3.44 -11.78 -37.21
C SER A 105 -2.67 -12.43 -36.07
N VAL A 106 -2.92 -13.72 -35.87
CA VAL A 106 -2.23 -14.43 -34.81
C VAL A 106 -0.79 -14.65 -35.27
N ALA A 107 -0.68 -14.93 -36.57
CA ALA A 107 0.61 -15.16 -37.21
C ALA A 107 1.54 -13.97 -36.99
N ASP A 108 1.08 -12.80 -37.42
CA ASP A 108 1.87 -11.59 -37.27
C ASP A 108 2.26 -11.39 -35.82
N CYS A 109 1.40 -11.82 -34.91
CA CYS A 109 1.70 -11.68 -33.49
C CYS A 109 2.90 -12.54 -33.13
N GLN A 110 2.94 -13.74 -33.69
CA GLN A 110 4.04 -14.66 -33.45
C GLN A 110 5.30 -14.12 -34.13
N ARG A 111 5.12 -13.67 -35.36
CA ARG A 111 6.23 -13.13 -36.14
C ARG A 111 6.90 -11.99 -35.38
N MET A 112 6.09 -11.07 -34.85
CA MET A 112 6.61 -9.95 -34.10
C MET A 112 7.44 -10.41 -32.92
N ILE A 113 6.94 -11.40 -32.19
CA ILE A 113 7.67 -11.90 -31.04
C ILE A 113 8.99 -12.50 -31.51
N ASP A 114 8.95 -13.22 -32.63
CA ASP A 114 10.17 -13.82 -33.18
C ASP A 114 11.19 -12.70 -33.37
N ALA A 115 10.86 -11.79 -34.26
CA ALA A 115 11.71 -10.65 -34.57
C ALA A 115 12.31 -10.06 -33.29
N ALA A 116 11.49 -9.95 -32.27
CA ALA A 116 11.93 -9.41 -31.00
C ALA A 116 13.04 -10.27 -30.42
N LYS A 117 12.79 -11.56 -30.32
CA LYS A 117 13.76 -12.49 -29.77
C LYS A 117 15.05 -12.37 -30.56
N ALA A 118 14.92 -12.39 -31.88
CA ALA A 118 16.05 -12.26 -32.78
C ALA A 118 16.88 -11.06 -32.36
N ALA A 119 16.35 -9.88 -32.64
CA ALA A 119 17.03 -8.63 -32.31
C ALA A 119 17.40 -8.55 -30.83
N ASN A 120 17.00 -9.55 -30.04
CA ASN A 120 17.26 -9.57 -28.61
C ASN A 120 16.84 -8.23 -27.99
N LYS A 121 15.63 -7.79 -28.34
CA LYS A 121 15.05 -6.54 -27.84
C LYS A 121 13.65 -6.84 -27.31
N LYS A 122 13.17 -6.02 -26.38
CA LYS A 122 11.86 -6.22 -25.78
C LYS A 122 10.66 -5.75 -26.60
N LEU A 123 9.55 -6.49 -26.45
CA LEU A 123 8.30 -6.19 -27.14
C LEU A 123 7.19 -6.00 -26.10
N MET A 124 6.69 -4.76 -26.00
CA MET A 124 5.64 -4.45 -25.04
C MET A 124 4.41 -3.87 -25.72
N ILE A 125 3.23 -4.42 -25.39
CA ILE A 125 1.98 -3.96 -25.97
C ILE A 125 1.36 -2.89 -25.08
N GLY A 126 0.69 -1.92 -25.71
CA GLY A 126 0.11 -0.81 -24.99
C GLY A 126 -1.13 -1.00 -24.12
N TYR A 127 -1.02 -1.86 -23.11
CA TYR A 127 -2.14 -2.10 -22.21
C TYR A 127 -1.99 -1.16 -21.01
N ARG A 128 -2.25 0.12 -21.24
CA ARG A 128 -2.14 1.13 -20.19
C ARG A 128 -2.86 0.74 -18.93
N CYS A 129 -3.92 -0.07 -19.07
CA CYS A 129 -4.69 -0.47 -17.90
C CYS A 129 -3.84 -1.30 -16.94
N HIS A 130 -2.73 -1.83 -17.44
CA HIS A 130 -1.85 -2.63 -16.61
C HIS A 130 -0.94 -1.73 -15.80
N TYR A 131 -1.10 -0.41 -15.97
CA TYR A 131 -0.28 0.57 -15.26
C TYR A 131 -1.15 1.66 -14.65
N ASP A 132 -2.46 1.42 -14.66
CA ASP A 132 -3.43 2.34 -14.06
C ASP A 132 -3.58 1.94 -12.60
N PRO A 133 -3.22 2.84 -11.68
CA PRO A 133 -3.32 2.54 -10.26
C PRO A 133 -4.67 2.01 -9.83
N MET A 134 -5.73 2.57 -10.41
CA MET A 134 -7.08 2.17 -10.08
C MET A 134 -7.27 0.71 -10.42
N ASN A 135 -6.88 0.31 -11.62
CA ASN A 135 -7.06 -1.08 -11.98
C ASN A 135 -6.21 -1.97 -11.12
N ARG A 136 -4.98 -1.52 -10.84
CA ARG A 136 -4.11 -2.33 -10.03
C ARG A 136 -4.69 -2.51 -8.63
N ALA A 137 -5.36 -1.48 -8.16
CA ALA A 137 -5.98 -1.56 -6.84
C ALA A 137 -7.13 -2.58 -6.88
N ALA A 138 -7.88 -2.59 -7.98
CA ALA A 138 -8.98 -3.51 -8.11
C ALA A 138 -8.40 -4.89 -8.03
N VAL A 139 -7.36 -5.13 -8.81
CA VAL A 139 -6.70 -6.43 -8.83
C VAL A 139 -6.19 -6.85 -7.45
N LYS A 140 -5.59 -5.90 -6.74
CA LYS A 140 -5.07 -6.17 -5.41
C LYS A 140 -6.14 -6.69 -4.46
N LEU A 141 -7.25 -5.96 -4.33
CA LEU A 141 -8.33 -6.33 -3.44
C LEU A 141 -8.98 -7.67 -3.82
N ILE A 142 -8.92 -8.02 -5.09
CA ILE A 142 -9.51 -9.29 -5.50
C ILE A 142 -8.57 -10.41 -5.04
N ARG A 143 -7.26 -10.21 -5.24
CA ARG A 143 -6.27 -11.19 -4.83
C ARG A 143 -6.25 -11.33 -3.30
N GLU A 144 -6.57 -10.25 -2.59
CA GLU A 144 -6.61 -10.29 -1.14
C GLU A 144 -7.91 -10.95 -0.69
N ASN A 145 -8.62 -11.53 -1.65
CA ASN A 145 -9.88 -12.21 -1.37
C ASN A 145 -10.98 -11.37 -0.71
N GLN A 146 -11.13 -10.12 -1.14
CA GLN A 146 -12.16 -9.26 -0.55
C GLN A 146 -13.51 -9.49 -1.19
N LEU A 147 -13.51 -10.13 -2.36
CA LEU A 147 -14.75 -10.43 -3.04
C LEU A 147 -15.17 -11.87 -2.72
N GLY A 148 -14.21 -12.66 -2.20
CA GLY A 148 -14.49 -14.05 -1.92
C GLY A 148 -14.24 -14.81 -3.20
N LYS A 149 -14.92 -15.92 -3.42
CA LYS A 149 -14.72 -16.67 -4.64
C LYS A 149 -15.43 -16.01 -5.80
N LEU A 150 -14.68 -15.65 -6.82
CA LEU A 150 -15.22 -14.98 -7.99
C LEU A 150 -16.17 -15.88 -8.79
N GLY A 151 -17.33 -15.36 -9.18
CA GLY A 151 -18.27 -16.15 -9.94
C GLY A 151 -18.88 -15.53 -11.19
N MET A 152 -19.05 -14.20 -11.21
CA MET A 152 -19.62 -13.55 -12.38
C MET A 152 -19.02 -12.18 -12.68
N VAL A 153 -18.37 -12.10 -13.83
CA VAL A 153 -17.74 -10.87 -14.31
C VAL A 153 -18.63 -10.31 -15.40
N THR A 154 -18.76 -8.99 -15.44
CA THR A 154 -19.57 -8.36 -16.47
C THR A 154 -18.82 -7.15 -17.00
N THR A 155 -18.68 -7.07 -18.32
CA THR A 155 -18.00 -5.92 -18.92
C THR A 155 -18.77 -5.34 -20.08
N ASP A 156 -18.59 -4.04 -20.31
CA ASP A 156 -19.19 -3.29 -21.42
C ASP A 156 -18.22 -2.17 -21.79
N ASN A 157 -17.96 -2.02 -23.07
CA ASN A 157 -17.06 -1.00 -23.57
C ASN A 157 -17.65 -0.49 -24.86
N SER A 158 -18.05 0.79 -24.84
CA SER A 158 -18.68 1.37 -26.00
C SER A 158 -18.37 2.84 -26.21
N ASP A 159 -18.51 3.25 -27.46
CA ASP A 159 -18.32 4.63 -27.87
C ASP A 159 -18.80 4.78 -29.30
N VAL A 160 -19.53 5.86 -29.55
CA VAL A 160 -20.08 6.11 -30.89
C VAL A 160 -18.98 6.34 -31.94
N MET A 161 -19.00 5.52 -32.97
CA MET A 161 -18.04 5.60 -34.06
C MET A 161 -18.55 6.62 -35.08
N ASP A 162 -17.78 7.68 -35.27
CA ASP A 162 -18.12 8.74 -36.21
C ASP A 162 -18.61 8.17 -37.54
N GLN A 163 -19.67 8.75 -38.07
CA GLN A 163 -20.23 8.29 -39.35
C GLN A 163 -19.59 8.97 -40.56
N ASN A 164 -18.99 10.14 -40.33
CA ASN A 164 -18.33 10.91 -41.39
C ASN A 164 -17.59 10.04 -42.41
N ASP A 165 -18.24 9.76 -43.53
CA ASP A 165 -17.66 8.92 -44.58
C ASP A 165 -16.81 7.79 -44.00
N PRO A 166 -17.45 6.65 -43.68
CA PRO A 166 -16.75 5.49 -43.11
C PRO A 166 -15.55 5.02 -43.92
N ALA A 167 -15.43 5.54 -45.15
CA ALA A 167 -14.33 5.17 -46.03
C ALA A 167 -13.08 5.86 -45.51
N GLN A 168 -13.31 6.87 -44.67
CA GLN A 168 -12.22 7.63 -44.07
C GLN A 168 -11.61 6.88 -42.89
N GLN A 169 -12.45 6.51 -41.92
CA GLN A 169 -12.00 5.81 -40.73
C GLN A 169 -11.34 4.48 -41.00
N TRP A 170 -10.08 4.33 -40.60
CA TRP A 170 -9.38 3.08 -40.82
C TRP A 170 -9.96 1.98 -39.93
N ARG A 171 -10.72 2.38 -38.91
CA ARG A 171 -11.34 1.42 -38.00
C ARG A 171 -12.50 0.69 -38.66
N LEU A 172 -12.95 1.19 -39.82
CA LEU A 172 -14.05 0.57 -40.54
C LEU A 172 -13.63 -0.23 -41.75
N ARG A 173 -12.33 -0.49 -41.87
CA ARG A 173 -11.82 -1.29 -42.97
C ARG A 173 -11.27 -2.56 -42.33
N ARG A 174 -11.84 -3.70 -42.70
CA ARG A 174 -11.38 -4.97 -42.14
C ARG A 174 -9.88 -5.15 -42.35
N GLU A 175 -9.36 -4.62 -43.45
CA GLU A 175 -7.93 -4.73 -43.73
C GLU A 175 -7.01 -3.94 -42.77
N LEU A 176 -7.37 -2.70 -42.50
CA LEU A 176 -6.57 -1.86 -41.61
C LEU A 176 -6.89 -2.10 -40.14
N ALA A 177 -8.11 -2.55 -39.88
CA ALA A 177 -8.54 -2.76 -38.51
C ALA A 177 -8.39 -4.19 -37.98
N GLY A 178 -8.90 -5.16 -38.74
CA GLY A 178 -8.83 -6.54 -38.31
C GLY A 178 -10.15 -6.99 -37.68
N GLY A 179 -10.94 -6.02 -37.22
CA GLY A 179 -12.22 -6.30 -36.61
C GLY A 179 -12.98 -5.04 -36.21
N GLY A 180 -14.16 -5.21 -35.65
CA GLY A 180 -14.96 -4.07 -35.25
C GLY A 180 -14.71 -3.60 -33.83
N SER A 181 -15.78 -3.30 -33.11
CA SER A 181 -15.68 -2.82 -31.72
C SER A 181 -14.91 -3.78 -30.80
N LEU A 182 -14.95 -5.08 -31.09
CA LEU A 182 -14.22 -6.00 -30.24
C LEU A 182 -12.72 -5.73 -30.28
N MET A 183 -12.16 -5.71 -31.49
CA MET A 183 -10.73 -5.44 -31.70
C MET A 183 -10.33 -4.09 -31.15
N ASP A 184 -11.18 -3.11 -31.38
CA ASP A 184 -10.93 -1.74 -30.94
C ASP A 184 -11.07 -1.47 -29.44
N ILE A 185 -12.21 -1.86 -28.85
CA ILE A 185 -12.43 -1.58 -27.44
C ILE A 185 -12.91 -2.72 -26.55
N GLY A 186 -13.61 -3.69 -27.15
CA GLY A 186 -14.09 -4.82 -26.38
C GLY A 186 -12.90 -5.49 -25.73
N ILE A 187 -11.78 -5.44 -26.45
CA ILE A 187 -10.52 -6.00 -26.00
C ILE A 187 -10.24 -5.57 -24.55
N TYR A 188 -10.70 -4.39 -24.15
CA TYR A 188 -10.48 -3.94 -22.77
C TYR A 188 -11.26 -4.84 -21.83
N GLY A 189 -12.48 -5.19 -22.22
CA GLY A 189 -13.28 -6.04 -21.38
C GLY A 189 -12.71 -7.44 -21.33
N LEU A 190 -12.34 -7.94 -22.50
CA LEU A 190 -11.75 -9.26 -22.57
C LEU A 190 -10.48 -9.33 -21.71
N ASN A 191 -9.58 -8.39 -21.95
CA ASN A 191 -8.33 -8.31 -21.23
C ASN A 191 -8.53 -8.11 -19.74
N GLY A 192 -9.52 -7.30 -19.39
CA GLY A 192 -9.78 -7.03 -17.99
C GLY A 192 -10.35 -8.23 -17.27
N THR A 193 -11.25 -8.96 -17.92
CA THR A 193 -11.86 -10.14 -17.31
C THR A 193 -10.74 -11.08 -16.88
N ARG A 194 -9.75 -11.20 -17.76
CA ARG A 194 -8.60 -12.07 -17.55
C ARG A 194 -7.70 -11.63 -16.40
N TYR A 195 -7.31 -10.37 -16.35
CA TYR A 195 -6.45 -9.97 -15.25
C TYR A 195 -7.22 -9.70 -13.96
N LEU A 196 -8.52 -9.55 -14.06
CA LEU A 196 -9.31 -9.31 -12.87
C LEU A 196 -9.53 -10.69 -12.22
N LEU A 197 -9.82 -11.68 -13.04
CA LEU A 197 -10.02 -13.03 -12.55
C LEU A 197 -8.68 -13.72 -12.26
N GLY A 198 -7.63 -13.31 -12.98
CA GLY A 198 -6.32 -13.90 -12.81
C GLY A 198 -6.24 -15.29 -13.41
N GLU A 199 -6.89 -15.48 -14.55
CA GLU A 199 -6.91 -16.78 -15.20
C GLU A 199 -7.43 -16.65 -16.63
N GLU A 200 -7.33 -17.72 -17.40
CA GLU A 200 -7.74 -17.70 -18.79
C GLU A 200 -9.02 -18.46 -19.08
N PRO A 201 -9.79 -17.99 -20.07
CA PRO A 201 -11.04 -18.66 -20.43
C PRO A 201 -10.68 -19.96 -21.12
N ILE A 202 -11.39 -21.04 -20.78
CA ILE A 202 -11.11 -22.32 -21.41
C ILE A 202 -12.14 -22.60 -22.49
N GLU A 203 -13.25 -21.87 -22.43
CA GLU A 203 -14.35 -22.04 -23.37
C GLU A 203 -14.92 -20.66 -23.71
N VAL A 204 -15.39 -20.49 -24.95
CA VAL A 204 -15.92 -19.21 -25.37
C VAL A 204 -17.13 -19.27 -26.28
N ARG A 205 -18.09 -18.38 -26.06
CA ARG A 205 -19.31 -18.29 -26.87
C ARG A 205 -19.57 -16.82 -27.17
N ALA A 206 -20.15 -16.54 -28.33
CA ALA A 206 -20.43 -15.16 -28.67
C ALA A 206 -21.47 -15.03 -29.76
N TYR A 207 -21.94 -13.80 -29.94
CA TYR A 207 -22.92 -13.49 -30.95
C TYR A 207 -22.73 -12.04 -31.33
N THR A 208 -22.94 -11.73 -32.59
CA THR A 208 -22.77 -10.35 -33.04
C THR A 208 -23.91 -9.90 -33.94
N TYR A 209 -24.15 -8.60 -33.94
CA TYR A 209 -25.19 -8.03 -34.78
C TYR A 209 -24.87 -6.57 -35.05
N SER A 210 -25.03 -6.20 -36.31
CA SER A 210 -24.80 -4.82 -36.75
C SER A 210 -25.96 -4.49 -37.69
N ASP A 211 -26.47 -3.28 -37.62
CA ASP A 211 -27.56 -2.89 -38.52
C ASP A 211 -27.10 -3.02 -39.97
N PRO A 212 -27.84 -3.78 -40.78
CA PRO A 212 -27.51 -3.98 -42.19
C PRO A 212 -27.61 -2.72 -43.04
N ASN A 213 -28.26 -1.69 -42.50
CA ASN A 213 -28.42 -0.43 -43.21
C ASN A 213 -27.49 0.67 -42.73
N ASP A 214 -26.53 0.32 -41.90
CA ASP A 214 -25.58 1.31 -41.39
C ASP A 214 -24.26 1.20 -42.15
N GLU A 215 -23.96 2.25 -42.93
CA GLU A 215 -22.75 2.31 -43.75
C GLU A 215 -21.47 2.02 -43.00
N ARG A 216 -21.48 2.26 -41.70
CA ARG A 216 -20.29 2.04 -40.88
C ARG A 216 -19.84 0.61 -40.70
N PHE A 217 -20.81 -0.29 -40.56
CA PHE A 217 -20.49 -1.67 -40.28
C PHE A 217 -20.65 -2.62 -41.45
N VAL A 218 -20.02 -2.27 -42.55
CA VAL A 218 -20.09 -3.09 -43.74
C VAL A 218 -18.95 -4.10 -43.72
N GLU A 219 -17.87 -3.76 -43.04
CA GLU A 219 -16.71 -4.65 -42.95
C GLU A 219 -16.43 -5.09 -41.52
N VAL A 220 -16.60 -4.19 -40.57
CA VAL A 220 -16.35 -4.49 -39.16
C VAL A 220 -17.66 -4.44 -38.37
N GLU A 221 -17.77 -5.31 -37.37
CA GLU A 221 -18.97 -5.37 -36.55
C GLU A 221 -19.18 -4.17 -35.64
N ASP A 222 -20.45 -3.86 -35.39
CA ASP A 222 -20.82 -2.75 -34.52
C ASP A 222 -20.91 -3.21 -33.07
N ARG A 223 -21.75 -4.21 -32.84
CA ARG A 223 -21.95 -4.74 -31.50
C ARG A 223 -21.75 -6.26 -31.46
N ILE A 224 -21.07 -6.70 -30.42
CA ILE A 224 -20.81 -8.12 -30.24
C ILE A 224 -20.76 -8.47 -28.75
N ILE A 225 -21.49 -9.54 -28.42
CA ILE A 225 -21.60 -10.03 -27.06
C ILE A 225 -20.88 -11.37 -26.92
N TRP A 226 -20.03 -11.48 -25.92
CA TRP A 226 -19.33 -12.74 -25.71
C TRP A 226 -19.46 -13.23 -24.26
N GLN A 227 -19.51 -14.54 -24.12
CA GLN A 227 -19.62 -15.20 -22.82
C GLN A 227 -18.48 -16.18 -22.69
N MET A 228 -17.84 -16.19 -21.53
CA MET A 228 -16.72 -17.10 -21.32
C MET A 228 -16.81 -17.85 -20.00
N ARG A 229 -16.13 -18.99 -19.95
CA ARG A 229 -16.08 -19.81 -18.75
C ARG A 229 -14.63 -20.08 -18.42
N PHE A 230 -14.32 -20.10 -17.13
CA PHE A 230 -12.95 -20.35 -16.69
C PHE A 230 -12.83 -21.66 -15.91
N ARG A 231 -11.60 -22.06 -15.64
CA ARG A 231 -11.34 -23.30 -14.92
C ARG A 231 -11.93 -23.27 -13.51
N SER A 232 -11.80 -22.12 -12.85
CA SER A 232 -12.30 -21.97 -11.50
C SER A 232 -13.83 -22.04 -11.44
N GLY A 233 -14.46 -22.10 -12.62
CA GLY A 233 -15.91 -22.15 -12.68
C GLY A 233 -16.52 -20.76 -12.77
N ALA A 234 -15.66 -19.75 -12.81
CA ALA A 234 -16.16 -18.38 -12.91
C ALA A 234 -16.74 -18.19 -14.32
N LEU A 235 -17.64 -17.24 -14.42
CA LEU A 235 -18.28 -16.95 -15.70
C LEU A 235 -18.21 -15.45 -16.03
N SER A 236 -18.44 -15.14 -17.29
CA SER A 236 -18.41 -13.76 -17.68
C SER A 236 -19.29 -13.51 -18.89
N HIS A 237 -19.80 -12.28 -18.97
CA HIS A 237 -20.59 -11.88 -20.13
C HIS A 237 -20.26 -10.41 -20.35
N GLY A 238 -19.80 -10.13 -21.57
CA GLY A 238 -19.43 -8.79 -21.92
C GLY A 238 -19.81 -8.44 -23.34
N ALA A 239 -19.68 -7.15 -23.65
CA ALA A 239 -20.00 -6.68 -24.98
C ALA A 239 -19.26 -5.38 -25.32
N SER A 240 -19.18 -5.11 -26.61
CA SER A 240 -18.55 -3.89 -27.09
C SER A 240 -19.53 -3.33 -28.14
N SER A 241 -19.60 -2.01 -28.23
CA SER A 241 -20.52 -1.37 -29.16
C SER A 241 -19.91 -0.13 -29.84
N TYR A 242 -20.24 0.03 -31.11
CA TYR A 242 -19.76 1.17 -31.89
C TYR A 242 -20.87 2.19 -32.13
N SER A 243 -22.09 1.87 -31.69
CA SER A 243 -23.22 2.77 -31.91
C SER A 243 -23.89 3.35 -30.68
N THR A 244 -23.25 3.23 -29.52
CA THR A 244 -23.83 3.78 -28.29
C THR A 244 -22.74 4.54 -27.57
N THR A 245 -23.09 5.61 -26.86
CA THR A 245 -22.07 6.42 -26.19
C THR A 245 -21.18 5.77 -25.17
N THR A 246 -20.20 6.56 -24.76
CA THR A 246 -19.17 6.16 -23.82
C THR A 246 -19.58 5.30 -22.65
N THR A 247 -19.08 4.07 -22.69
CA THR A 247 -19.33 3.10 -21.66
C THR A 247 -18.05 2.33 -21.35
N SER A 248 -17.61 2.40 -20.10
CA SER A 248 -16.44 1.67 -19.65
C SER A 248 -16.84 1.16 -18.28
N ARG A 249 -17.50 0.00 -18.25
CA ARG A 249 -17.99 -0.53 -16.98
C ARG A 249 -17.74 -2.03 -16.74
N PHE A 250 -17.02 -2.32 -15.68
CA PHE A 250 -16.71 -3.71 -15.24
C PHE A 250 -17.31 -4.00 -13.85
N SER A 251 -17.82 -5.21 -13.68
CA SER A 251 -18.36 -5.62 -12.38
C SER A 251 -17.83 -7.04 -12.14
N VAL A 252 -17.37 -7.29 -10.92
CA VAL A 252 -16.85 -8.60 -10.55
C VAL A 252 -17.61 -9.06 -9.31
N GLN A 253 -18.33 -10.18 -9.43
CA GLN A 253 -19.11 -10.72 -8.31
C GLN A 253 -18.45 -11.88 -7.59
N GLY A 254 -18.30 -11.75 -6.28
CA GLY A 254 -17.74 -12.84 -5.51
C GLY A 254 -18.84 -13.31 -4.57
N ASP A 255 -18.54 -14.27 -3.71
CA ASP A 255 -19.57 -14.72 -2.78
C ASP A 255 -19.55 -13.79 -1.57
N LYS A 256 -18.46 -13.04 -1.40
CA LYS A 256 -18.34 -12.12 -0.27
C LYS A 256 -18.83 -10.73 -0.64
N ALA A 257 -18.41 -10.25 -1.80
CA ALA A 257 -18.81 -8.92 -2.22
C ALA A 257 -18.72 -8.73 -3.72
N VAL A 258 -19.15 -7.56 -4.17
CA VAL A 258 -19.13 -7.22 -5.58
C VAL A 258 -18.31 -5.96 -5.87
N LEU A 259 -17.42 -6.07 -6.84
CA LEU A 259 -16.59 -4.94 -7.26
C LEU A 259 -17.20 -4.22 -8.48
N LEU A 260 -17.23 -2.89 -8.43
CA LEU A 260 -17.74 -2.12 -9.56
C LEU A 260 -16.72 -1.07 -10.03
N MET A 261 -16.30 -1.17 -11.29
CA MET A 261 -15.35 -0.23 -11.89
C MET A 261 -16.08 0.55 -12.96
N ASP A 262 -16.36 1.82 -12.67
CA ASP A 262 -17.09 2.68 -13.60
C ASP A 262 -16.80 4.16 -13.34
N PRO A 263 -16.00 4.80 -14.21
CA PRO A 263 -15.36 4.21 -15.39
C PRO A 263 -14.22 3.25 -15.01
N ALA A 264 -14.09 2.21 -15.82
CA ALA A 264 -13.11 1.14 -15.66
C ALA A 264 -11.80 1.33 -16.41
N THR A 265 -11.87 1.77 -17.65
CA THR A 265 -10.69 1.92 -18.46
C THR A 265 -10.63 3.26 -19.16
N GLY A 266 -10.96 4.33 -18.45
CA GLY A 266 -10.92 5.63 -19.09
C GLY A 266 -9.55 6.29 -19.08
N TYR A 267 -9.42 7.41 -19.79
CA TYR A 267 -8.16 8.15 -19.87
C TYR A 267 -7.87 8.86 -18.56
N TYR A 268 -8.92 9.42 -17.95
CA TYR A 268 -8.78 10.14 -16.70
C TYR A 268 -9.52 9.44 -15.59
N GLN A 269 -9.12 9.74 -14.36
CA GLN A 269 -9.68 9.16 -13.13
C GLN A 269 -10.76 8.09 -13.20
N ASN A 270 -10.34 6.83 -13.15
CA ASN A 270 -11.26 5.70 -13.16
C ASN A 270 -11.79 5.52 -11.72
N LEU A 271 -12.97 4.93 -11.58
CA LEU A 271 -13.58 4.74 -10.24
C LEU A 271 -13.95 3.29 -9.94
N ILE A 272 -13.61 2.85 -8.73
CA ILE A 272 -13.93 1.50 -8.32
C ILE A 272 -14.57 1.51 -6.95
N SER A 273 -15.54 0.62 -6.74
CA SER A 273 -16.20 0.55 -5.46
C SER A 273 -16.57 -0.89 -5.16
N VAL A 274 -16.72 -1.16 -3.88
CA VAL A 274 -17.07 -2.50 -3.43
C VAL A 274 -18.39 -2.50 -2.66
N GLN A 275 -19.25 -3.45 -2.97
CA GLN A 275 -20.54 -3.56 -2.29
C GLN A 275 -20.59 -4.90 -1.58
N THR A 276 -20.73 -4.87 -0.27
CA THR A 276 -20.80 -6.12 0.48
C THR A 276 -22.09 -6.03 1.26
N PRO A 277 -22.91 -7.09 1.23
CA PRO A 277 -24.19 -7.12 1.93
C PRO A 277 -24.07 -6.66 3.39
N MET A 290 -4.13 9.49 -8.21
CA MET A 290 -3.34 8.23 -8.30
C MET A 290 -1.88 8.56 -8.07
N PRO A 291 -1.44 8.62 -6.79
CA PRO A 291 -0.05 8.95 -6.46
C PRO A 291 1.00 8.77 -7.56
N ALA A 292 1.44 9.90 -8.10
CA ALA A 292 2.46 10.02 -9.16
C ALA A 292 2.58 8.85 -10.14
N ASN A 293 1.45 8.24 -10.53
CA ASN A 293 1.51 7.12 -11.46
C ASN A 293 0.37 6.99 -12.46
N ASN A 294 0.07 8.05 -13.19
CA ASN A 294 -0.98 7.94 -14.20
C ASN A 294 -0.54 6.88 -15.21
N GLN A 295 -1.50 6.07 -15.65
CA GLN A 295 -1.26 4.99 -16.59
C GLN A 295 -0.26 5.32 -17.73
N PHE A 296 -0.52 6.40 -18.46
CA PHE A 296 0.32 6.79 -19.58
C PHE A 296 1.79 6.88 -19.21
N SER A 297 2.11 7.72 -18.25
CA SER A 297 3.49 7.85 -17.81
C SER A 297 4.03 6.48 -17.41
N ALA A 298 3.42 5.90 -16.38
CA ALA A 298 3.81 4.60 -15.87
C ALA A 298 4.01 3.55 -16.95
N GLN A 299 3.27 3.68 -18.04
CA GLN A 299 3.40 2.72 -19.13
C GLN A 299 4.74 2.95 -19.83
N LEU A 300 5.00 4.20 -20.19
CA LEU A 300 6.23 4.59 -20.87
C LEU A 300 7.45 4.25 -20.02
N ASP A 301 7.45 4.72 -18.78
CA ASP A 301 8.57 4.45 -17.91
C ASP A 301 8.72 2.97 -17.57
N HIS A 302 7.70 2.20 -17.87
CA HIS A 302 7.77 0.78 -17.54
C HIS A 302 8.65 0.03 -18.54
N LEU A 303 8.61 0.44 -19.80
CA LEU A 303 9.43 -0.21 -20.81
C LEU A 303 10.88 0.18 -20.57
N ALA A 304 11.09 1.43 -20.21
CA ALA A 304 12.41 1.95 -19.94
C ALA A 304 13.08 1.09 -18.87
N GLU A 305 12.55 1.17 -17.66
CA GLU A 305 13.08 0.41 -16.54
C GLU A 305 13.31 -1.06 -16.87
N ALA A 306 12.38 -1.67 -17.58
CA ALA A 306 12.53 -3.08 -17.92
C ALA A 306 13.89 -3.28 -18.59
N VAL A 307 14.20 -2.40 -19.54
CA VAL A 307 15.46 -2.45 -20.26
C VAL A 307 16.60 -2.15 -19.30
N ILE A 308 16.50 -1.02 -18.62
CA ILE A 308 17.50 -0.60 -17.65
C ILE A 308 17.76 -1.65 -16.57
N ASN A 309 17.04 -2.77 -16.60
CA ASN A 309 17.23 -3.80 -15.59
C ASN A 309 17.15 -5.21 -16.15
N ASN A 310 17.12 -5.32 -17.47
CA ASN A 310 17.03 -6.63 -18.14
C ASN A 310 15.84 -7.45 -17.65
N LYS A 311 14.97 -6.81 -16.87
CA LYS A 311 13.78 -7.49 -16.36
C LYS A 311 12.70 -7.54 -17.43
N PRO A 312 11.84 -8.57 -17.38
CA PRO A 312 10.76 -8.73 -18.36
C PRO A 312 9.69 -7.67 -18.17
N VAL A 313 9.07 -7.25 -19.27
CA VAL A 313 8.01 -6.26 -19.18
C VAL A 313 6.69 -6.94 -18.80
N ARG A 314 5.82 -6.20 -18.12
CA ARG A 314 4.53 -6.76 -17.69
C ARG A 314 3.56 -7.10 -18.82
N SER A 315 3.62 -6.32 -19.89
CA SER A 315 2.73 -6.57 -21.01
C SER A 315 3.51 -6.95 -22.27
N PRO A 316 3.97 -8.21 -22.33
CA PRO A 316 4.74 -8.74 -23.46
C PRO A 316 3.87 -9.02 -24.69
N GLY A 317 4.52 -9.28 -25.81
CA GLY A 317 3.80 -9.57 -27.03
C GLY A 317 3.11 -10.91 -26.95
N GLU A 318 3.47 -11.70 -25.94
CA GLU A 318 2.86 -13.01 -25.77
C GLU A 318 1.45 -12.80 -25.26
N GLU A 319 1.30 -11.77 -24.42
CA GLU A 319 0.02 -11.39 -23.83
C GLU A 319 -0.85 -10.76 -24.92
N GLY A 320 -0.24 -9.96 -25.77
CA GLY A 320 -0.99 -9.32 -26.83
C GLY A 320 -1.48 -10.36 -27.81
N MET A 321 -0.73 -11.44 -27.93
CA MET A 321 -1.09 -12.50 -28.85
C MET A 321 -2.26 -13.29 -28.27
N GLN A 322 -2.19 -13.59 -26.97
CA GLN A 322 -3.26 -14.32 -26.30
C GLN A 322 -4.61 -13.65 -26.56
N ASP A 323 -4.66 -12.32 -26.42
CA ASP A 323 -5.89 -11.57 -26.66
C ASP A 323 -6.33 -11.73 -28.10
N VAL A 324 -5.42 -11.48 -29.03
CA VAL A 324 -5.72 -11.60 -30.44
C VAL A 324 -6.27 -12.99 -30.76
N ARG A 325 -5.65 -14.01 -30.19
CA ARG A 325 -6.08 -15.38 -30.42
C ARG A 325 -7.49 -15.60 -29.84
N LEU A 326 -7.73 -15.05 -28.66
CA LEU A 326 -9.03 -15.17 -28.02
C LEU A 326 -10.05 -14.44 -28.89
N ILE A 327 -9.69 -13.25 -29.36
CA ILE A 327 -10.56 -12.43 -30.20
C ILE A 327 -10.94 -13.17 -31.48
N GLN A 328 -10.06 -14.05 -31.93
CA GLN A 328 -10.33 -14.83 -33.13
C GLN A 328 -11.38 -15.86 -32.75
N ALA A 329 -11.11 -16.58 -31.65
CA ALA A 329 -12.01 -17.59 -31.15
C ALA A 329 -13.42 -17.01 -30.99
N ILE A 330 -13.50 -15.83 -30.38
CA ILE A 330 -14.76 -15.17 -30.15
C ILE A 330 -15.47 -14.86 -31.47
N TYR A 331 -14.71 -14.40 -32.46
CA TYR A 331 -15.32 -14.12 -33.76
C TYR A 331 -15.77 -15.44 -34.40
N GLU A 332 -14.99 -16.48 -34.18
CA GLU A 332 -15.31 -17.79 -34.75
C GLU A 332 -16.64 -18.24 -34.18
N ALA A 333 -16.77 -18.16 -32.85
CA ALA A 333 -17.97 -18.55 -32.15
C ALA A 333 -19.18 -17.78 -32.66
N ALA A 334 -19.02 -16.47 -32.78
CA ALA A 334 -20.10 -15.64 -33.27
C ALA A 334 -20.51 -16.05 -34.67
N ARG A 335 -19.52 -16.49 -35.46
CA ARG A 335 -19.75 -16.91 -36.82
C ARG A 335 -20.46 -18.27 -36.91
N THR A 336 -19.99 -19.22 -36.13
CA THR A 336 -20.55 -20.57 -36.13
C THR A 336 -21.78 -20.74 -35.25
N GLY A 337 -21.82 -19.97 -34.17
CA GLY A 337 -22.92 -20.09 -33.24
C GLY A 337 -22.63 -21.17 -32.20
N ARG A 338 -21.44 -21.77 -32.29
CA ARG A 338 -21.07 -22.83 -31.33
C ARG A 338 -20.04 -22.37 -30.31
N PRO A 339 -19.94 -23.09 -29.20
CA PRO A 339 -18.90 -22.58 -28.31
C PRO A 339 -17.58 -22.96 -28.98
N VAL A 340 -16.50 -22.35 -28.54
CA VAL A 340 -15.19 -22.60 -29.08
C VAL A 340 -14.23 -22.82 -27.93
N ASN A 341 -13.51 -23.93 -28.00
CA ASN A 341 -12.55 -24.29 -26.97
C ASN A 341 -11.38 -23.34 -27.11
N THR A 342 -10.89 -22.83 -25.98
CA THR A 342 -9.78 -21.90 -25.99
C THR A 342 -8.78 -22.33 -24.94
N ASP A 343 -8.98 -23.53 -24.42
CA ASP A 343 -8.12 -24.10 -23.41
C ASP A 343 -6.80 -24.59 -24.06
N TRP A 344 -5.95 -23.66 -24.45
CA TRP A 344 -4.69 -24.01 -25.11
C TRP A 344 -3.45 -23.72 -24.28
N GLY A 345 -3.53 -23.96 -22.98
CA GLY A 345 -2.39 -23.76 -22.11
C GLY A 345 -1.65 -22.43 -22.03
N TYR A 346 -2.22 -21.33 -22.52
CA TYR A 346 -1.52 -20.06 -22.40
C TYR A 346 -1.21 -19.80 -20.93
N VAL A 347 -0.13 -19.06 -20.66
CA VAL A 347 0.23 -18.77 -19.27
C VAL A 347 0.85 -17.39 -19.11
N ARG A 348 0.26 -16.58 -18.23
CA ARG A 348 0.74 -15.24 -17.98
C ARG A 348 2.08 -15.23 -17.31
N GLN A 349 3.11 -14.89 -18.08
CA GLN A 349 4.46 -14.81 -17.54
C GLN A 349 4.47 -13.57 -16.65
N GLY A 350 4.70 -13.78 -15.36
CA GLY A 350 4.75 -12.66 -14.42
C GLY A 350 3.49 -12.37 -13.62
N GLY A 351 2.38 -12.91 -14.09
CA GLY A 351 1.13 -12.68 -13.41
C GLY A 351 0.19 -11.81 -14.21
N TYR A 352 -0.83 -11.26 -13.56
CA TYR A 352 -1.80 -10.40 -14.21
C TYR A 352 -1.77 -8.99 -13.66
N ARG B 1 44.92 7.90 -17.45
CA ARG B 1 45.27 7.77 -18.89
C ARG B 1 45.52 9.13 -19.56
N ARG B 2 44.93 10.19 -19.00
CA ARG B 2 45.12 11.54 -19.56
C ARG B 2 45.11 12.66 -18.52
N PHE B 3 44.56 12.38 -17.34
CA PHE B 3 44.51 13.39 -16.30
C PHE B 3 45.67 13.12 -15.33
N GLY B 4 46.68 13.98 -15.38
CA GLY B 4 47.84 13.83 -14.52
C GLY B 4 47.64 14.41 -13.13
N TYR B 5 47.99 13.63 -12.12
CA TYR B 5 47.84 14.04 -10.73
C TYR B 5 49.18 14.27 -10.06
N ALA B 6 49.23 15.30 -9.22
CA ALA B 6 50.43 15.64 -8.46
C ALA B 6 50.06 15.42 -7.01
N ILE B 7 50.52 14.30 -6.44
CA ILE B 7 50.22 13.96 -5.05
C ILE B 7 51.11 14.69 -4.05
N VAL B 8 50.48 15.55 -3.25
CA VAL B 8 51.19 16.32 -2.23
C VAL B 8 50.97 15.76 -0.82
N GLY B 9 52.01 15.10 -0.29
CA GLY B 9 51.92 14.51 1.04
C GLY B 9 51.90 13.00 0.98
N LEU B 10 53.07 12.38 0.94
CA LEU B 10 53.15 10.93 0.88
C LEU B 10 53.07 10.37 2.29
N GLY B 11 51.91 10.50 2.90
CA GLY B 11 51.70 9.99 4.25
C GLY B 11 50.96 8.66 4.27
N LYS B 12 50.33 8.39 5.40
CA LYS B 12 49.59 7.14 5.59
C LYS B 12 48.43 6.97 4.61
N TYR B 13 47.60 8.01 4.47
CA TYR B 13 46.46 7.93 3.56
C TYR B 13 46.88 7.89 2.10
N ALA B 14 47.93 8.62 1.75
CA ALA B 14 48.41 8.63 0.38
C ALA B 14 49.00 7.29 0.02
N LEU B 15 49.92 6.80 0.86
CA LEU B 15 50.58 5.54 0.62
C LEU B 15 49.68 4.33 0.75
N ASN B 16 48.80 4.34 1.75
CA ASN B 16 47.91 3.22 1.96
C ASN B 16 46.63 3.16 1.14
N GLN B 17 46.01 4.30 0.89
CA GLN B 17 44.75 4.26 0.15
C GLN B 17 44.79 4.89 -1.23
N ILE B 18 45.25 6.13 -1.30
CA ILE B 18 45.28 6.88 -2.56
C ILE B 18 46.17 6.39 -3.68
N LEU B 19 47.46 6.21 -3.43
CA LEU B 19 48.33 5.75 -4.50
C LEU B 19 47.82 4.44 -5.07
N PRO B 20 47.56 3.44 -4.20
CA PRO B 20 47.06 2.17 -4.74
C PRO B 20 45.72 2.37 -5.45
N GLY B 21 44.97 3.38 -5.03
CA GLY B 21 43.68 3.66 -5.62
C GLY B 21 43.75 3.91 -7.11
N PHE B 22 44.85 4.49 -7.55
CA PHE B 22 45.03 4.80 -8.97
C PHE B 22 44.91 3.58 -9.87
N ALA B 23 45.28 2.42 -9.34
CA ALA B 23 45.22 1.17 -10.10
C ALA B 23 43.88 0.96 -10.80
N GLY B 24 42.81 1.42 -10.18
CA GLY B 24 41.51 1.23 -10.78
C GLY B 24 41.00 2.36 -11.64
N CYS B 25 41.70 3.49 -11.63
CA CYS B 25 41.28 4.64 -12.41
C CYS B 25 41.25 4.31 -13.90
N GLN B 26 40.57 5.15 -14.68
CA GLN B 26 40.45 4.97 -16.11
C GLN B 26 40.67 6.29 -16.84
N HIS B 27 41.29 7.24 -16.15
CA HIS B 27 41.56 8.56 -16.72
C HIS B 27 42.72 9.18 -15.94
N SER B 28 42.74 8.93 -14.64
CA SER B 28 43.76 9.49 -13.79
C SER B 28 45.04 8.68 -13.82
N ARG B 29 46.13 9.33 -13.44
CA ARG B 29 47.45 8.72 -13.40
C ARG B 29 48.31 9.54 -12.45
N ILE B 30 49.28 8.88 -11.82
CA ILE B 30 50.19 9.55 -10.90
C ILE B 30 51.29 10.17 -11.75
N GLU B 31 51.25 11.48 -11.93
CA GLU B 31 52.26 12.14 -12.75
C GLU B 31 53.45 12.63 -11.93
N ALA B 32 53.18 13.20 -10.76
CA ALA B 32 54.23 13.73 -9.92
C ALA B 32 53.98 13.51 -8.43
N LEU B 33 55.06 13.56 -7.66
CA LEU B 33 55.01 13.39 -6.21
C LEU B 33 55.56 14.65 -5.56
N VAL B 34 55.17 14.89 -4.32
CA VAL B 34 55.64 16.06 -3.56
C VAL B 34 55.78 15.65 -2.11
N ASP B 35 56.88 16.01 -1.47
CA ASP B 35 57.07 15.64 -0.07
C ASP B 35 58.37 16.17 0.51
N GLY B 36 58.34 16.46 1.81
CA GLY B 36 59.52 16.96 2.48
C GLY B 36 60.53 15.85 2.72
N ASN B 37 60.58 14.91 1.79
CA ASN B 37 61.51 13.80 1.90
C ASN B 37 61.70 13.12 0.54
N ALA B 38 62.88 13.32 -0.04
CA ALA B 38 63.24 12.74 -1.34
C ALA B 38 63.49 11.23 -1.29
N GLU B 39 64.25 10.78 -0.30
CA GLU B 39 64.57 9.37 -0.17
C GLU B 39 63.26 8.56 -0.28
N LYS B 40 62.32 8.85 0.60
CA LYS B 40 61.05 8.15 0.58
C LYS B 40 60.36 8.36 -0.78
N ALA B 41 60.25 9.63 -1.19
CA ALA B 41 59.61 9.97 -2.46
C ALA B 41 60.22 9.20 -3.60
N LYS B 42 61.54 9.01 -3.53
CA LYS B 42 62.26 8.24 -4.53
C LYS B 42 61.71 6.82 -4.52
N ILE B 43 61.83 6.16 -3.38
CA ILE B 43 61.34 4.79 -3.25
C ILE B 43 59.92 4.70 -3.78
N VAL B 44 59.13 5.72 -3.45
CA VAL B 44 57.74 5.79 -3.88
C VAL B 44 57.63 5.92 -5.40
N ALA B 45 58.32 6.92 -5.96
CA ALA B 45 58.32 7.16 -7.40
C ALA B 45 58.64 5.88 -8.16
N ALA B 46 59.67 5.19 -7.69
CA ALA B 46 60.08 3.94 -8.32
C ALA B 46 58.88 3.02 -8.24
N GLU B 47 58.49 2.73 -7.00
CA GLU B 47 57.38 1.87 -6.68
C GLU B 47 56.18 2.01 -7.61
N TYR B 48 55.73 3.24 -7.85
CA TYR B 48 54.58 3.44 -8.72
C TYR B 48 54.90 3.82 -10.16
N GLY B 49 56.17 3.74 -10.53
CA GLY B 49 56.58 4.07 -11.89
C GLY B 49 56.45 5.52 -12.30
N VAL B 50 57.06 6.42 -11.53
CA VAL B 50 57.04 7.84 -11.84
C VAL B 50 58.50 8.28 -12.00
N ASP B 51 58.82 8.95 -13.10
CA ASP B 51 60.20 9.39 -13.32
C ASP B 51 60.61 10.31 -12.18
N PRO B 52 61.68 9.93 -11.45
CA PRO B 52 62.19 10.72 -10.32
C PRO B 52 62.47 12.17 -10.69
N ARG B 53 62.25 12.50 -11.95
CA ARG B 53 62.45 13.86 -12.44
C ARG B 53 61.31 14.75 -11.99
N LYS B 54 60.24 14.13 -11.50
CA LYS B 54 59.07 14.89 -11.07
C LYS B 54 58.81 14.86 -9.56
N ILE B 55 59.88 14.71 -8.78
CA ILE B 55 59.79 14.69 -7.32
C ILE B 55 60.09 16.09 -6.79
N TYR B 56 59.06 16.81 -6.35
CA TYR B 56 59.23 18.16 -5.83
C TYR B 56 59.22 18.15 -4.30
N ASP B 57 59.23 19.34 -3.72
CA ASP B 57 59.16 19.50 -2.27
C ASP B 57 58.39 20.78 -1.98
N TYR B 58 58.28 21.14 -0.71
CA TYR B 58 57.51 22.32 -0.35
C TYR B 58 58.15 23.67 -0.72
N SER B 59 59.35 23.63 -1.29
CA SER B 59 60.05 24.84 -1.70
C SER B 59 59.78 25.11 -3.18
N ASN B 60 60.16 24.14 -4.00
CA ASN B 60 59.99 24.23 -5.44
C ASN B 60 58.64 23.68 -5.88
N PHE B 61 57.68 23.70 -4.98
CA PHE B 61 56.34 23.20 -5.30
C PHE B 61 55.78 23.93 -6.51
N ASP B 62 55.80 25.26 -6.44
CA ASP B 62 55.28 26.11 -7.50
C ASP B 62 55.84 25.74 -8.88
N LYS B 63 56.96 25.01 -8.88
CA LYS B 63 57.59 24.60 -10.11
C LYS B 63 56.64 23.80 -11.00
N ILE B 64 55.65 23.16 -10.38
CA ILE B 64 54.71 22.36 -11.14
C ILE B 64 54.03 23.14 -12.28
N ALA B 65 53.94 24.46 -12.12
CA ALA B 65 53.32 25.30 -13.13
C ALA B 65 53.92 25.10 -14.53
N LYS B 66 55.18 24.67 -14.58
CA LYS B 66 55.88 24.45 -15.85
C LYS B 66 55.69 23.05 -16.44
N ASP B 67 54.86 22.23 -15.82
CA ASP B 67 54.62 20.88 -16.32
C ASP B 67 53.15 20.75 -16.69
N PRO B 68 52.80 21.05 -17.95
CA PRO B 68 51.41 20.95 -18.39
C PRO B 68 50.93 19.50 -18.38
N LYS B 69 51.87 18.58 -18.13
CA LYS B 69 51.58 17.16 -18.08
C LYS B 69 51.06 16.79 -16.66
N ILE B 70 50.83 17.84 -15.87
CA ILE B 70 50.33 17.72 -14.50
C ILE B 70 49.02 18.51 -14.42
N ASP B 71 47.90 17.82 -14.70
CA ASP B 71 46.58 18.43 -14.70
C ASP B 71 46.11 18.93 -13.34
N ALA B 72 46.38 18.13 -12.31
CA ALA B 72 45.95 18.51 -10.98
C ALA B 72 46.86 18.05 -9.86
N VAL B 73 46.68 18.68 -8.71
CA VAL B 73 47.43 18.37 -7.51
C VAL B 73 46.43 17.80 -6.48
N TYR B 74 46.92 16.93 -5.59
CA TYR B 74 46.08 16.33 -4.55
C TYR B 74 46.74 16.58 -3.20
N ILE B 75 46.20 17.53 -2.43
CA ILE B 75 46.77 17.84 -1.13
C ILE B 75 46.34 16.77 -0.13
N ILE B 76 47.32 16.27 0.61
CA ILE B 76 47.09 15.24 1.61
C ILE B 76 48.03 15.55 2.76
N LEU B 77 47.97 16.79 3.22
CA LEU B 77 48.82 17.24 4.31
C LEU B 77 47.94 17.60 5.50
N PRO B 78 48.56 17.87 6.66
CA PRO B 78 47.76 18.25 7.82
C PRO B 78 46.77 19.34 7.42
N ASN B 79 45.65 19.40 8.12
CA ASN B 79 44.61 20.37 7.81
C ASN B 79 45.00 21.83 7.67
N SER B 80 45.91 22.31 8.49
CA SER B 80 46.32 23.70 8.42
C SER B 80 47.02 24.07 7.11
N LEU B 81 47.76 23.14 6.54
CA LEU B 81 48.47 23.40 5.30
C LEU B 81 47.57 23.31 4.06
N HIS B 82 46.31 22.94 4.26
CA HIS B 82 45.40 22.80 3.12
C HIS B 82 45.24 24.03 2.28
N ALA B 83 44.83 25.14 2.90
CA ALA B 83 44.63 26.37 2.15
C ALA B 83 45.91 26.88 1.46
N GLU B 84 47.03 26.84 2.18
CA GLU B 84 48.30 27.31 1.63
C GLU B 84 48.61 26.72 0.26
N PHE B 85 48.72 25.39 0.20
CA PHE B 85 49.05 24.71 -1.05
C PHE B 85 47.90 24.65 -2.03
N ALA B 86 46.69 24.88 -1.55
CA ALA B 86 45.53 24.85 -2.42
C ALA B 86 45.60 26.05 -3.34
N ILE B 87 45.86 27.22 -2.74
CA ILE B 87 45.96 28.47 -3.48
C ILE B 87 47.22 28.46 -4.38
N ARG B 88 48.37 28.13 -3.81
CA ARG B 88 49.59 28.07 -4.59
C ARG B 88 49.38 27.13 -5.77
N ALA B 89 48.63 26.07 -5.54
CA ALA B 89 48.34 25.10 -6.58
C ALA B 89 47.53 25.76 -7.69
N PHE B 90 46.56 26.59 -7.31
CA PHE B 90 45.75 27.28 -8.30
C PHE B 90 46.59 28.34 -9.01
N LYS B 91 47.51 28.95 -8.27
CA LYS B 91 48.38 29.97 -8.84
C LYS B 91 49.19 29.36 -9.97
N ALA B 92 49.47 28.07 -9.89
CA ALA B 92 50.22 27.39 -10.94
C ALA B 92 49.27 26.87 -12.00
N GLY B 93 48.05 27.42 -12.00
CA GLY B 93 47.03 27.03 -12.97
C GLY B 93 46.72 25.54 -13.02
N LYS B 94 46.38 24.96 -11.86
CA LYS B 94 46.08 23.54 -11.81
C LYS B 94 44.89 23.23 -10.90
N HIS B 95 44.02 22.33 -11.34
CA HIS B 95 42.86 21.94 -10.56
C HIS B 95 43.31 21.33 -9.24
N VAL B 96 42.54 21.57 -8.19
CA VAL B 96 42.89 21.06 -6.87
C VAL B 96 41.94 20.02 -6.27
N MET B 97 42.55 19.00 -5.67
CA MET B 97 41.88 17.92 -4.96
C MET B 97 42.39 18.06 -3.54
N CYS B 98 41.54 18.54 -2.64
CA CYS B 98 41.96 18.73 -1.26
C CYS B 98 41.24 17.80 -0.30
N GLU B 99 42.00 17.14 0.57
CA GLU B 99 41.41 16.21 1.54
C GLU B 99 40.60 16.95 2.58
N LYS B 100 39.75 16.20 3.28
CA LYS B 100 38.92 16.75 4.36
C LYS B 100 39.75 16.79 5.63
N PRO B 101 39.49 17.75 6.51
CA PRO B 101 38.51 18.84 6.39
C PRO B 101 39.07 19.85 5.39
N MET B 102 38.22 20.61 4.72
CA MET B 102 38.69 21.59 3.73
C MET B 102 39.84 22.43 4.30
N ALA B 103 39.62 23.01 5.48
CA ALA B 103 40.62 23.82 6.15
C ALA B 103 40.28 23.96 7.63
N THR B 104 41.16 24.62 8.38
CA THR B 104 40.95 24.83 9.80
C THR B 104 40.26 26.17 10.07
N SER B 105 39.70 26.76 9.03
CA SER B 105 39.00 28.05 9.15
C SER B 105 37.95 28.22 8.06
N VAL B 106 36.91 28.99 8.37
CA VAL B 106 35.86 29.20 7.38
C VAL B 106 36.42 30.14 6.34
N ALA B 107 37.21 31.10 6.82
CA ALA B 107 37.85 32.10 5.97
C ALA B 107 38.70 31.42 4.90
N ASP B 108 39.65 30.60 5.34
CA ASP B 108 40.51 29.89 4.41
C ASP B 108 39.68 29.10 3.41
N CYS B 109 38.54 28.62 3.85
CA CYS B 109 37.67 27.85 2.96
C CYS B 109 37.18 28.75 1.83
N GLN B 110 36.81 29.98 2.19
CA GLN B 110 36.32 30.95 1.22
C GLN B 110 37.48 31.37 0.33
N ARG B 111 38.63 31.64 0.95
CA ARG B 111 39.82 32.05 0.22
C ARG B 111 40.17 31.02 -0.85
N MET B 112 40.16 29.75 -0.47
CA MET B 112 40.47 28.67 -1.41
C MET B 112 39.53 28.69 -2.60
N ILE B 113 38.24 28.85 -2.33
CA ILE B 113 37.26 28.88 -3.41
C ILE B 113 37.56 30.08 -4.32
N ASP B 114 37.89 31.22 -3.72
CA ASP B 114 38.22 32.42 -4.49
C ASP B 114 39.34 32.05 -5.46
N ALA B 115 40.49 31.72 -4.89
CA ALA B 115 41.66 31.34 -5.68
C ALA B 115 41.27 30.43 -6.84
N ALA B 116 40.38 29.49 -6.56
CA ALA B 116 39.93 28.55 -7.56
C ALA B 116 39.24 29.29 -8.70
N LYS B 117 38.27 30.13 -8.34
CA LYS B 117 37.53 30.90 -9.33
C LYS B 117 38.51 31.72 -10.16
N ALA B 118 39.42 32.39 -9.47
CA ALA B 118 40.43 33.20 -10.12
C ALA B 118 41.11 32.37 -11.19
N ALA B 119 41.93 31.42 -10.75
CA ALA B 119 42.67 30.55 -11.66
C ALA B 119 41.75 29.81 -12.64
N ASN B 120 40.43 29.91 -12.43
CA ASN B 120 39.50 29.21 -13.30
C ASN B 120 39.87 27.72 -13.33
N LYS B 121 40.09 27.15 -12.15
CA LYS B 121 40.44 25.74 -12.02
C LYS B 121 39.43 25.16 -11.02
N LYS B 122 39.21 23.85 -11.07
CA LYS B 122 38.25 23.22 -10.17
C LYS B 122 38.77 22.86 -8.77
N LEU B 123 37.90 23.02 -7.76
CA LEU B 123 38.27 22.69 -6.39
C LEU B 123 37.36 21.57 -5.86
N MET B 124 37.95 20.41 -5.61
CA MET B 124 37.18 19.26 -5.13
C MET B 124 37.75 18.73 -3.80
N ILE B 125 36.86 18.56 -2.83
CA ILE B 125 37.25 18.05 -1.52
C ILE B 125 37.14 16.54 -1.47
N GLY B 126 38.05 15.89 -0.75
CA GLY B 126 38.10 14.44 -0.66
C GLY B 126 37.02 13.66 0.09
N TYR B 127 35.76 13.82 -0.32
CA TYR B 127 34.68 13.10 0.32
C TYR B 127 34.44 11.79 -0.45
N ARG B 128 35.37 10.85 -0.30
CA ARG B 128 35.28 9.56 -0.96
C ARG B 128 33.92 8.91 -0.80
N CYS B 129 33.25 9.19 0.31
CA CYS B 129 31.95 8.59 0.54
C CYS B 129 30.95 9.01 -0.51
N HIS B 130 31.25 10.09 -1.24
CA HIS B 130 30.36 10.58 -2.27
C HIS B 130 30.58 9.79 -3.54
N TYR B 131 31.50 8.83 -3.50
CA TYR B 131 31.83 8.00 -4.65
C TYR B 131 31.86 6.53 -4.28
N ASP B 132 31.38 6.23 -3.07
CA ASP B 132 31.30 4.85 -2.58
C ASP B 132 29.94 4.31 -3.01
N PRO B 133 29.94 3.27 -3.84
CA PRO B 133 28.68 2.68 -4.32
C PRO B 133 27.69 2.34 -3.23
N MET B 134 28.21 1.86 -2.11
CA MET B 134 27.36 1.49 -1.00
C MET B 134 26.63 2.70 -0.50
N ASN B 135 27.34 3.80 -0.28
CA ASN B 135 26.68 4.99 0.21
C ASN B 135 25.70 5.51 -0.79
N ARG B 136 26.08 5.47 -2.06
CA ARG B 136 25.19 5.97 -3.09
C ARG B 136 23.92 5.13 -3.15
N ALA B 137 24.07 3.84 -2.87
CA ALA B 137 22.92 2.96 -2.88
C ALA B 137 22.01 3.33 -1.71
N ALA B 138 22.61 3.65 -0.57
CA ALA B 138 21.82 4.01 0.60
C ALA B 138 21.01 5.24 0.22
N VAL B 139 21.69 6.23 -0.36
CA VAL B 139 21.05 7.47 -0.77
C VAL B 139 19.92 7.22 -1.75
N LYS B 140 20.15 6.33 -2.71
CA LYS B 140 19.15 6.02 -3.72
C LYS B 140 17.84 5.50 -3.10
N LEU B 141 17.95 4.46 -2.27
CA LEU B 141 16.78 3.88 -1.63
C LEU B 141 16.04 4.84 -0.72
N ILE B 142 16.75 5.82 -0.17
CA ILE B 142 16.10 6.80 0.69
C ILE B 142 15.28 7.74 -0.20
N ARG B 143 15.88 8.16 -1.31
CA ARG B 143 15.22 9.05 -2.25
C ARG B 143 14.03 8.35 -2.89
N GLU B 144 14.12 7.03 -3.05
CA GLU B 144 13.03 6.25 -3.63
C GLU B 144 11.96 6.03 -2.57
N ASN B 145 12.09 6.72 -1.45
CA ASN B 145 11.12 6.63 -0.37
C ASN B 145 10.91 5.24 0.23
N GLN B 146 11.98 4.47 0.39
CA GLN B 146 11.84 3.13 0.95
C GLN B 146 11.81 3.14 2.47
N LEU B 147 12.24 4.25 3.04
CA LEU B 147 12.24 4.41 4.49
C LEU B 147 10.98 5.16 4.91
N GLY B 148 10.36 5.83 3.94
CA GLY B 148 9.18 6.62 4.24
C GLY B 148 9.68 7.99 4.65
N LYS B 149 8.95 8.69 5.50
CA LYS B 149 9.40 10.01 5.93
C LYS B 149 10.49 9.86 6.99
N LEU B 150 11.66 10.42 6.69
CA LEU B 150 12.79 10.35 7.59
C LEU B 150 12.55 11.11 8.91
N GLY B 151 12.88 10.50 10.05
CA GLY B 151 12.68 11.16 11.32
C GLY B 151 13.84 11.14 12.31
N MET B 152 14.65 10.10 12.30
CA MET B 152 15.78 10.02 13.23
C MET B 152 17.01 9.37 12.64
N VAL B 153 18.07 10.17 12.55
CA VAL B 153 19.36 9.74 12.04
C VAL B 153 20.30 9.56 13.23
N THR B 154 21.14 8.55 13.18
CA THR B 154 22.08 8.31 14.27
C THR B 154 23.43 7.95 13.67
N THR B 155 24.47 8.66 14.10
CA THR B 155 25.81 8.39 13.59
C THR B 155 26.83 8.30 14.72
N ASP B 156 27.88 7.51 14.47
CA ASP B 156 29.01 7.31 15.39
C ASP B 156 30.23 7.02 14.53
N ASN B 157 31.32 7.70 14.84
CA ASN B 157 32.57 7.51 14.11
C ASN B 157 33.68 7.60 15.13
N SER B 158 34.38 6.48 15.31
CA SER B 158 35.44 6.43 16.30
C SER B 158 36.60 5.55 15.92
N ASP B 159 37.74 5.86 16.54
CA ASP B 159 38.97 5.10 16.36
C ASP B 159 39.99 5.58 17.38
N VAL B 160 40.66 4.65 18.02
CA VAL B 160 41.66 4.98 19.02
C VAL B 160 42.84 5.77 18.45
N MET B 161 43.06 6.95 19.02
CA MET B 161 44.15 7.83 18.62
C MET B 161 45.41 7.42 19.38
N ASP B 162 46.43 7.01 18.64
CA ASP B 162 47.70 6.58 19.20
C ASP B 162 48.18 7.55 20.28
N GLN B 163 48.67 7.02 21.39
CA GLN B 163 49.14 7.85 22.50
C GLN B 163 50.63 8.23 22.35
N ASN B 164 51.37 7.44 21.57
CA ASN B 164 52.79 7.66 21.33
C ASN B 164 53.15 9.15 21.22
N ASP B 165 53.63 9.73 22.31
CA ASP B 165 54.00 11.14 22.36
C ASP B 165 53.07 11.99 21.50
N PRO B 166 51.94 12.44 22.08
CA PRO B 166 50.95 13.28 21.37
C PRO B 166 51.57 14.48 20.64
N ALA B 167 52.88 14.60 20.77
CA ALA B 167 53.64 15.66 20.12
C ALA B 167 54.09 15.16 18.75
N GLN B 168 54.03 13.84 18.56
CA GLN B 168 54.41 13.22 17.30
C GLN B 168 53.22 13.07 16.34
N GLN B 169 52.06 13.57 16.75
CA GLN B 169 50.85 13.49 15.94
C GLN B 169 50.30 14.89 15.70
N TRP B 170 50.12 15.25 14.44
CA TRP B 170 49.63 16.56 14.09
C TRP B 170 48.14 16.71 14.38
N ARG B 171 47.46 15.57 14.57
CA ARG B 171 46.03 15.58 14.86
C ARG B 171 45.73 16.04 16.28
N LEU B 172 46.77 15.98 17.11
CA LEU B 172 46.63 16.37 18.48
C LEU B 172 47.03 17.80 18.70
N ARG B 173 47.50 18.45 17.63
CA ARG B 173 47.89 19.86 17.67
C ARG B 173 46.75 20.71 17.14
N ARG B 174 46.21 21.59 17.98
CA ARG B 174 45.13 22.45 17.53
C ARG B 174 45.51 23.11 16.20
N GLU B 175 46.62 23.86 16.21
CA GLU B 175 47.11 24.59 15.04
C GLU B 175 47.14 23.82 13.72
N LEU B 176 47.67 22.59 13.76
CA LEU B 176 47.76 21.76 12.56
C LEU B 176 46.46 21.03 12.24
N ALA B 177 45.66 20.79 13.27
CA ALA B 177 44.42 20.06 13.12
C ALA B 177 43.16 20.90 12.93
N GLY B 178 42.97 21.86 13.83
CA GLY B 178 41.78 22.69 13.77
C GLY B 178 40.71 22.20 14.74
N GLY B 179 40.79 20.93 15.11
CA GLY B 179 39.83 20.34 16.04
C GLY B 179 40.18 18.91 16.38
N GLY B 180 39.37 18.29 17.25
CA GLY B 180 39.61 16.92 17.63
C GLY B 180 38.94 15.89 16.72
N SER B 181 38.33 14.88 17.33
CA SER B 181 37.66 13.80 16.60
C SER B 181 36.58 14.30 15.64
N LEU B 182 35.95 15.43 15.97
CA LEU B 182 34.91 15.94 15.07
C LEU B 182 35.51 16.31 13.71
N MET B 183 36.53 17.16 13.72
CA MET B 183 37.22 17.59 12.49
C MET B 183 37.79 16.41 11.72
N ASP B 184 38.39 15.48 12.46
CA ASP B 184 39.00 14.31 11.88
C ASP B 184 38.04 13.24 11.33
N ILE B 185 37.08 12.81 12.14
CA ILE B 185 36.17 11.75 11.69
C ILE B 185 34.69 11.96 11.90
N GLY B 186 34.33 12.75 12.91
CA GLY B 186 32.92 13.01 13.14
C GLY B 186 32.33 13.60 11.88
N ILE B 187 33.17 14.35 11.18
CA ILE B 187 32.79 14.99 9.94
C ILE B 187 32.09 14.01 9.01
N TYR B 188 32.43 12.73 9.12
CA TYR B 188 31.78 11.73 8.27
C TYR B 188 30.33 11.61 8.68
N GLY B 189 30.07 11.64 9.98
CA GLY B 189 28.72 11.53 10.45
C GLY B 189 27.93 12.76 10.09
N LEU B 190 28.54 13.92 10.30
CA LEU B 190 27.90 15.18 9.99
C LEU B 190 27.56 15.23 8.51
N ASN B 191 28.58 14.97 7.68
CA ASN B 191 28.42 15.00 6.24
C ASN B 191 27.41 13.96 5.76
N GLY B 192 27.42 12.79 6.38
CA GLY B 192 26.51 11.73 5.99
C GLY B 192 25.07 12.04 6.35
N THR B 193 24.86 12.60 7.52
CA THR B 193 23.51 12.96 7.96
C THR B 193 22.88 13.85 6.89
N ARG B 194 23.68 14.78 6.40
CA ARG B 194 23.27 15.74 5.40
C ARG B 194 22.94 15.11 4.05
N TYR B 195 23.82 14.29 3.51
CA TYR B 195 23.49 13.71 2.21
C TYR B 195 22.54 12.53 2.31
N LEU B 196 22.38 11.97 3.51
CA LEU B 196 21.46 10.87 3.68
C LEU B 196 20.06 11.47 3.77
N LEU B 197 19.94 12.56 4.51
CA LEU B 197 18.66 13.25 4.64
C LEU B 197 18.36 14.11 3.42
N GLY B 198 19.40 14.56 2.73
CA GLY B 198 19.23 15.40 1.56
C GLY B 198 18.79 16.81 1.92
N GLU B 199 19.32 17.32 3.03
CA GLU B 199 18.97 18.66 3.50
C GLU B 199 19.96 19.15 4.54
N GLU B 200 19.86 20.41 4.91
CA GLU B 200 20.79 21.00 5.88
C GLU B 200 20.18 21.26 7.25
N PRO B 201 21.00 21.15 8.30
CA PRO B 201 20.52 21.39 9.65
C PRO B 201 20.28 22.88 9.80
N ILE B 202 19.16 23.25 10.43
CA ILE B 202 18.86 24.66 10.62
C ILE B 202 19.20 25.08 12.04
N GLU B 203 19.33 24.08 12.91
CA GLU B 203 19.63 24.32 14.31
C GLU B 203 20.62 23.25 14.79
N VAL B 204 21.51 23.63 15.72
CA VAL B 204 22.50 22.69 16.21
C VAL B 204 22.81 22.77 17.71
N ARG B 205 22.98 21.63 18.33
CA ARG B 205 23.31 21.55 19.77
C ARG B 205 24.41 20.50 19.94
N ALA B 206 25.28 20.70 20.93
CA ALA B 206 26.35 19.74 21.14
C ALA B 206 26.95 19.84 22.52
N TYR B 207 27.76 18.84 22.84
CA TYR B 207 28.43 18.80 24.13
C TYR B 207 29.67 17.97 23.93
N THR B 208 30.74 18.34 24.62
CA THR B 208 31.98 17.60 24.49
C THR B 208 32.63 17.33 25.83
N TYR B 209 33.41 16.26 25.87
CA TYR B 209 34.12 15.88 27.08
C TYR B 209 35.34 15.06 26.73
N SER B 210 36.46 15.39 27.36
CA SER B 210 37.71 14.67 27.17
C SER B 210 38.30 14.52 28.54
N ASP B 211 38.91 13.37 28.82
CA ASP B 211 39.52 13.16 30.14
C ASP B 211 40.62 14.21 30.37
N PRO B 212 40.52 14.96 31.48
CA PRO B 212 41.50 16.00 31.81
C PRO B 212 42.90 15.45 32.11
N ASN B 213 43.00 14.15 32.32
CA ASN B 213 44.28 13.52 32.61
C ASN B 213 44.87 12.76 31.44
N ASP B 214 44.29 12.93 30.25
CA ASP B 214 44.80 12.25 29.06
C ASP B 214 45.62 13.23 28.21
N GLU B 215 46.93 12.98 28.15
CA GLU B 215 47.87 13.81 27.41
C GLU B 215 47.46 14.11 25.98
N ARG B 216 46.67 13.22 25.39
CA ARG B 216 46.24 13.38 24.01
C ARG B 216 45.30 14.52 23.72
N PHE B 217 44.38 14.77 24.63
CA PHE B 217 43.37 15.78 24.43
C PHE B 217 43.58 17.07 25.18
N VAL B 218 44.76 17.64 25.04
CA VAL B 218 45.07 18.87 25.73
C VAL B 218 44.70 20.05 24.83
N GLU B 219 44.69 19.83 23.52
CA GLU B 219 44.37 20.88 22.57
C GLU B 219 43.11 20.55 21.75
N VAL B 220 42.96 19.28 21.39
CA VAL B 220 41.81 18.84 20.61
C VAL B 220 40.93 17.89 21.42
N GLU B 221 39.62 17.97 21.20
CA GLU B 221 38.69 17.14 21.94
C GLU B 221 38.74 15.65 21.57
N ASP B 222 38.46 14.82 22.57
CA ASP B 222 38.44 13.38 22.38
C ASP B 222 37.06 12.91 21.90
N ARG B 223 36.03 13.24 22.68
CA ARG B 223 34.68 12.84 22.35
C ARG B 223 33.73 14.02 22.36
N ILE B 224 32.86 14.05 21.36
CA ILE B 224 31.88 15.12 21.24
C ILE B 224 30.59 14.60 20.62
N ILE B 225 29.48 14.96 21.25
CA ILE B 225 28.16 14.55 20.82
C ILE B 225 27.37 15.75 20.31
N TRP B 226 26.78 15.61 19.14
CA TRP B 226 26.01 16.72 18.59
C TRP B 226 24.63 16.26 18.13
N GLN B 227 23.67 17.16 18.28
CA GLN B 227 22.28 16.91 17.91
C GLN B 227 21.84 18.01 16.96
N MET B 228 21.16 17.63 15.90
CA MET B 228 20.71 18.61 14.92
C MET B 228 19.25 18.42 14.54
N ARG B 229 18.66 19.51 14.05
CA ARG B 229 17.27 19.50 13.61
C ARG B 229 17.22 20.06 12.18
N PHE B 230 16.36 19.49 11.36
CA PHE B 230 16.23 19.94 10.00
C PHE B 230 14.86 20.56 9.72
N ARG B 231 14.72 21.16 8.55
CA ARG B 231 13.47 21.81 8.17
C ARG B 231 12.32 20.81 8.09
N SER B 232 12.61 19.62 7.55
CA SER B 232 11.59 18.60 7.41
C SER B 232 11.13 18.07 8.74
N GLY B 233 11.77 18.51 9.82
CA GLY B 233 11.42 18.05 11.15
C GLY B 233 12.22 16.83 11.56
N ALA B 234 13.11 16.39 10.68
CA ALA B 234 13.95 15.24 10.99
C ALA B 234 14.93 15.64 12.08
N LEU B 235 15.40 14.65 12.83
CA LEU B 235 16.34 14.88 13.90
C LEU B 235 17.55 13.96 13.78
N SER B 236 18.61 14.32 14.49
CA SER B 236 19.79 13.50 14.45
C SER B 236 20.60 13.64 15.72
N HIS B 237 21.32 12.57 16.05
CA HIS B 237 22.21 12.59 17.19
C HIS B 237 23.39 11.73 16.81
N GLY B 238 24.57 12.33 16.89
CA GLY B 238 25.78 11.63 16.53
C GLY B 238 26.93 11.99 17.44
N ALA B 239 28.03 11.26 17.28
CA ALA B 239 29.23 11.49 18.08
C ALA B 239 30.48 10.96 17.41
N SER B 240 31.61 11.47 17.85
CA SER B 240 32.90 11.04 17.33
C SER B 240 33.75 10.82 18.57
N SER B 241 34.67 9.86 18.51
CA SER B 241 35.51 9.55 19.65
C SER B 241 36.94 9.20 19.23
N TYR B 242 37.90 9.64 20.04
CA TYR B 242 39.31 9.37 19.79
C TYR B 242 39.84 8.33 20.77
N SER B 243 39.01 7.89 21.72
CA SER B 243 39.47 6.91 22.70
C SER B 243 38.77 5.55 22.71
N THR B 244 38.03 5.24 21.66
CA THR B 244 37.33 3.96 21.57
C THR B 244 37.59 3.40 20.19
N THR B 245 37.68 2.07 20.06
CA THR B 245 37.95 1.46 18.77
C THR B 245 37.01 1.72 17.61
N THR B 246 37.48 1.27 16.45
CA THR B 246 36.81 1.44 15.19
C THR B 246 35.29 1.33 15.16
N THR B 247 34.67 2.46 14.88
CA THR B 247 33.23 2.53 14.79
C THR B 247 32.85 3.42 13.61
N SER B 248 32.09 2.86 12.68
CA SER B 248 31.60 3.61 11.54
C SER B 248 30.18 3.11 11.37
N ARG B 249 29.25 3.71 12.10
CA ARG B 249 27.86 3.25 12.07
C ARG B 249 26.79 4.35 11.94
N PHE B 250 26.00 4.25 10.86
CA PHE B 250 24.90 5.18 10.59
C PHE B 250 23.55 4.44 10.57
N SER B 251 22.52 5.07 11.11
CA SER B 251 21.17 4.49 11.07
C SER B 251 20.22 5.62 10.68
N VAL B 252 19.28 5.31 9.80
CA VAL B 252 18.31 6.31 9.35
C VAL B 252 16.94 5.71 9.55
N GLN B 253 16.13 6.35 10.39
CA GLN B 253 14.78 5.87 10.68
C GLN B 253 13.67 6.61 9.92
N GLY B 254 12.83 5.85 9.22
CA GLY B 254 11.73 6.45 8.51
C GLY B 254 10.47 5.89 9.15
N ASP B 255 9.31 6.27 8.66
CA ASP B 255 8.09 5.73 9.22
C ASP B 255 7.81 4.38 8.59
N LYS B 256 8.44 4.12 7.45
CA LYS B 256 8.24 2.86 6.73
C LYS B 256 9.27 1.83 7.15
N ALA B 257 10.53 2.24 7.20
CA ALA B 257 11.58 1.32 7.57
C ALA B 257 12.82 2.02 8.11
N VAL B 258 13.80 1.22 8.52
CA VAL B 258 15.03 1.73 9.08
C VAL B 258 16.25 1.24 8.30
N LEU B 259 17.12 2.18 7.94
CA LEU B 259 18.36 1.86 7.22
C LEU B 259 19.55 1.75 8.20
N LEU B 260 20.36 0.72 8.02
CA LEU B 260 21.55 0.55 8.87
C LEU B 260 22.81 0.37 8.02
N MET B 261 23.76 1.28 8.20
CA MET B 261 25.03 1.25 7.49
C MET B 261 26.13 0.96 8.50
N ASP B 262 26.67 -0.25 8.45
CA ASP B 262 27.70 -0.67 9.39
C ASP B 262 28.53 -1.83 8.83
N PRO B 263 29.78 -1.55 8.41
CA PRO B 263 30.42 -0.23 8.42
C PRO B 263 29.82 0.73 7.37
N ALA B 264 29.79 2.00 7.74
CA ALA B 264 29.22 3.06 6.92
C ALA B 264 30.22 3.81 6.03
N THR B 265 31.38 4.12 6.58
CA THR B 265 32.37 4.88 5.84
C THR B 265 33.74 4.26 5.92
N GLY B 266 33.83 2.95 5.77
CA GLY B 266 35.14 2.31 5.84
C GLY B 266 35.90 2.32 4.53
N TYR B 267 37.16 1.91 4.58
CA TYR B 267 38.01 1.86 3.39
C TYR B 267 37.58 0.72 2.48
N TYR B 268 37.25 -0.41 3.09
CA TYR B 268 36.84 -1.60 2.34
C TYR B 268 35.39 -1.93 2.61
N GLN B 269 34.80 -2.67 1.68
CA GLN B 269 33.40 -3.10 1.73
C GLN B 269 32.49 -2.65 2.88
N ASN B 270 31.75 -1.58 2.63
CA ASN B 270 30.81 -1.06 3.61
C ASN B 270 29.52 -1.90 3.49
N LEU B 271 28.72 -1.97 4.57
CA LEU B 271 27.49 -2.75 4.57
C LEU B 271 26.25 -1.94 4.92
N ILE B 272 25.17 -2.14 4.18
CA ILE B 272 23.92 -1.46 4.47
C ILE B 272 22.78 -2.45 4.46
N SER B 273 21.82 -2.26 5.34
CA SER B 273 20.66 -3.14 5.40
C SER B 273 19.43 -2.35 5.79
N VAL B 274 18.28 -2.88 5.41
CA VAL B 274 17.01 -2.24 5.69
C VAL B 274 16.12 -3.15 6.54
N GLN B 275 15.52 -2.58 7.58
CA GLN B 275 14.63 -3.33 8.46
C GLN B 275 13.24 -2.72 8.37
N THR B 276 12.25 -3.54 8.06
CA THR B 276 10.87 -3.05 7.94
C THR B 276 9.92 -3.54 9.02
N PRO B 291 31.29 -6.07 -10.08
CA PRO B 291 31.28 -4.73 -10.69
C PRO B 291 30.76 -3.72 -9.68
N ALA B 292 31.56 -2.67 -9.46
CA ALA B 292 31.23 -1.59 -8.53
C ALA B 292 32.49 -0.75 -8.26
N ASN B 293 32.67 0.32 -9.04
CA ASN B 293 33.85 1.18 -8.89
C ASN B 293 34.11 1.64 -7.46
N ASN B 294 35.26 1.23 -6.92
CA ASN B 294 35.66 1.55 -5.56
C ASN B 294 35.82 3.05 -5.39
N GLN B 295 35.39 3.54 -4.23
CA GLN B 295 35.43 4.96 -3.89
C GLN B 295 36.72 5.70 -4.33
N PHE B 296 37.87 5.18 -3.93
CA PHE B 296 39.13 5.80 -4.27
C PHE B 296 39.30 6.09 -5.76
N SER B 297 39.22 5.04 -6.57
CA SER B 297 39.34 5.21 -8.00
C SER B 297 38.29 6.22 -8.48
N ALA B 298 37.03 5.88 -8.29
CA ALA B 298 35.91 6.73 -8.69
C ALA B 298 36.09 8.18 -8.27
N GLN B 299 36.77 8.40 -7.16
CA GLN B 299 36.98 9.75 -6.70
C GLN B 299 37.97 10.47 -7.62
N LEU B 300 39.10 9.81 -7.87
CA LEU B 300 40.15 10.35 -8.73
C LEU B 300 39.61 10.58 -10.14
N ASP B 301 39.03 9.56 -10.74
CA ASP B 301 38.49 9.70 -12.08
C ASP B 301 37.34 10.69 -12.16
N HIS B 302 36.79 11.06 -11.01
CA HIS B 302 35.67 11.99 -11.02
C HIS B 302 36.13 13.41 -11.28
N LEU B 303 37.30 13.77 -10.77
CA LEU B 303 37.83 15.11 -10.98
C LEU B 303 38.26 15.22 -12.44
N ALA B 304 38.86 14.15 -12.94
CA ALA B 304 39.31 14.10 -14.31
C ALA B 304 38.15 14.42 -15.25
N GLU B 305 37.20 13.51 -15.31
CA GLU B 305 36.03 13.67 -16.16
C GLU B 305 35.38 15.04 -16.02
N ALA B 306 35.27 15.56 -14.80
CA ALA B 306 34.66 16.87 -14.61
C ALA B 306 35.35 17.88 -15.51
N VAL B 307 36.68 17.84 -15.51
CA VAL B 307 37.49 18.73 -16.32
C VAL B 307 37.27 18.41 -17.79
N ILE B 308 37.48 17.15 -18.14
CA ILE B 308 37.30 16.68 -19.51
C ILE B 308 35.90 16.98 -20.06
N ASN B 309 35.02 17.56 -19.26
CA ASN B 309 33.68 17.87 -19.72
C ASN B 309 33.16 19.23 -19.25
N ASN B 310 34.08 20.07 -18.81
CA ASN B 310 33.75 21.41 -18.34
C ASN B 310 32.55 21.39 -17.41
N LYS B 311 32.23 20.21 -16.88
CA LYS B 311 31.11 20.04 -15.96
C LYS B 311 31.64 20.08 -14.53
N PRO B 312 30.90 20.73 -13.63
CA PRO B 312 31.34 20.82 -12.23
C PRO B 312 31.54 19.45 -11.57
N VAL B 313 32.11 19.48 -10.37
CA VAL B 313 32.40 18.27 -9.61
C VAL B 313 31.36 18.09 -8.50
N ARG B 314 31.12 16.85 -8.09
CA ARG B 314 30.13 16.56 -7.06
C ARG B 314 30.49 17.06 -5.68
N SER B 315 31.77 17.08 -5.37
CA SER B 315 32.21 17.55 -4.06
C SER B 315 33.07 18.81 -4.17
N PRO B 316 32.43 19.96 -4.40
CA PRO B 316 33.10 21.26 -4.53
C PRO B 316 33.59 21.81 -3.20
N GLY B 317 34.38 22.86 -3.27
CA GLY B 317 34.91 23.47 -2.07
C GLY B 317 33.82 24.19 -1.31
N GLU B 318 32.68 24.38 -1.95
CA GLU B 318 31.56 25.05 -1.30
C GLU B 318 30.97 24.08 -0.29
N GLU B 319 30.98 22.80 -0.64
CA GLU B 319 30.48 21.73 0.21
C GLU B 319 31.44 21.52 1.37
N GLY B 320 32.74 21.59 1.08
CA GLY B 320 33.73 21.40 2.11
C GLY B 320 33.65 22.54 3.10
N MET B 321 33.23 23.70 2.62
CA MET B 321 33.13 24.87 3.47
C MET B 321 31.92 24.72 4.39
N GLN B 322 30.80 24.27 3.81
CA GLN B 322 29.58 24.07 4.58
C GLN B 322 29.86 23.19 5.81
N ASP B 323 30.60 22.11 5.61
CA ASP B 323 30.94 21.21 6.73
C ASP B 323 31.78 21.95 7.76
N VAL B 324 32.83 22.61 7.30
CA VAL B 324 33.70 23.35 8.19
C VAL B 324 32.91 24.35 8.99
N ARG B 325 31.99 25.05 8.33
CA ARG B 325 31.17 26.05 9.00
C ARG B 325 30.28 25.38 10.04
N LEU B 326 29.71 24.24 9.67
CA LEU B 326 28.86 23.50 10.59
C LEU B 326 29.67 23.05 11.80
N ILE B 327 30.86 22.51 11.55
CA ILE B 327 31.75 22.05 12.63
C ILE B 327 32.05 23.14 13.68
N GLN B 328 32.31 24.37 13.20
CA GLN B 328 32.60 25.52 14.07
C GLN B 328 31.35 25.84 14.90
N ALA B 329 30.20 25.70 14.26
CA ALA B 329 28.92 25.93 14.92
C ALA B 329 28.78 24.89 16.03
N ILE B 330 29.02 23.63 15.67
CA ILE B 330 28.95 22.53 16.63
C ILE B 330 29.93 22.77 17.77
N TYR B 331 31.14 23.22 17.47
CA TYR B 331 32.11 23.50 18.53
C TYR B 331 31.62 24.68 19.37
N GLU B 332 30.98 25.65 18.72
CA GLU B 332 30.46 26.82 19.41
C GLU B 332 29.42 26.36 20.43
N ALA B 333 28.49 25.53 19.96
CA ALA B 333 27.41 25.00 20.80
C ALA B 333 27.97 24.24 21.99
N ALA B 334 28.95 23.39 21.74
CA ALA B 334 29.58 22.62 22.80
C ALA B 334 30.24 23.55 23.81
N ARG B 335 30.76 24.66 23.32
CA ARG B 335 31.43 25.64 24.16
C ARG B 335 30.45 26.45 25.00
N THR B 336 29.37 26.92 24.38
CA THR B 336 28.37 27.72 25.06
C THR B 336 27.33 26.92 25.82
N GLY B 337 27.06 25.70 25.35
CA GLY B 337 26.07 24.89 26.02
C GLY B 337 24.66 25.17 25.56
N ARG B 338 24.51 26.15 24.67
CA ARG B 338 23.19 26.49 24.15
C ARG B 338 23.18 26.15 22.69
N PRO B 339 21.99 26.14 22.05
CA PRO B 339 21.92 25.82 20.63
C PRO B 339 22.53 26.88 19.73
N VAL B 340 22.76 26.49 18.48
CA VAL B 340 23.32 27.42 17.53
C VAL B 340 22.58 27.31 16.22
N ASN B 341 22.08 28.46 15.75
CA ASN B 341 21.35 28.54 14.49
C ASN B 341 22.36 28.32 13.37
N THR B 342 21.98 27.50 12.40
CA THR B 342 22.86 27.22 11.29
C THR B 342 22.07 27.34 10.00
N ASP B 343 20.88 27.91 10.12
CA ASP B 343 19.99 28.10 8.99
C ASP B 343 20.47 29.31 8.16
N TRP B 344 21.58 29.13 7.43
CA TRP B 344 22.13 30.21 6.63
C TRP B 344 22.03 30.00 5.13
N GLY B 345 20.91 29.44 4.69
CA GLY B 345 20.69 29.25 3.26
C GLY B 345 21.67 28.48 2.39
N TYR B 346 22.59 27.69 2.96
CA TYR B 346 23.50 26.92 2.12
C TYR B 346 22.67 26.05 1.18
N VAL B 347 23.21 25.74 0.01
CA VAL B 347 22.49 24.89 -0.94
C VAL B 347 23.43 23.98 -1.75
N ARG B 348 23.22 22.68 -1.63
CA ARG B 348 24.04 21.68 -2.30
C ARG B 348 23.94 21.68 -3.81
N GLN B 349 24.80 22.48 -4.45
CA GLN B 349 24.81 22.56 -5.90
C GLN B 349 25.05 21.20 -6.55
N GLY B 350 24.01 20.66 -7.15
CA GLY B 350 24.12 19.37 -7.82
C GLY B 350 23.43 18.24 -7.09
N GLY B 351 23.03 18.48 -5.85
CA GLY B 351 22.37 17.47 -5.05
C GLY B 351 23.28 16.90 -3.99
N TYR B 352 22.90 15.75 -3.43
CA TYR B 352 23.70 15.11 -2.40
C TYR B 352 24.21 13.74 -2.84
N ARG C 1 -59.50 2.90 3.82
CA ARG C 1 -59.05 1.70 3.07
C ARG C 1 -60.23 0.78 2.75
N ARG C 2 -60.87 0.99 1.60
CA ARG C 2 -62.03 0.19 1.22
C ARG C 2 -61.73 -1.15 0.56
N PHE C 3 -60.49 -1.38 0.14
CA PHE C 3 -60.15 -2.64 -0.51
C PHE C 3 -59.59 -3.63 0.50
N GLY C 4 -60.29 -4.74 0.69
CA GLY C 4 -59.82 -5.75 1.62
C GLY C 4 -58.94 -6.80 0.97
N TYR C 5 -57.79 -7.05 1.58
CA TYR C 5 -56.84 -8.02 1.07
C TYR C 5 -56.74 -9.27 1.94
N ALA C 6 -56.62 -10.42 1.28
CA ALA C 6 -56.46 -11.69 1.98
C ALA C 6 -55.06 -12.18 1.64
N ILE C 7 -54.13 -12.03 2.58
CA ILE C 7 -52.75 -12.45 2.38
C ILE C 7 -52.53 -13.94 2.57
N VAL C 8 -52.16 -14.62 1.48
CA VAL C 8 -51.91 -16.06 1.49
C VAL C 8 -50.43 -16.38 1.48
N GLY C 9 -49.91 -16.80 2.63
CA GLY C 9 -48.50 -17.15 2.74
C GLY C 9 -47.75 -16.14 3.58
N LEU C 10 -47.75 -16.35 4.89
CA LEU C 10 -47.06 -15.43 5.79
C LEU C 10 -45.60 -15.84 5.89
N GLY C 11 -44.88 -15.65 4.80
CA GLY C 11 -43.47 -15.98 4.78
C GLY C 11 -42.57 -14.76 4.93
N LYS C 12 -41.34 -14.90 4.44
CA LYS C 12 -40.35 -13.83 4.54
C LYS C 12 -40.79 -12.55 3.81
N TYR C 13 -41.23 -12.69 2.55
CA TYR C 13 -41.64 -11.52 1.78
C TYR C 13 -42.93 -10.88 2.32
N ALA C 14 -43.85 -11.71 2.80
CA ALA C 14 -45.10 -11.19 3.34
C ALA C 14 -44.84 -10.45 4.64
N LEU C 15 -44.13 -11.11 5.54
CA LEU C 15 -43.83 -10.51 6.85
C LEU C 15 -42.87 -9.35 6.78
N ASN C 16 -41.84 -9.45 5.95
CA ASN C 16 -40.86 -8.39 5.85
C ASN C 16 -41.18 -7.22 4.94
N GLN C 17 -41.83 -7.47 3.81
CA GLN C 17 -42.09 -6.36 2.90
C GLN C 17 -43.55 -6.00 2.71
N ILE C 18 -44.37 -7.00 2.40
CA ILE C 18 -45.79 -6.77 2.14
C ILE C 18 -46.69 -6.30 3.28
N LEU C 19 -46.70 -7.00 4.39
CA LEU C 19 -47.56 -6.56 5.48
C LEU C 19 -47.21 -5.14 5.89
N PRO C 20 -45.93 -4.86 6.16
CA PRO C 20 -45.57 -3.49 6.54
C PRO C 20 -45.92 -2.50 5.42
N GLY C 21 -45.91 -2.99 4.19
CA GLY C 21 -46.22 -2.15 3.05
C GLY C 21 -47.58 -1.50 3.13
N PHE C 22 -48.53 -2.20 3.75
CA PHE C 22 -49.89 -1.69 3.88
C PHE C 22 -49.95 -0.35 4.58
N ALA C 23 -49.02 -0.11 5.49
CA ALA C 23 -48.97 1.14 6.24
C ALA C 23 -49.10 2.38 5.36
N GLY C 24 -48.57 2.32 4.15
CA GLY C 24 -48.63 3.47 3.27
C GLY C 24 -49.79 3.49 2.30
N CYS C 25 -50.54 2.41 2.23
CA CYS C 25 -51.68 2.35 1.31
C CYS C 25 -52.71 3.41 1.66
N GLN C 26 -53.61 3.66 0.72
CA GLN C 26 -54.66 4.66 0.90
C GLN C 26 -55.99 4.13 0.40
N HIS C 27 -56.08 2.81 0.29
CA HIS C 27 -57.30 2.14 -0.18
C HIS C 27 -57.29 0.71 0.31
N SER C 28 -56.10 0.12 0.31
CA SER C 28 -55.95 -1.27 0.72
C SER C 28 -55.87 -1.41 2.23
N ARG C 29 -56.19 -2.62 2.69
CA ARG C 29 -56.16 -2.95 4.10
C ARG C 29 -56.03 -4.45 4.23
N ILE C 30 -55.40 -4.91 5.31
CA ILE C 30 -55.22 -6.34 5.56
C ILE C 30 -56.51 -6.83 6.20
N GLU C 31 -57.34 -7.53 5.43
CA GLU C 31 -58.60 -8.02 5.98
C GLU C 31 -58.49 -9.43 6.56
N ALA C 32 -57.75 -10.30 5.87
CA ALA C 32 -57.61 -11.67 6.33
C ALA C 32 -56.22 -12.25 6.08
N LEU C 33 -55.88 -13.29 6.84
CA LEU C 33 -54.61 -13.97 6.71
C LEU C 33 -54.87 -15.42 6.37
N VAL C 34 -53.88 -16.08 5.77
CA VAL C 34 -53.99 -17.49 5.39
C VAL C 34 -52.62 -18.12 5.57
N ASP C 35 -52.57 -19.30 6.18
CA ASP C 35 -51.28 -19.95 6.38
C ASP C 35 -51.40 -21.31 7.07
N GLY C 36 -50.48 -22.21 6.73
CA GLY C 36 -50.49 -23.53 7.33
C GLY C 36 -49.97 -23.49 8.75
N ASN C 37 -50.25 -22.40 9.44
CA ASN C 37 -49.82 -22.24 10.82
C ASN C 37 -50.65 -21.14 11.49
N ALA C 38 -51.68 -21.54 12.23
CA ALA C 38 -52.55 -20.56 12.88
C ALA C 38 -51.87 -19.92 14.09
N GLU C 39 -50.89 -20.63 14.64
CA GLU C 39 -50.16 -20.13 15.79
C GLU C 39 -49.51 -18.82 15.37
N LYS C 40 -48.69 -18.89 14.33
CA LYS C 40 -48.04 -17.71 13.82
C LYS C 40 -49.13 -16.74 13.34
N ALA C 41 -50.00 -17.25 12.46
CA ALA C 41 -51.07 -16.43 11.92
C ALA C 41 -51.65 -15.57 13.03
N LYS C 42 -51.80 -16.18 14.21
CA LYS C 42 -52.36 -15.48 15.36
C LYS C 42 -51.49 -14.30 15.73
N ILE C 43 -50.24 -14.58 16.09
CA ILE C 43 -49.30 -13.55 16.44
C ILE C 43 -49.33 -12.44 15.40
N VAL C 44 -49.40 -12.86 14.14
CA VAL C 44 -49.44 -11.91 13.03
C VAL C 44 -50.72 -11.09 13.04
N ALA C 45 -51.86 -11.76 13.10
CA ALA C 45 -53.16 -11.10 13.10
C ALA C 45 -53.20 -10.03 14.19
N ALA C 46 -52.72 -10.40 15.38
CA ALA C 46 -52.68 -9.47 16.49
C ALA C 46 -51.83 -8.30 16.05
N GLU C 47 -50.58 -8.61 15.75
CA GLU C 47 -49.57 -7.65 15.31
C GLU C 47 -50.11 -6.59 14.36
N TYR C 48 -50.84 -7.00 13.32
CA TYR C 48 -51.37 -6.02 12.37
C TYR C 48 -52.83 -5.62 12.57
N GLY C 49 -53.40 -6.03 13.71
CA GLY C 49 -54.77 -5.68 14.00
C GLY C 49 -55.84 -6.31 13.11
N VAL C 50 -55.83 -7.62 13.01
CA VAL C 50 -56.82 -8.34 12.21
C VAL C 50 -57.55 -9.30 13.16
N ASP C 51 -58.88 -9.26 13.16
CA ASP C 51 -59.63 -10.15 14.05
C ASP C 51 -59.29 -11.60 13.74
N PRO C 52 -58.76 -12.34 14.73
CA PRO C 52 -58.37 -13.75 14.56
C PRO C 52 -59.49 -14.61 13.99
N ARG C 53 -60.65 -13.98 13.77
CA ARG C 53 -61.80 -14.67 13.22
C ARG C 53 -61.61 -14.88 11.73
N LYS C 54 -60.62 -14.21 11.16
CA LYS C 54 -60.36 -14.32 9.72
C LYS C 54 -59.06 -15.02 9.35
N ILE C 55 -58.60 -15.93 10.22
CA ILE C 55 -57.38 -16.69 9.99
C ILE C 55 -57.75 -18.03 9.36
N TYR C 56 -57.52 -18.18 8.05
CA TYR C 56 -57.84 -19.43 7.37
C TYR C 56 -56.59 -20.28 7.19
N ASP C 57 -56.73 -21.37 6.44
CA ASP C 57 -55.62 -22.26 6.14
C ASP C 57 -55.85 -22.82 4.75
N TYR C 58 -54.97 -23.71 4.29
CA TYR C 58 -55.10 -24.26 2.95
C TYR C 58 -56.26 -25.23 2.75
N SER C 59 -57.00 -25.52 3.81
CA SER C 59 -58.14 -26.42 3.72
C SER C 59 -59.42 -25.62 3.52
N ASN C 60 -59.68 -24.74 4.48
CA ASN C 60 -60.87 -23.90 4.47
C ASN C 60 -60.60 -22.59 3.73
N PHE C 61 -59.63 -22.59 2.83
CA PHE C 61 -59.29 -21.40 2.08
C PHE C 61 -60.52 -20.88 1.33
N ASP C 62 -61.17 -21.78 0.60
CA ASP C 62 -62.35 -21.43 -0.19
C ASP C 62 -63.40 -20.72 0.63
N LYS C 63 -63.31 -20.85 1.95
CA LYS C 63 -64.27 -20.22 2.84
C LYS C 63 -64.34 -18.72 2.63
N ILE C 64 -63.26 -18.13 2.13
CA ILE C 64 -63.22 -16.69 1.90
C ILE C 64 -64.38 -16.19 1.05
N ALA C 65 -64.92 -17.07 0.22
CA ALA C 65 -66.04 -16.70 -0.66
C ALA C 65 -67.21 -16.10 0.10
N LYS C 66 -67.35 -16.46 1.38
CA LYS C 66 -68.45 -15.97 2.21
C LYS C 66 -68.16 -14.66 2.94
N ASP C 67 -67.01 -14.04 2.64
CA ASP C 67 -66.66 -12.78 3.29
C ASP C 67 -66.52 -11.68 2.24
N PRO C 68 -67.57 -10.87 2.04
CA PRO C 68 -67.64 -9.75 1.09
C PRO C 68 -66.71 -8.58 1.34
N LYS C 69 -66.18 -8.49 2.56
CA LYS C 69 -65.25 -7.43 2.91
C LYS C 69 -63.90 -7.80 2.31
N ILE C 70 -63.75 -9.09 1.96
CA ILE C 70 -62.53 -9.61 1.33
C ILE C 70 -62.59 -9.36 -0.17
N ASP C 71 -62.05 -8.23 -0.60
CA ASP C 71 -62.06 -7.89 -2.02
C ASP C 71 -61.08 -8.73 -2.83
N ALA C 72 -59.89 -8.96 -2.28
CA ALA C 72 -58.89 -9.73 -3.01
C ALA C 72 -57.97 -10.55 -2.13
N VAL C 73 -57.31 -11.50 -2.78
CA VAL C 73 -56.35 -12.38 -2.13
C VAL C 73 -54.98 -12.07 -2.73
N TYR C 74 -53.91 -12.29 -1.95
CA TYR C 74 -52.55 -12.05 -2.40
C TYR C 74 -51.74 -13.32 -2.15
N ILE C 75 -51.47 -14.06 -3.22
CA ILE C 75 -50.70 -15.31 -3.10
C ILE C 75 -49.23 -14.97 -2.95
N ILE C 76 -48.60 -15.60 -1.96
CA ILE C 76 -47.21 -15.38 -1.67
C ILE C 76 -46.66 -16.72 -1.23
N LEU C 77 -46.92 -17.73 -2.03
CA LEU C 77 -46.46 -19.08 -1.72
C LEU C 77 -45.46 -19.52 -2.79
N PRO C 78 -44.81 -20.68 -2.57
CA PRO C 78 -43.85 -21.14 -3.57
C PRO C 78 -44.52 -21.10 -4.96
N ASN C 79 -43.69 -20.94 -5.98
CA ASN C 79 -44.19 -20.81 -7.35
C ASN C 79 -45.17 -21.86 -7.84
N SER C 80 -44.96 -23.12 -7.47
CA SER C 80 -45.85 -24.18 -7.93
C SER C 80 -47.28 -24.04 -7.42
N LEU C 81 -47.45 -23.51 -6.21
CA LEU C 81 -48.78 -23.35 -5.65
C LEU C 81 -49.51 -22.13 -6.20
N HIS C 82 -48.84 -21.34 -7.01
CA HIS C 82 -49.47 -20.13 -7.55
C HIS C 82 -50.77 -20.35 -8.31
N ALA C 83 -50.73 -21.17 -9.32
CA ALA C 83 -51.93 -21.42 -10.11
C ALA C 83 -53.07 -22.04 -9.28
N GLU C 84 -52.75 -23.01 -8.42
CA GLU C 84 -53.76 -23.66 -7.61
C GLU C 84 -54.65 -22.68 -6.85
N PHE C 85 -54.04 -21.86 -6.00
CA PHE C 85 -54.79 -20.91 -5.21
C PHE C 85 -55.28 -19.70 -5.98
N ALA C 86 -54.69 -19.48 -7.16
CA ALA C 86 -55.09 -18.35 -7.98
C ALA C 86 -56.50 -18.64 -8.50
N ILE C 87 -56.67 -19.85 -9.02
CA ILE C 87 -57.95 -20.28 -9.56
C ILE C 87 -59.00 -20.42 -8.45
N ARG C 88 -58.65 -21.15 -7.39
CA ARG C 88 -59.57 -21.32 -6.27
C ARG C 88 -59.99 -19.94 -5.77
N ALA C 89 -59.04 -19.00 -5.81
CA ALA C 89 -59.32 -17.64 -5.35
C ALA C 89 -60.39 -17.02 -6.25
N PHE C 90 -60.26 -17.23 -7.56
CA PHE C 90 -61.21 -16.69 -8.51
C PHE C 90 -62.56 -17.40 -8.34
N LYS C 91 -62.50 -18.69 -8.04
CA LYS C 91 -63.71 -19.46 -7.84
C LYS C 91 -64.53 -18.87 -6.71
N ALA C 92 -63.85 -18.25 -5.76
CA ALA C 92 -64.55 -17.62 -4.63
C ALA C 92 -64.90 -16.18 -4.99
N GLY C 93 -64.88 -15.89 -6.28
CA GLY C 93 -65.22 -14.56 -6.77
C GLY C 93 -64.40 -13.44 -6.18
N LYS C 94 -63.08 -13.54 -6.26
CA LYS C 94 -62.22 -12.51 -5.69
C LYS C 94 -61.01 -12.19 -6.58
N HIS C 95 -60.70 -10.91 -6.72
CA HIS C 95 -59.56 -10.50 -7.54
C HIS C 95 -58.28 -11.10 -6.97
N VAL C 96 -57.35 -11.44 -7.85
CA VAL C 96 -56.10 -12.04 -7.42
C VAL C 96 -54.83 -11.23 -7.66
N MET C 97 -53.96 -11.23 -6.65
CA MET C 97 -52.66 -10.59 -6.67
C MET C 97 -51.70 -11.77 -6.49
N CYS C 98 -51.00 -12.14 -7.56
CA CYS C 98 -50.06 -13.26 -7.49
C CYS C 98 -48.61 -12.82 -7.66
N GLU C 99 -47.75 -13.28 -6.76
CA GLU C 99 -46.34 -12.94 -6.82
C GLU C 99 -45.66 -13.58 -8.02
N LYS C 100 -44.48 -13.05 -8.38
CA LYS C 100 -43.69 -13.57 -9.48
C LYS C 100 -42.89 -14.75 -8.97
N PRO C 101 -42.60 -15.72 -9.84
CA PRO C 101 -43.02 -15.83 -11.25
C PRO C 101 -44.51 -16.19 -11.25
N MET C 102 -45.23 -15.84 -12.30
CA MET C 102 -46.66 -16.15 -12.36
C MET C 102 -46.92 -17.61 -11.98
N ALA C 103 -46.20 -18.53 -12.63
CA ALA C 103 -46.34 -19.95 -12.35
C ALA C 103 -45.12 -20.70 -12.90
N THR C 104 -45.07 -22.00 -12.64
CA THR C 104 -43.96 -22.83 -13.10
C THR C 104 -44.25 -23.47 -14.46
N SER C 105 -45.28 -22.97 -15.14
CA SER C 105 -45.67 -23.48 -16.45
C SER C 105 -46.39 -22.41 -17.27
N VAL C 106 -46.29 -22.53 -18.59
CA VAL C 106 -46.94 -21.54 -19.44
C VAL C 106 -48.42 -21.85 -19.41
N ALA C 107 -48.73 -23.14 -19.37
CA ALA C 107 -50.09 -23.63 -19.32
C ALA C 107 -50.83 -23.05 -18.12
N ASP C 108 -50.28 -23.26 -16.94
CA ASP C 108 -50.89 -22.76 -15.73
C ASP C 108 -51.09 -21.26 -15.83
N CYS C 109 -50.18 -20.59 -16.54
CA CYS C 109 -50.29 -19.15 -16.69
C CYS C 109 -51.56 -18.82 -17.49
N GLN C 110 -51.81 -19.60 -18.52
CA GLN C 110 -53.00 -19.41 -19.36
C GLN C 110 -54.24 -19.78 -18.55
N ARG C 111 -54.16 -20.91 -17.85
CA ARG C 111 -55.26 -21.38 -17.04
C ARG C 111 -55.68 -20.31 -16.05
N MET C 112 -54.70 -19.72 -15.37
CA MET C 112 -55.00 -18.68 -14.39
C MET C 112 -55.74 -17.51 -15.02
N ILE C 113 -55.28 -17.10 -16.19
CA ILE C 113 -55.94 -15.98 -16.87
C ILE C 113 -57.38 -16.38 -17.21
N ASP C 114 -57.55 -17.62 -17.67
CA ASP C 114 -58.89 -18.11 -18.00
C ASP C 114 -59.78 -17.92 -16.77
N ALA C 115 -59.44 -18.63 -15.71
CA ALA C 115 -60.16 -18.57 -14.45
C ALA C 115 -60.54 -17.14 -14.13
N ALA C 116 -59.59 -16.24 -14.32
CA ALA C 116 -59.81 -14.83 -14.04
C ALA C 116 -60.95 -14.29 -14.90
N LYS C 117 -60.86 -14.51 -16.20
CA LYS C 117 -61.88 -14.05 -17.13
C LYS C 117 -63.22 -14.61 -16.71
N ALA C 118 -63.23 -15.91 -16.43
CA ALA C 118 -64.44 -16.59 -15.99
C ALA C 118 -65.05 -15.82 -14.84
N ALA C 119 -64.41 -15.90 -13.68
CA ALA C 119 -64.89 -15.22 -12.49
C ALA C 119 -65.07 -13.72 -12.71
N ASN C 120 -64.64 -13.25 -13.88
CA ASN C 120 -64.73 -11.83 -14.24
C ASN C 120 -63.93 -10.98 -13.26
N LYS C 121 -63.01 -11.63 -12.55
CA LYS C 121 -62.17 -10.93 -11.60
C LYS C 121 -60.83 -10.61 -12.24
N LYS C 122 -60.11 -9.66 -11.65
CA LYS C 122 -58.80 -9.25 -12.19
C LYS C 122 -57.63 -10.10 -11.68
N LEU C 123 -56.59 -10.14 -12.51
CA LEU C 123 -55.39 -10.91 -12.17
C LEU C 123 -54.15 -10.02 -12.33
N MET C 124 -53.49 -9.73 -11.22
CA MET C 124 -52.31 -8.88 -11.23
C MET C 124 -51.10 -9.58 -10.62
N ILE C 125 -49.98 -9.56 -11.35
CA ILE C 125 -48.75 -10.20 -10.90
C ILE C 125 -47.90 -9.19 -10.13
N GLY C 126 -47.19 -9.68 -9.11
CA GLY C 126 -46.38 -8.83 -8.25
C GLY C 126 -45.10 -8.19 -8.76
N TYR C 127 -45.19 -7.41 -9.82
CA TYR C 127 -44.02 -6.72 -10.36
C TYR C 127 -43.92 -5.34 -9.71
N ARG C 128 -43.53 -5.33 -8.44
CA ARG C 128 -43.39 -4.09 -7.70
C ARG C 128 -42.57 -3.04 -8.44
N CYS C 129 -41.65 -3.50 -9.29
CA CYS C 129 -40.82 -2.55 -10.02
C CYS C 129 -41.65 -1.71 -10.95
N HIS C 130 -42.87 -2.14 -11.24
CA HIS C 130 -43.74 -1.38 -12.12
C HIS C 130 -44.43 -0.28 -11.34
N TYR C 131 -44.11 -0.18 -10.05
CA TYR C 131 -44.73 0.81 -9.17
C TYR C 131 -43.66 1.52 -8.34
N ASP C 132 -42.40 1.28 -8.71
CA ASP C 132 -41.26 1.92 -8.05
C ASP C 132 -40.99 3.23 -8.78
N PRO C 133 -41.11 4.36 -8.08
CA PRO C 133 -40.89 5.66 -8.70
C PRO C 133 -39.58 5.78 -9.46
N MET C 134 -38.54 5.20 -8.88
CA MET C 134 -37.22 5.24 -9.48
C MET C 134 -37.25 4.56 -10.84
N ASN C 135 -37.84 3.37 -10.91
CA ASN C 135 -37.88 2.69 -12.19
C ASN C 135 -38.74 3.45 -13.16
N ARG C 136 -39.84 3.99 -12.68
CA ARG C 136 -40.73 4.73 -13.56
C ARG C 136 -40.02 5.96 -14.11
N ALA C 137 -39.16 6.54 -13.28
CA ALA C 137 -38.41 7.71 -13.71
C ALA C 137 -37.41 7.31 -14.80
N ALA C 138 -36.81 6.13 -14.63
CA ALA C 138 -35.86 5.66 -15.62
C ALA C 138 -36.61 5.52 -16.93
N VAL C 139 -37.76 4.87 -16.87
CA VAL C 139 -38.57 4.66 -18.06
C VAL C 139 -38.96 5.97 -18.72
N LYS C 140 -39.34 6.95 -17.91
CA LYS C 140 -39.74 8.24 -18.42
C LYS C 140 -38.65 8.91 -19.25
N LEU C 141 -37.46 9.05 -18.67
CA LEU C 141 -36.34 9.68 -19.36
C LEU C 141 -35.92 8.93 -20.62
N ILE C 142 -36.15 7.62 -20.67
CA ILE C 142 -35.80 6.88 -21.86
C ILE C 142 -36.82 7.22 -22.95
N ARG C 143 -38.08 7.26 -22.58
CA ARG C 143 -39.15 7.58 -23.52
C ARG C 143 -39.00 9.02 -24.02
N GLU C 144 -38.49 9.89 -23.15
CA GLU C 144 -38.27 11.28 -23.53
C GLU C 144 -37.01 11.40 -24.40
N ASN C 145 -36.50 10.25 -24.83
CA ASN C 145 -35.33 10.21 -25.69
C ASN C 145 -34.06 10.87 -25.13
N GLN C 146 -33.80 10.70 -23.84
CA GLN C 146 -32.61 11.30 -23.25
C GLN C 146 -31.36 10.45 -23.45
N LEU C 147 -31.58 9.19 -23.80
CA LEU C 147 -30.49 8.28 -24.06
C LEU C 147 -30.22 8.21 -25.56
N GLY C 148 -31.20 8.68 -26.35
CA GLY C 148 -31.08 8.63 -27.79
C GLY C 148 -31.58 7.26 -28.22
N LYS C 149 -31.07 6.72 -29.32
CA LYS C 149 -31.52 5.41 -29.75
C LYS C 149 -30.84 4.32 -28.90
N LEU C 150 -31.66 3.53 -28.23
CA LEU C 150 -31.17 2.46 -27.37
C LEU C 150 -30.44 1.37 -28.16
N GLY C 151 -29.27 0.94 -27.67
CA GLY C 151 -28.54 -0.09 -28.37
C GLY C 151 -28.01 -1.27 -27.54
N MET C 152 -27.68 -1.03 -26.27
CA MET C 152 -27.16 -2.10 -25.43
C MET C 152 -27.61 -2.00 -23.98
N VAL C 153 -28.37 -3.01 -23.59
CA VAL C 153 -28.88 -3.12 -22.22
C VAL C 153 -28.05 -4.19 -21.50
N THR C 154 -27.77 -3.97 -20.23
CA THR C 154 -26.99 -4.94 -19.47
C THR C 154 -27.64 -5.08 -18.10
N THR C 155 -27.93 -6.31 -17.71
CA THR C 155 -28.52 -6.57 -16.40
C THR C 155 -27.81 -7.69 -15.64
N ASP C 156 -27.86 -7.60 -14.32
CA ASP C 156 -27.30 -8.59 -13.40
C ASP C 156 -28.14 -8.58 -12.13
N ASN C 157 -28.52 -9.75 -11.68
CA ASN C 157 -29.32 -9.89 -10.48
C ASN C 157 -28.82 -11.10 -9.75
N SER C 158 -28.27 -10.86 -8.56
CA SER C 158 -27.71 -11.95 -7.78
C SER C 158 -27.85 -11.80 -6.28
N ASP C 159 -27.79 -12.95 -5.61
CA ASP C 159 -27.85 -13.01 -4.16
C ASP C 159 -27.53 -14.43 -3.73
N VAL C 160 -26.69 -14.56 -2.72
CA VAL C 160 -26.28 -15.86 -2.23
C VAL C 160 -27.45 -16.65 -1.65
N MET C 161 -27.66 -17.85 -2.20
CA MET C 161 -28.71 -18.75 -1.79
C MET C 161 -28.20 -19.59 -0.62
N ASP C 162 -28.85 -19.45 0.53
CA ASP C 162 -28.48 -20.17 1.74
C ASP C 162 -28.22 -21.65 1.44
N GLN C 163 -27.17 -22.20 2.02
CA GLN C 163 -26.81 -23.60 1.80
C GLN C 163 -27.50 -24.53 2.80
N ASN C 164 -27.92 -23.98 3.94
CA ASN C 164 -28.59 -24.75 5.00
C ASN C 164 -29.54 -25.82 4.45
N ASP C 165 -29.06 -27.06 4.38
CA ASP C 165 -29.86 -28.17 3.87
C ASP C 165 -30.77 -27.74 2.72
N PRO C 166 -30.25 -27.75 1.48
CA PRO C 166 -31.02 -27.35 0.30
C PRO C 166 -32.38 -28.07 0.16
N ALA C 167 -32.61 -29.07 1.00
CA ALA C 167 -33.87 -29.79 0.98
C ALA C 167 -34.82 -29.00 1.85
N GLN C 168 -34.37 -27.80 2.22
CA GLN C 168 -35.16 -26.91 3.05
C GLN C 168 -35.69 -25.71 2.28
N GLN C 169 -34.93 -25.26 1.28
CA GLN C 169 -35.32 -24.11 0.46
C GLN C 169 -36.15 -24.53 -0.75
N TRP C 170 -37.46 -24.24 -0.72
CA TRP C 170 -38.33 -24.61 -1.83
C TRP C 170 -37.81 -24.08 -3.15
N ARG C 171 -36.90 -23.11 -3.08
CA ARG C 171 -36.29 -22.52 -4.28
C ARG C 171 -35.28 -23.46 -4.94
N LEU C 172 -34.74 -24.37 -4.14
CA LEU C 172 -33.75 -25.32 -4.62
C LEU C 172 -34.34 -26.65 -5.08
N ARG C 173 -35.69 -26.72 -5.05
CA ARG C 173 -36.43 -27.91 -5.47
C ARG C 173 -37.21 -27.60 -6.74
N ARG C 174 -36.78 -28.15 -7.86
CA ARG C 174 -37.45 -27.88 -9.15
C ARG C 174 -38.97 -27.75 -9.09
N GLU C 175 -39.63 -28.83 -8.66
CA GLU C 175 -41.10 -28.90 -8.56
C GLU C 175 -41.79 -27.69 -7.94
N LEU C 176 -41.24 -27.21 -6.83
CA LEU C 176 -41.83 -26.05 -6.14
C LEU C 176 -41.38 -24.72 -6.74
N ALA C 177 -40.21 -24.73 -7.36
CA ALA C 177 -39.65 -23.51 -7.93
C ALA C 177 -39.91 -23.30 -9.41
N GLY C 178 -39.63 -24.31 -10.23
CA GLY C 178 -39.83 -24.18 -11.66
C GLY C 178 -38.51 -23.84 -12.36
N GLY C 179 -37.56 -23.30 -11.61
CA GLY C 179 -36.26 -22.94 -12.17
C GLY C 179 -35.31 -22.41 -11.11
N GLY C 180 -34.09 -22.07 -11.51
CA GLY C 180 -33.12 -21.54 -10.57
C GLY C 180 -33.15 -20.02 -10.42
N SER C 181 -31.98 -19.41 -10.39
CA SER C 181 -31.86 -17.97 -10.25
C SER C 181 -32.63 -17.16 -11.30
N LEU C 182 -32.78 -17.72 -12.50
CA LEU C 182 -33.53 -17.00 -13.52
C LEU C 182 -34.97 -16.77 -13.08
N MET C 183 -35.67 -17.86 -12.73
CA MET C 183 -37.07 -17.81 -12.28
C MET C 183 -37.22 -16.92 -11.06
N ASP C 184 -36.28 -17.06 -10.13
CA ASP C 184 -36.30 -16.32 -8.89
C ASP C 184 -35.95 -14.82 -8.98
N ILE C 185 -34.83 -14.49 -9.61
CA ILE C 185 -34.42 -13.10 -9.70
C ILE C 185 -33.98 -12.57 -11.04
N GLY C 186 -33.48 -13.44 -11.91
CA GLY C 186 -33.07 -12.99 -13.23
C GLY C 186 -34.26 -12.35 -13.90
N ILE C 187 -35.44 -12.87 -13.57
CA ILE C 187 -36.69 -12.38 -14.10
C ILE C 187 -36.76 -10.85 -13.99
N TYR C 188 -36.11 -10.28 -12.98
CA TYR C 188 -36.11 -8.83 -12.84
C TYR C 188 -35.34 -8.21 -14.00
N GLY C 189 -34.23 -8.83 -14.38
CA GLY C 189 -33.45 -8.32 -15.47
C GLY C 189 -34.20 -8.48 -16.77
N LEU C 190 -34.77 -9.66 -16.97
CA LEU C 190 -35.50 -9.94 -18.17
C LEU C 190 -36.66 -8.94 -18.30
N ASN C 191 -37.45 -8.85 -17.24
CA ASN C 191 -38.61 -7.97 -17.20
C ASN C 191 -38.21 -6.50 -17.38
N GLY C 192 -37.10 -6.13 -16.76
CA GLY C 192 -36.63 -4.76 -16.85
C GLY C 192 -36.15 -4.39 -18.25
N THR C 193 -35.44 -5.31 -18.88
CA THR C 193 -34.93 -5.06 -20.24
C THR C 193 -36.10 -4.70 -21.12
N ARG C 194 -37.18 -5.43 -20.95
CA ARG C 194 -38.40 -5.24 -21.72
C ARG C 194 -39.09 -3.91 -21.48
N TYR C 195 -39.32 -3.55 -20.23
CA TYR C 195 -39.99 -2.28 -20.00
C TYR C 195 -39.05 -1.08 -20.11
N LEU C 196 -37.76 -1.33 -20.07
CA LEU C 196 -36.81 -0.24 -20.21
C LEU C 196 -36.70 0.08 -21.68
N LEU C 197 -36.64 -0.98 -22.49
CA LEU C 197 -36.56 -0.81 -23.93
C LEU C 197 -37.94 -0.49 -24.53
N GLY C 198 -39.00 -0.94 -23.86
CA GLY C 198 -40.34 -0.72 -24.35
C GLY C 198 -40.67 -1.59 -25.55
N GLU C 199 -40.17 -2.82 -25.54
CA GLU C 199 -40.38 -3.74 -26.65
C GLU C 199 -40.03 -5.17 -26.25
N GLU C 200 -40.36 -6.13 -27.10
CA GLU C 200 -40.12 -7.53 -26.80
C GLU C 200 -38.98 -8.15 -27.60
N PRO C 201 -38.28 -9.11 -27.00
CA PRO C 201 -37.18 -9.77 -27.68
C PRO C 201 -37.76 -10.66 -28.76
N ILE C 202 -37.17 -10.67 -29.94
CA ILE C 202 -37.68 -11.52 -31.01
C ILE C 202 -36.83 -12.76 -31.13
N GLU C 203 -35.63 -12.70 -30.57
CA GLU C 203 -34.67 -13.80 -30.62
C GLU C 203 -33.98 -13.92 -29.27
N VAL C 204 -33.64 -15.14 -28.87
CA VAL C 204 -33.00 -15.35 -27.58
C VAL C 204 -31.90 -16.42 -27.56
N ARG C 205 -30.83 -16.15 -26.83
CA ARG C 205 -29.71 -17.08 -26.69
C ARG C 205 -29.29 -17.09 -25.23
N ALA C 206 -28.82 -18.24 -24.75
CA ALA C 206 -28.40 -18.32 -23.35
C ALA C 206 -27.49 -19.47 -23.09
N TYR C 207 -26.90 -19.46 -21.91
CA TYR C 207 -25.99 -20.50 -21.47
C TYR C 207 -26.02 -20.52 -19.95
N THR C 208 -25.94 -21.71 -19.39
CA THR C 208 -25.97 -21.82 -17.94
C THR C 208 -24.89 -22.76 -17.41
N TYR C 209 -24.48 -22.51 -16.18
CA TYR C 209 -23.47 -23.33 -15.54
C TYR C 209 -23.63 -23.26 -14.04
N SER C 210 -23.59 -24.43 -13.40
CA SER C 210 -23.69 -24.52 -11.94
C SER C 210 -22.62 -25.51 -11.53
N ASP C 211 -21.95 -25.25 -10.41
CA ASP C 211 -20.93 -26.19 -9.94
C ASP C 211 -21.57 -27.57 -9.68
N PRO C 212 -21.02 -28.62 -10.32
CA PRO C 212 -21.54 -29.98 -10.16
C PRO C 212 -21.37 -30.54 -8.75
N ASN C 213 -20.53 -29.90 -7.94
CA ASN C 213 -20.29 -30.34 -6.58
C ASN C 213 -21.01 -29.50 -5.53
N ASP C 214 -21.92 -28.64 -5.96
CA ASP C 214 -22.66 -27.82 -5.02
C ASP C 214 -24.07 -28.38 -4.81
N GLU C 215 -24.31 -28.88 -3.59
CA GLU C 215 -25.58 -29.48 -3.23
C GLU C 215 -26.81 -28.64 -3.56
N ARG C 216 -26.62 -27.33 -3.63
CA ARG C 216 -27.73 -26.42 -3.90
C ARG C 216 -28.32 -26.49 -5.29
N PHE C 217 -27.47 -26.69 -6.28
CA PHE C 217 -27.92 -26.67 -7.66
C PHE C 217 -28.03 -28.02 -8.33
N VAL C 218 -28.73 -28.92 -7.67
CA VAL C 218 -28.89 -30.26 -8.20
C VAL C 218 -30.15 -30.30 -9.07
N GLU C 219 -31.09 -29.41 -8.79
CA GLU C 219 -32.34 -29.35 -9.54
C GLU C 219 -32.52 -28.02 -10.27
N VAL C 220 -32.12 -26.93 -9.64
CA VAL C 220 -32.24 -25.61 -10.23
C VAL C 220 -30.86 -25.00 -10.49
N GLU C 221 -30.75 -24.23 -11.58
CA GLU C 221 -29.48 -23.63 -11.94
C GLU C 221 -29.02 -22.52 -11.01
N ASP C 222 -27.70 -22.40 -10.89
CA ASP C 222 -27.11 -21.38 -10.05
C ASP C 222 -26.90 -20.08 -10.84
N ARG C 223 -26.17 -20.18 -11.93
CA ARG C 223 -25.90 -19.03 -12.79
C ARG C 223 -26.27 -19.28 -14.23
N ILE C 224 -26.89 -18.28 -14.84
CA ILE C 224 -27.30 -18.37 -16.23
C ILE C 224 -27.22 -16.99 -16.90
N ILE C 225 -26.62 -17.01 -18.08
CA ILE C 225 -26.41 -15.80 -18.88
C ILE C 225 -27.26 -15.85 -20.14
N TRP C 226 -28.01 -14.80 -20.40
CA TRP C 226 -28.84 -14.77 -21.59
C TRP C 226 -28.62 -13.50 -22.39
N GLN C 227 -28.73 -13.64 -23.70
CA GLN C 227 -28.54 -12.53 -24.65
C GLN C 227 -29.78 -12.46 -25.53
N MET C 228 -30.28 -11.26 -25.73
CA MET C 228 -31.47 -11.10 -26.55
C MET C 228 -31.32 -9.99 -27.59
N ARG C 229 -32.13 -10.09 -28.64
CA ARG C 229 -32.16 -9.10 -29.70
C ARG C 229 -33.59 -8.62 -29.89
N PHE C 230 -33.75 -7.33 -30.17
CA PHE C 230 -35.07 -6.79 -30.37
C PHE C 230 -35.27 -6.31 -31.80
N ARG C 231 -36.51 -5.95 -32.13
CA ARG C 231 -36.84 -5.47 -33.47
C ARG C 231 -36.10 -4.19 -33.82
N SER C 232 -36.01 -3.29 -32.85
CA SER C 232 -35.33 -2.02 -33.06
C SER C 232 -33.83 -2.19 -33.29
N GLY C 233 -33.35 -3.43 -33.16
CA GLY C 233 -31.94 -3.71 -33.34
C GLY C 233 -31.18 -3.58 -32.03
N ALA C 234 -31.89 -3.28 -30.95
CA ALA C 234 -31.24 -3.16 -29.64
C ALA C 234 -30.80 -4.56 -29.21
N LEU C 235 -29.80 -4.58 -28.34
CA LEU C 235 -29.28 -5.85 -27.83
C LEU C 235 -29.19 -5.84 -26.32
N SER C 236 -29.08 -7.03 -25.74
CA SER C 236 -28.97 -7.10 -24.31
C SER C 236 -28.20 -8.34 -23.88
N HIS C 237 -27.56 -8.23 -22.72
CA HIS C 237 -26.86 -9.36 -22.15
C HIS C 237 -27.02 -9.22 -20.65
N GLY C 238 -27.58 -10.26 -20.05
CA GLY C 238 -27.80 -10.26 -18.62
C GLY C 238 -27.54 -11.63 -18.00
N ALA C 239 -27.54 -11.64 -16.68
CA ALA C 239 -27.32 -12.87 -15.94
C ALA C 239 -27.92 -12.82 -14.53
N SER C 240 -28.13 -13.99 -13.96
CA SER C 240 -28.64 -14.11 -12.60
C SER C 240 -27.71 -15.13 -11.93
N SER C 241 -27.49 -14.96 -10.64
CA SER C 241 -26.60 -15.85 -9.90
C SER C 241 -27.13 -16.16 -8.50
N TYR C 242 -26.94 -17.41 -8.07
CA TYR C 242 -27.35 -17.83 -6.75
C TYR C 242 -26.14 -18.01 -5.82
N SER C 243 -24.94 -17.82 -6.35
CA SER C 243 -23.73 -18.00 -5.53
C SER C 243 -22.86 -16.78 -5.32
N THR C 244 -23.37 -15.60 -5.62
CA THR C 244 -22.59 -14.37 -5.44
C THR C 244 -23.49 -13.36 -4.76
N THR C 245 -22.92 -12.50 -3.91
CA THR C 245 -23.73 -11.53 -3.18
C THR C 245 -24.58 -10.55 -3.96
N THR C 246 -25.41 -9.85 -3.19
CA THR C 246 -26.36 -8.89 -3.68
C THR C 246 -25.94 -7.99 -4.84
N THR C 247 -26.61 -8.22 -5.96
CA THR C 247 -26.36 -7.47 -7.16
C THR C 247 -27.69 -7.16 -7.85
N SER C 248 -27.97 -5.88 -8.02
CA SER C 248 -29.16 -5.44 -8.73
C SER C 248 -28.67 -4.27 -9.57
N ARG C 249 -28.16 -4.57 -10.75
CA ARG C 249 -27.60 -3.54 -11.61
C ARG C 249 -28.01 -3.58 -13.09
N PHE C 250 -28.63 -2.50 -13.55
CA PHE C 250 -29.07 -2.36 -14.95
C PHE C 250 -28.37 -1.15 -15.62
N SER C 251 -28.00 -1.32 -16.88
CA SER C 251 -27.38 -0.22 -17.63
C SER C 251 -28.06 -0.22 -19.01
N VAL C 252 -28.39 0.98 -19.49
CA VAL C 252 -29.03 1.11 -20.79
C VAL C 252 -28.20 2.11 -21.59
N GLN C 253 -27.65 1.66 -22.70
CA GLN C 253 -26.83 2.50 -23.57
C GLN C 253 -27.56 3.05 -24.80
N GLY C 254 -27.52 4.36 -24.95
CA GLY C 254 -28.13 4.96 -26.13
C GLY C 254 -26.99 5.62 -26.90
N ASP C 255 -27.32 6.28 -28.00
CA ASP C 255 -26.27 6.95 -28.74
C ASP C 255 -26.01 8.31 -28.12
N LYS C 256 -26.95 8.79 -27.32
CA LYS C 256 -26.84 10.09 -26.67
C LYS C 256 -26.23 9.97 -25.30
N ALA C 257 -26.73 9.01 -24.53
CA ALA C 257 -26.20 8.83 -23.18
C ALA C 257 -26.44 7.43 -22.65
N VAL C 258 -25.92 7.19 -21.44
CA VAL C 258 -26.04 5.90 -20.80
C VAL C 258 -26.72 6.00 -19.44
N LEU C 259 -27.72 5.15 -19.23
CA LEU C 259 -28.45 5.11 -17.97
C LEU C 259 -27.89 4.00 -17.05
N LEU C 260 -27.70 4.32 -15.77
CA LEU C 260 -27.23 3.32 -14.82
C LEU C 260 -28.14 3.25 -13.59
N MET C 261 -28.72 2.07 -13.37
CA MET C 261 -29.61 1.82 -12.22
C MET C 261 -28.89 0.84 -11.28
N ASP C 262 -28.44 1.35 -10.14
CA ASP C 262 -27.72 0.52 -9.18
C ASP C 262 -27.77 1.14 -7.79
N PRO C 263 -28.58 0.55 -6.88
CA PRO C 263 -29.42 -0.62 -7.12
C PRO C 263 -30.62 -0.32 -8.02
N ALA C 264 -30.97 -1.31 -8.83
CA ALA C 264 -32.05 -1.22 -9.79
C ALA C 264 -33.41 -1.73 -9.31
N THR C 265 -33.42 -2.85 -8.62
CA THR C 265 -34.66 -3.43 -8.17
C THR C 265 -34.63 -3.81 -6.72
N GLY C 266 -34.08 -2.95 -5.87
CA GLY C 266 -34.03 -3.27 -4.46
C GLY C 266 -35.30 -2.93 -3.69
N TYR C 267 -35.35 -3.36 -2.43
CA TYR C 267 -36.52 -3.11 -1.58
C TYR C 267 -36.55 -1.65 -1.17
N TYR C 268 -35.38 -1.10 -0.86
CA TYR C 268 -35.28 0.29 -0.41
C TYR C 268 -34.52 1.12 -1.43
N GLN C 269 -34.73 2.42 -1.37
CA GLN C 269 -34.13 3.40 -2.27
C GLN C 269 -33.20 2.95 -3.41
N ASN C 270 -33.76 2.81 -4.60
CA ASN C 270 -33.01 2.43 -5.78
C ASN C 270 -32.34 3.69 -6.32
N LEU C 271 -31.24 3.56 -7.06
CA LEU C 271 -30.51 4.71 -7.61
C LEU C 271 -30.32 4.65 -9.11
N ILE C 272 -30.56 5.77 -9.78
CA ILE C 272 -30.36 5.82 -11.22
C ILE C 272 -29.57 7.06 -11.58
N SER C 273 -28.72 6.94 -12.58
CA SER C 273 -27.92 8.08 -13.02
C SER C 273 -27.70 8.01 -14.50
N VAL C 274 -27.45 9.18 -15.09
CA VAL C 274 -27.22 9.28 -16.52
C VAL C 274 -25.84 9.85 -16.82
N GLN C 275 -25.15 9.22 -17.77
CA GLN C 275 -23.81 9.67 -18.16
C GLN C 275 -23.84 10.06 -19.62
N THR C 276 -23.33 11.25 -19.96
CA THR C 276 -23.32 11.75 -21.34
C THR C 276 -21.96 11.74 -22.04
N ALA C 292 -43.15 11.16 -4.79
CA ALA C 292 -42.74 10.44 -3.56
C ALA C 292 -43.74 9.32 -3.23
N ASN C 293 -43.23 8.14 -2.87
CA ASN C 293 -44.06 6.99 -2.52
C ASN C 293 -43.21 5.72 -2.52
N ASN C 294 -43.81 4.53 -2.33
CA ASN C 294 -42.99 3.33 -2.31
C ASN C 294 -43.66 2.20 -3.06
N GLN C 295 -42.87 1.46 -3.83
CA GLN C 295 -43.35 0.35 -4.65
C GLN C 295 -44.40 -0.53 -3.98
N PHE C 296 -44.10 -1.05 -2.80
CA PHE C 296 -45.01 -1.92 -2.07
C PHE C 296 -46.41 -1.34 -1.92
N SER C 297 -46.51 -0.17 -1.30
CA SER C 297 -47.81 0.48 -1.14
C SER C 297 -48.45 0.65 -2.51
N ALA C 298 -47.82 1.44 -3.37
CA ALA C 298 -48.30 1.70 -4.71
C ALA C 298 -48.75 0.45 -5.46
N GLN C 299 -48.14 -0.68 -5.15
CA GLN C 299 -48.52 -1.92 -5.81
C GLN C 299 -49.89 -2.35 -5.31
N LEU C 300 -50.03 -2.40 -3.99
CA LEU C 300 -51.28 -2.79 -3.33
C LEU C 300 -52.41 -1.87 -3.74
N ASP C 301 -52.22 -0.58 -3.57
CA ASP C 301 -53.26 0.38 -3.93
C ASP C 301 -53.55 0.40 -5.42
N HIS C 302 -52.67 -0.20 -6.21
CA HIS C 302 -52.88 -0.19 -7.64
C HIS C 302 -53.95 -1.19 -8.06
N LEU C 303 -54.00 -2.32 -7.37
CA LEU C 303 -55.01 -3.32 -7.69
C LEU C 303 -56.37 -2.80 -7.22
N ALA C 304 -56.37 -2.14 -6.07
CA ALA C 304 -57.58 -1.59 -5.51
C ALA C 304 -58.21 -0.64 -6.53
N GLU C 305 -57.55 0.47 -6.78
CA GLU C 305 -58.03 1.46 -7.72
C GLU C 305 -58.48 0.86 -9.05
N ALA C 306 -57.72 -0.10 -9.57
CA ALA C 306 -58.10 -0.71 -10.84
C ALA C 306 -59.54 -1.22 -10.75
N VAL C 307 -59.84 -1.89 -9.64
CA VAL C 307 -61.17 -2.42 -9.40
C VAL C 307 -62.14 -1.27 -9.23
N ILE C 308 -61.83 -0.38 -8.29
CA ILE C 308 -62.65 0.79 -8.02
C ILE C 308 -62.92 1.65 -9.26
N ASN C 309 -62.33 1.28 -10.40
CA ASN C 309 -62.55 2.05 -11.62
C ASN C 309 -62.72 1.20 -12.87
N ASN C 310 -62.96 -0.09 -12.71
CA ASN C 310 -63.15 -0.97 -13.87
C ASN C 310 -62.07 -0.66 -14.90
N LYS C 311 -60.86 -0.42 -14.41
CA LYS C 311 -59.73 -0.12 -15.27
C LYS C 311 -58.73 -1.26 -15.18
N PRO C 312 -58.17 -1.69 -16.32
CA PRO C 312 -57.20 -2.78 -16.33
C PRO C 312 -55.96 -2.42 -15.52
N VAL C 313 -55.38 -3.43 -14.88
CA VAL C 313 -54.19 -3.26 -14.05
C VAL C 313 -52.92 -3.23 -14.93
N ARG C 314 -51.89 -2.53 -14.46
CA ARG C 314 -50.64 -2.41 -15.22
C ARG C 314 -49.87 -3.71 -15.38
N SER C 315 -49.96 -4.58 -14.38
CA SER C 315 -49.24 -5.83 -14.45
C SER C 315 -50.20 -7.03 -14.45
N PRO C 316 -50.83 -7.29 -15.60
CA PRO C 316 -51.78 -8.39 -15.78
C PRO C 316 -51.11 -9.75 -15.85
N GLY C 317 -51.91 -10.80 -15.79
CA GLY C 317 -51.37 -12.14 -15.85
C GLY C 317 -50.85 -12.45 -17.23
N GLU C 318 -51.18 -11.61 -18.20
CA GLU C 318 -50.73 -11.81 -19.57
C GLU C 318 -49.25 -11.46 -19.62
N GLU C 319 -48.87 -10.47 -18.83
CA GLU C 319 -47.51 -10.00 -18.71
C GLU C 319 -46.69 -11.03 -17.94
N GLY C 320 -47.29 -11.58 -16.90
CA GLY C 320 -46.60 -12.58 -16.11
C GLY C 320 -46.36 -13.82 -16.94
N MET C 321 -47.25 -14.07 -17.88
CA MET C 321 -47.13 -15.23 -18.73
C MET C 321 -46.00 -15.01 -19.75
N GLN C 322 -45.95 -13.81 -20.33
CA GLN C 322 -44.93 -13.47 -21.30
C GLN C 322 -43.54 -13.78 -20.72
N ASP C 323 -43.30 -13.36 -19.48
CA ASP C 323 -42.02 -13.60 -18.81
C ASP C 323 -41.77 -15.09 -18.67
N VAL C 324 -42.76 -15.81 -18.14
CA VAL C 324 -42.64 -17.24 -17.95
C VAL C 324 -42.30 -17.91 -19.27
N ARG C 325 -42.97 -17.49 -20.33
CA ARG C 325 -42.75 -18.08 -21.64
C ARG C 325 -41.33 -17.77 -22.12
N LEU C 326 -40.89 -16.54 -21.88
CA LEU C 326 -39.55 -16.15 -22.26
C LEU C 326 -38.53 -16.96 -21.48
N ILE C 327 -38.72 -17.04 -20.17
CA ILE C 327 -37.82 -17.81 -19.33
C ILE C 327 -37.68 -19.22 -19.89
N GLN C 328 -38.79 -19.80 -20.34
CA GLN C 328 -38.77 -21.14 -20.90
C GLN C 328 -37.88 -21.21 -22.15
N ALA C 329 -38.00 -20.20 -23.01
CA ALA C 329 -37.21 -20.11 -24.24
C ALA C 329 -35.74 -19.91 -23.85
N ILE C 330 -35.50 -19.20 -22.77
CA ILE C 330 -34.14 -18.99 -22.33
C ILE C 330 -33.56 -20.31 -21.80
N TYR C 331 -34.36 -21.06 -21.05
CA TYR C 331 -33.89 -22.35 -20.53
C TYR C 331 -33.69 -23.32 -21.71
N GLU C 332 -34.57 -23.23 -22.70
CA GLU C 332 -34.49 -24.09 -23.87
C GLU C 332 -33.15 -23.84 -24.57
N ALA C 333 -32.86 -22.56 -24.82
CA ALA C 333 -31.63 -22.12 -25.48
C ALA C 333 -30.42 -22.63 -24.72
N ALA C 334 -30.43 -22.45 -23.41
CA ALA C 334 -29.31 -22.88 -22.59
C ALA C 334 -29.13 -24.39 -22.70
N ARG C 335 -30.24 -25.09 -22.86
CA ARG C 335 -30.24 -26.54 -22.96
C ARG C 335 -29.72 -27.02 -24.32
N THR C 336 -30.22 -26.39 -25.38
CA THR C 336 -29.82 -26.77 -26.73
C THR C 336 -28.53 -26.12 -27.24
N GLY C 337 -28.26 -24.91 -26.79
CA GLY C 337 -27.06 -24.23 -27.24
C GLY C 337 -27.27 -23.57 -28.58
N ARG C 338 -28.53 -23.42 -28.99
CA ARG C 338 -28.86 -22.78 -30.25
C ARG C 338 -29.76 -21.60 -29.94
N PRO C 339 -29.88 -20.64 -30.86
CA PRO C 339 -30.78 -19.52 -30.52
C PRO C 339 -32.22 -19.98 -30.55
N VAL C 340 -33.11 -19.29 -29.84
CA VAL C 340 -34.53 -19.64 -29.80
C VAL C 340 -35.37 -18.44 -30.19
N ASN C 341 -36.24 -18.65 -31.19
CA ASN C 341 -37.11 -17.60 -31.68
C ASN C 341 -38.15 -17.36 -30.62
N THR C 342 -38.44 -16.10 -30.34
CA THR C 342 -39.43 -15.74 -29.33
C THR C 342 -40.34 -14.68 -29.90
N ASP C 343 -40.23 -14.48 -31.21
CA ASP C 343 -41.04 -13.49 -31.91
C ASP C 343 -42.46 -14.04 -32.10
N TRP C 344 -43.24 -14.08 -31.03
CA TRP C 344 -44.59 -14.62 -31.10
C TRP C 344 -45.68 -13.59 -30.88
N GLY C 345 -45.47 -12.39 -31.41
CA GLY C 345 -46.47 -11.35 -31.32
C GLY C 345 -47.03 -10.88 -29.99
N TYR C 346 -46.39 -11.19 -28.86
CA TYR C 346 -46.90 -10.70 -27.59
C TYR C 346 -46.99 -9.17 -27.64
N VAL C 347 -47.94 -8.59 -26.89
CA VAL C 347 -48.09 -7.15 -26.88
C VAL C 347 -48.52 -6.62 -25.52
N ARG C 348 -47.75 -5.70 -24.96
CA ARG C 348 -48.09 -5.19 -23.65
C ARG C 348 -49.17 -4.14 -23.72
N GLN C 349 -50.40 -4.60 -23.59
CA GLN C 349 -51.54 -3.71 -23.60
C GLN C 349 -51.25 -2.65 -22.57
N GLY C 350 -51.53 -1.40 -22.90
CA GLY C 350 -51.30 -0.32 -21.97
C GLY C 350 -49.91 0.27 -22.00
N GLY C 351 -48.89 -0.57 -22.23
CA GLY C 351 -47.53 -0.05 -22.28
C GLY C 351 -46.60 -0.78 -21.33
N TYR C 352 -45.46 -0.16 -21.04
CA TYR C 352 -44.46 -0.74 -20.15
C TYR C 352 -44.26 0.10 -18.90
N ARG D 1 4.21 -25.45 39.98
CA ARG D 1 3.65 -24.07 39.80
C ARG D 1 2.86 -23.62 41.04
N ARG D 2 3.54 -23.58 42.17
CA ARG D 2 2.94 -23.19 43.44
C ARG D 2 2.73 -21.68 43.61
N PHE D 3 3.28 -20.87 42.71
CA PHE D 3 3.11 -19.41 42.81
C PHE D 3 1.97 -18.91 41.95
N GLY D 4 0.93 -18.39 42.59
CA GLY D 4 -0.23 -17.90 41.87
C GLY D 4 -0.18 -16.43 41.51
N TYR D 5 -0.49 -16.13 40.26
CA TYR D 5 -0.47 -14.76 39.76
C TYR D 5 -1.85 -14.23 39.46
N ALA D 6 -2.06 -12.96 39.78
CA ALA D 6 -3.33 -12.30 39.51
C ALA D 6 -3.01 -11.23 38.48
N ILE D 7 -3.38 -11.48 37.23
CA ILE D 7 -3.10 -10.53 36.15
C ILE D 7 -4.12 -9.41 36.06
N VAL D 8 -3.66 -8.19 36.30
CA VAL D 8 -4.51 -7.00 36.26
C VAL D 8 -4.30 -6.19 34.99
N GLY D 9 -5.27 -6.27 34.08
CA GLY D 9 -5.19 -5.54 32.82
C GLY D 9 -4.97 -6.48 31.65
N LEU D 10 -6.06 -7.00 31.10
CA LEU D 10 -5.94 -7.92 29.97
C LEU D 10 -5.88 -7.12 28.68
N GLY D 11 -4.77 -6.42 28.50
CA GLY D 11 -4.57 -5.62 27.31
C GLY D 11 -3.68 -6.30 26.29
N LYS D 12 -3.07 -5.48 25.43
CA LYS D 12 -2.20 -5.98 24.37
C LYS D 12 -0.97 -6.73 24.91
N TYR D 13 -0.28 -6.14 25.87
CA TYR D 13 0.90 -6.78 26.41
C TYR D 13 0.57 -8.03 27.23
N ALA D 14 -0.55 -8.00 27.95
CA ALA D 14 -0.96 -9.13 28.75
C ALA D 14 -1.36 -10.30 27.86
N LEU D 15 -2.24 -10.01 26.91
CA LEU D 15 -2.73 -11.02 26.00
C LEU D 15 -1.69 -11.53 25.02
N ASN D 16 -0.87 -10.62 24.49
CA ASN D 16 0.13 -11.01 23.52
C ASN D 16 1.45 -11.55 24.05
N GLN D 17 1.94 -11.01 25.14
CA GLN D 17 3.22 -11.48 25.65
C GLN D 17 3.19 -12.21 26.97
N ILE D 18 2.57 -11.59 27.98
CA ILE D 18 2.53 -12.16 29.33
C ILE D 18 1.75 -13.45 29.54
N LEU D 19 0.49 -13.49 29.15
CA LEU D 19 -0.26 -14.71 29.38
C LEU D 19 0.44 -15.89 28.71
N PRO D 20 0.77 -15.76 27.42
CA PRO D 20 1.46 -16.87 26.75
C PRO D 20 2.80 -17.17 27.43
N GLY D 21 3.38 -16.15 28.03
CA GLY D 21 4.65 -16.32 28.70
C GLY D 21 4.64 -17.36 29.79
N PHE D 22 3.49 -17.52 30.44
CA PHE D 22 3.36 -18.48 31.53
C PHE D 22 3.68 -19.90 31.10
N ALA D 23 3.42 -20.21 29.83
CA ALA D 23 3.67 -21.54 29.30
C ALA D 23 5.06 -22.08 29.63
N GLY D 24 6.04 -21.19 29.71
CA GLY D 24 7.38 -21.63 29.99
C GLY D 24 7.79 -21.59 31.45
N CYS D 25 6.96 -20.99 32.30
CA CYS D 25 7.28 -20.89 33.71
C CYS D 25 7.43 -22.28 34.34
N GLN D 26 8.03 -22.31 35.52
CA GLN D 26 8.25 -23.56 36.24
C GLN D 26 7.92 -23.39 37.71
N HIS D 27 7.14 -22.36 38.02
CA HIS D 27 6.74 -22.05 39.39
C HIS D 27 5.48 -21.21 39.35
N SER D 28 5.43 -20.31 38.38
CA SER D 28 4.29 -19.42 38.24
C SER D 28 3.13 -20.06 37.53
N ARG D 29 1.95 -19.51 37.75
CA ARG D 29 0.72 -19.98 37.14
C ARG D 29 -0.29 -18.84 37.17
N ILE D 30 -1.19 -18.82 36.20
CA ILE D 30 -2.23 -17.80 36.12
C ILE D 30 -3.36 -18.25 37.05
N GLU D 31 -3.47 -17.61 38.21
CA GLU D 31 -4.51 -18.00 39.16
C GLU D 31 -5.80 -17.20 38.99
N ALA D 32 -5.65 -15.89 38.75
CA ALA D 32 -6.81 -15.02 38.60
C ALA D 32 -6.61 -13.93 37.55
N LEU D 33 -7.73 -13.41 37.06
CA LEU D 33 -7.73 -12.35 36.06
C LEU D 33 -8.47 -11.15 36.64
N VAL D 34 -8.18 -9.96 36.11
CA VAL D 34 -8.81 -8.74 36.57
C VAL D 34 -8.98 -7.83 35.36
N ASP D 35 -10.15 -7.23 35.18
CA ASP D 35 -10.35 -6.35 34.04
C ASP D 35 -11.75 -5.72 34.03
N GLY D 36 -11.82 -4.51 33.48
CA GLY D 36 -13.08 -3.81 33.40
C GLY D 36 -13.95 -4.39 32.31
N ASN D 37 -13.85 -5.69 32.10
CA ASN D 37 -14.63 -6.38 31.09
C ASN D 37 -14.66 -7.88 31.37
N ALA D 38 -15.77 -8.36 31.90
CA ALA D 38 -15.92 -9.78 32.21
C ALA D 38 -16.04 -10.61 30.93
N GLU D 39 -16.65 -10.04 29.89
CA GLU D 39 -16.79 -10.73 28.61
C GLU D 39 -15.42 -11.27 28.15
N LYS D 40 -14.47 -10.36 27.97
CA LYS D 40 -13.11 -10.70 27.55
C LYS D 40 -12.49 -11.61 28.59
N ALA D 41 -12.56 -11.19 29.85
CA ALA D 41 -11.99 -11.98 30.93
C ALA D 41 -12.50 -13.41 30.85
N LYS D 42 -13.79 -13.55 30.54
CA LYS D 42 -14.38 -14.88 30.45
C LYS D 42 -13.65 -15.65 29.36
N ILE D 43 -13.76 -15.15 28.14
CA ILE D 43 -13.10 -15.78 27.00
C ILE D 43 -11.66 -16.10 27.35
N VAL D 44 -11.01 -15.15 28.01
CA VAL D 44 -9.61 -15.29 28.42
C VAL D 44 -9.45 -16.41 29.44
N ALA D 45 -10.22 -16.34 30.52
CA ALA D 45 -10.17 -17.35 31.59
C ALA D 45 -10.30 -18.75 30.99
N ALA D 46 -11.26 -18.91 30.09
CA ALA D 46 -11.48 -20.19 29.45
C ALA D 46 -10.19 -20.54 28.74
N GLU D 47 -9.83 -19.67 27.79
CA GLU D 47 -8.64 -19.80 26.98
C GLU D 47 -7.42 -20.31 27.74
N TYR D 48 -7.11 -19.73 28.89
CA TYR D 48 -5.94 -20.18 29.65
C TYR D 48 -6.24 -21.14 30.80
N GLY D 49 -7.47 -21.63 30.87
CA GLY D 49 -7.84 -22.57 31.91
C GLY D 49 -7.88 -22.03 33.34
N VAL D 50 -8.63 -20.95 33.54
CA VAL D 50 -8.77 -20.37 34.88
C VAL D 50 -10.25 -20.40 35.21
N ASP D 51 -10.60 -20.92 36.39
CA ASP D 51 -12.01 -20.99 36.78
C ASP D 51 -12.59 -19.58 36.81
N PRO D 52 -13.64 -19.34 35.99
CA PRO D 52 -14.30 -18.04 35.91
C PRO D 52 -14.73 -17.50 37.27
N ARG D 53 -14.50 -18.29 38.31
CA ARG D 53 -14.84 -17.90 39.66
C ARG D 53 -13.82 -16.90 40.19
N LYS D 54 -12.72 -16.73 39.46
CA LYS D 54 -11.68 -15.81 39.89
C LYS D 54 -11.50 -14.59 38.98
N ILE D 55 -12.57 -14.18 38.32
CA ILE D 55 -12.56 -13.02 37.45
C ILE D 55 -13.05 -11.80 38.22
N TYR D 56 -12.13 -10.92 38.60
CA TYR D 56 -12.51 -9.71 39.36
C TYR D 56 -12.58 -8.49 38.44
N ASP D 57 -12.76 -7.33 39.04
CA ASP D 57 -12.80 -6.07 38.30
C ASP D 57 -12.20 -5.00 39.20
N TYR D 58 -12.20 -3.76 38.73
CA TYR D 58 -11.60 -2.68 39.51
C TYR D 58 -12.38 -2.26 40.75
N SER D 59 -13.54 -2.87 40.99
CA SER D 59 -14.35 -2.56 42.16
C SER D 59 -14.05 -3.56 43.28
N ASN D 60 -14.25 -4.83 42.97
CA ASN D 60 -14.03 -5.91 43.92
C ASN D 60 -12.60 -6.43 43.84
N PHE D 61 -11.69 -5.59 43.36
CA PHE D 61 -10.29 -5.99 43.24
C PHE D 61 -9.75 -6.45 44.59
N ASP D 62 -9.96 -5.62 45.62
CA ASP D 62 -9.48 -5.91 46.96
C ASP D 62 -9.92 -7.28 47.45
N LYS D 63 -10.93 -7.84 46.79
CA LYS D 63 -11.44 -9.14 47.16
C LYS D 63 -10.36 -10.21 47.12
N ILE D 64 -9.34 -9.99 46.31
CA ILE D 64 -8.26 -10.96 46.19
C ILE D 64 -7.63 -11.33 47.53
N ALA D 65 -7.72 -10.42 48.50
CA ALA D 65 -7.15 -10.65 49.82
C ALA D 65 -7.64 -11.96 50.45
N LYS D 66 -8.84 -12.40 50.06
CA LYS D 66 -9.43 -13.62 50.60
C LYS D 66 -9.05 -14.90 49.85
N ASP D 67 -8.15 -14.78 48.88
CA ASP D 67 -7.73 -15.96 48.12
C ASP D 67 -6.23 -16.19 48.32
N PRO D 68 -5.88 -17.06 49.26
CA PRO D 68 -4.47 -17.36 49.54
C PRO D 68 -3.75 -18.11 48.42
N LYS D 69 -4.49 -18.52 47.39
CA LYS D 69 -3.90 -19.23 46.26
C LYS D 69 -3.21 -18.19 45.38
N ILE D 70 -3.67 -16.95 45.51
CA ILE D 70 -3.14 -15.81 44.77
C ILE D 70 -1.95 -15.22 45.51
N ASP D 71 -0.77 -15.68 45.15
CA ASP D 71 0.46 -15.19 45.74
C ASP D 71 0.80 -13.76 45.35
N ALA D 72 0.57 -13.43 44.08
CA ALA D 72 0.88 -12.09 43.61
C ALA D 72 -0.03 -11.58 42.50
N VAL D 73 0.02 -10.27 42.32
CA VAL D 73 -0.74 -9.58 41.31
C VAL D 73 0.25 -8.98 40.31
N TYR D 74 -0.17 -8.83 39.06
CA TYR D 74 0.68 -8.26 38.00
C TYR D 74 -0.08 -7.11 37.36
N ILE D 75 0.30 -5.88 37.68
CA ILE D 75 -0.36 -4.71 37.12
C ILE D 75 0.14 -4.50 35.70
N ILE D 76 -0.82 -4.30 34.79
CA ILE D 76 -0.50 -4.09 33.39
C ILE D 76 -1.53 -3.09 32.88
N LEU D 77 -1.65 -1.99 33.59
CA LEU D 77 -2.60 -0.96 33.24
C LEU D 77 -1.84 0.31 32.89
N PRO D 78 -2.54 1.33 32.36
CA PRO D 78 -1.87 2.57 32.01
C PRO D 78 -1.00 3.01 33.20
N ASN D 79 0.07 3.73 32.90
CA ASN D 79 1.01 4.17 33.92
C ASN D 79 0.45 4.87 35.15
N SER D 80 -0.56 5.71 34.97
CA SER D 80 -1.13 6.42 36.11
C SER D 80 -1.81 5.52 37.14
N LEU D 81 -2.40 4.43 36.68
CA LEU D 81 -3.07 3.50 37.59
C LEU D 81 -2.10 2.57 38.32
N HIS D 82 -0.82 2.64 37.99
CA HIS D 82 0.17 1.76 38.62
C HIS D 82 0.22 1.84 40.12
N ALA D 83 0.44 3.03 40.65
CA ALA D 83 0.54 3.18 42.10
C ALA D 83 -0.76 2.78 42.83
N GLU D 84 -1.89 3.20 42.29
CA GLU D 84 -3.18 2.90 42.92
C GLU D 84 -3.34 1.42 43.25
N PHE D 85 -3.29 0.58 42.22
CA PHE D 85 -3.46 -0.85 42.40
C PHE D 85 -2.27 -1.55 43.02
N ALA D 86 -1.12 -0.89 42.99
CA ALA D 86 0.08 -1.47 43.56
C ALA D 86 -0.09 -1.50 45.08
N ILE D 87 -0.53 -0.37 45.62
CA ILE D 87 -0.75 -0.23 47.05
C ILE D 87 -1.93 -1.10 47.50
N ARG D 88 -3.07 -0.97 46.81
CA ARG D 88 -4.23 -1.77 47.16
C ARG D 88 -3.85 -3.24 47.14
N ALA D 89 -2.97 -3.59 46.20
CA ALA D 89 -2.52 -4.97 46.07
C ALA D 89 -1.74 -5.37 47.32
N PHE D 90 -0.90 -4.47 47.81
CA PHE D 90 -0.13 -4.75 49.02
C PHE D 90 -1.06 -4.80 50.22
N LYS D 91 -2.09 -3.95 50.21
CA LYS D 91 -3.04 -3.90 51.30
C LYS D 91 -3.71 -5.26 51.45
N ALA D 92 -3.83 -5.99 50.35
CA ALA D 92 -4.44 -7.31 50.38
C ALA D 92 -3.37 -8.37 50.67
N GLY D 93 -2.24 -7.90 51.18
CA GLY D 93 -1.13 -8.78 51.52
C GLY D 93 -0.64 -9.66 50.38
N LYS D 94 -0.29 -9.04 49.26
CA LYS D 94 0.18 -9.81 48.11
C LYS D 94 1.35 -9.12 47.39
N HIS D 95 2.35 -9.92 47.00
CA HIS D 95 3.51 -9.38 46.29
C HIS D 95 3.06 -8.75 44.99
N VAL D 96 3.74 -7.67 44.60
CA VAL D 96 3.38 -6.97 43.38
C VAL D 96 4.42 -6.98 42.26
N MET D 97 3.91 -7.17 41.04
CA MET D 97 4.67 -7.18 39.80
C MET D 97 4.07 -6.01 39.03
N CYS D 98 4.81 -4.91 38.92
CA CYS D 98 4.30 -3.74 38.22
C CYS D 98 5.09 -3.45 36.95
N GLU D 99 4.36 -3.23 35.84
CA GLU D 99 5.01 -2.93 34.57
C GLU D 99 5.66 -1.56 34.58
N LYS D 100 6.56 -1.35 33.63
CA LYS D 100 7.26 -0.07 33.50
C LYS D 100 6.36 0.86 32.70
N PRO D 101 6.46 2.17 32.96
CA PRO D 101 7.31 2.83 33.97
C PRO D 101 6.68 2.56 35.33
N MET D 102 7.47 2.58 36.39
CA MET D 102 6.93 2.31 37.72
C MET D 102 5.66 3.13 37.97
N ALA D 103 5.76 4.44 37.76
CA ALA D 103 4.62 5.34 37.94
C ALA D 103 4.86 6.65 37.20
N THR D 104 3.87 7.53 37.21
CA THR D 104 3.97 8.81 36.54
C THR D 104 4.49 9.89 37.49
N SER D 105 5.03 9.48 38.63
CA SER D 105 5.56 10.42 39.61
C SER D 105 6.64 9.77 40.47
N VAL D 106 7.54 10.58 40.99
CA VAL D 106 8.61 10.04 41.81
C VAL D 106 8.00 9.69 43.15
N ALA D 107 7.07 10.55 43.58
CA ALA D 107 6.36 10.39 44.84
C ALA D 107 5.66 9.04 44.89
N ASP D 108 4.80 8.79 43.91
CA ASP D 108 4.07 7.54 43.85
C ASP D 108 5.04 6.37 43.87
N CYS D 109 6.22 6.56 43.28
CA CYS D 109 7.22 5.50 43.27
C CYS D 109 7.66 5.19 44.69
N GLN D 110 7.85 6.24 45.48
CA GLN D 110 8.27 6.09 46.87
C GLN D 110 7.11 5.50 47.68
N ARG D 111 5.91 6.01 47.43
CA ARG D 111 4.72 5.54 48.12
C ARG D 111 4.56 4.04 47.91
N MET D 112 4.71 3.59 46.67
CA MET D 112 4.56 2.18 46.35
C MET D 112 5.56 1.35 47.14
N ILE D 113 6.80 1.81 47.20
CA ILE D 113 7.83 1.07 47.93
C ILE D 113 7.43 1.02 49.40
N ASP D 114 6.93 2.13 49.93
CA ASP D 114 6.51 2.19 51.33
C ASP D 114 5.49 1.06 51.55
N ALA D 115 4.36 1.19 50.87
CA ALA D 115 3.29 0.21 50.96
C ALA D 115 3.85 -1.22 50.95
N ALA D 116 4.82 -1.45 50.08
CA ALA D 116 5.44 -2.75 49.97
C ALA D 116 6.10 -3.14 51.29
N LYS D 117 6.94 -2.26 51.81
CA LYS D 117 7.63 -2.50 53.06
C LYS D 117 6.60 -2.79 54.14
N ALA D 118 5.59 -1.95 54.21
CA ALA D 118 4.51 -2.11 55.18
C ALA D 118 4.00 -3.54 55.10
N ALA D 119 3.26 -3.83 54.04
CA ALA D 119 2.70 -5.16 53.84
C ALA D 119 3.76 -6.26 53.90
N ASN D 120 5.02 -5.86 53.99
CA ASN D 120 6.12 -6.83 54.00
C ASN D 120 5.91 -7.81 52.85
N LYS D 121 5.83 -7.27 51.64
CA LYS D 121 5.67 -8.06 50.44
C LYS D 121 6.63 -7.40 49.44
N LYS D 122 7.11 -8.18 48.47
CA LYS D 122 8.06 -7.65 47.50
C LYS D 122 7.41 -6.91 46.34
N LEU D 123 8.15 -5.93 45.82
CA LEU D 123 7.74 -5.08 44.70
C LEU D 123 8.76 -5.22 43.57
N MET D 124 8.30 -5.77 42.44
CA MET D 124 9.17 -5.97 41.29
C MET D 124 8.61 -5.29 40.04
N ILE D 125 9.46 -4.52 39.36
CA ILE D 125 9.05 -3.80 38.15
C ILE D 125 9.35 -4.66 36.92
N GLY D 126 8.49 -4.56 35.92
CA GLY D 126 8.63 -5.35 34.70
C GLY D 126 9.75 -5.09 33.70
N TYR D 127 10.99 -5.18 34.15
CA TYR D 127 12.13 -4.98 33.27
C TYR D 127 12.56 -6.33 32.70
N ARG D 128 11.74 -6.86 31.79
CA ARG D 128 12.02 -8.15 31.17
C ARG D 128 13.44 -8.25 30.65
N CYS D 129 14.02 -7.12 30.26
CA CYS D 129 15.37 -7.14 29.72
C CYS D 129 16.36 -7.62 30.77
N HIS D 130 15.96 -7.59 32.03
CA HIS D 130 16.84 -8.03 33.10
C HIS D 130 16.79 -9.55 33.22
N TYR D 131 15.99 -10.18 32.36
CA TYR D 131 15.82 -11.62 32.38
C TYR D 131 15.95 -12.20 30.98
N ASP D 132 16.41 -11.35 30.04
CA ASP D 132 16.64 -11.76 28.66
C ASP D 132 18.07 -12.28 28.58
N PRO D 133 18.24 -13.56 28.25
CA PRO D 133 19.57 -14.15 28.16
C PRO D 133 20.55 -13.35 27.29
N MET D 134 20.04 -12.82 26.19
CA MET D 134 20.86 -12.04 25.28
C MET D 134 21.41 -10.84 26.00
N ASN D 135 20.57 -10.09 26.70
CA ASN D 135 21.05 -8.93 27.41
C ASN D 135 22.01 -9.31 28.49
N ARG D 136 21.71 -10.39 29.19
CA ARG D 136 22.57 -10.82 30.26
C ARG D 136 23.94 -11.21 29.71
N ALA D 137 23.94 -11.77 28.51
CA ALA D 137 25.18 -12.16 27.89
C ALA D 137 25.99 -10.90 27.54
N ALA D 138 25.29 -9.88 27.08
CA ALA D 138 25.96 -8.63 26.72
C ALA D 138 26.63 -8.12 27.98
N VAL D 139 25.87 -8.08 29.06
CA VAL D 139 26.38 -7.60 30.34
C VAL D 139 27.58 -8.40 30.80
N LYS D 140 27.51 -9.72 30.66
CA LYS D 140 28.59 -10.60 31.07
C LYS D 140 29.91 -10.26 30.39
N LEU D 141 29.89 -10.21 29.05
CA LEU D 141 31.09 -9.92 28.28
C LEU D 141 31.66 -8.53 28.55
N ILE D 142 30.81 -7.60 28.95
CA ILE D 142 31.29 -6.26 29.27
C ILE D 142 32.03 -6.33 30.60
N ARG D 143 31.43 -7.03 31.57
CA ARG D 143 32.04 -7.18 32.88
C ARG D 143 33.34 -7.98 32.77
N GLU D 144 33.42 -8.89 31.82
CA GLU D 144 34.63 -9.69 31.62
C GLU D 144 35.66 -8.85 30.88
N ASN D 145 35.38 -7.56 30.75
CA ASN D 145 36.29 -6.64 30.10
C ASN D 145 36.64 -6.96 28.64
N GLN D 146 35.67 -7.41 27.87
CA GLN D 146 35.93 -7.74 26.47
C GLN D 146 35.88 -6.52 25.58
N LEU D 147 35.30 -5.44 26.08
CA LEU D 147 35.20 -4.20 25.33
C LEU D 147 36.34 -3.27 25.77
N GLY D 148 36.93 -3.58 26.93
CA GLY D 148 37.99 -2.74 27.47
C GLY D 148 37.29 -1.66 28.27
N LYS D 149 37.89 -0.47 28.37
CA LYS D 149 37.26 0.60 29.13
C LYS D 149 36.14 1.23 28.31
N LEU D 150 34.93 1.19 28.85
CA LEU D 150 33.77 1.73 28.17
C LEU D 150 33.86 3.26 28.02
N GLY D 151 33.55 3.77 26.82
CA GLY D 151 33.60 5.20 26.60
C GLY D 151 32.40 5.85 25.91
N MET D 152 31.73 5.13 25.03
CA MET D 152 30.58 5.70 24.35
C MET D 152 29.45 4.70 24.09
N VAL D 153 28.31 4.97 24.72
CA VAL D 153 27.11 4.16 24.58
C VAL D 153 26.14 4.90 23.67
N THR D 154 25.43 4.17 22.83
CA THR D 154 24.47 4.80 21.94
C THR D 154 23.20 3.95 21.94
N THR D 155 22.06 4.58 22.17
CA THR D 155 20.79 3.87 22.15
C THR D 155 19.73 4.59 21.35
N ASP D 156 18.81 3.80 20.79
CA ASP D 156 17.67 4.30 20.00
C ASP D 156 16.53 3.31 20.21
N ASN D 157 15.35 3.83 20.49
CA ASN D 157 14.18 2.99 20.70
C ASN D 157 13.01 3.74 20.08
N SER D 158 12.44 3.14 19.04
CA SER D 158 11.35 3.78 18.33
C SER D 158 10.32 2.82 17.77
N ASP D 159 9.12 3.36 17.58
CA ASP D 159 8.01 2.63 16.99
C ASP D 159 6.89 3.62 16.71
N VAL D 160 6.29 3.49 15.53
CA VAL D 160 5.21 4.37 15.12
C VAL D 160 3.98 4.26 16.01
N MET D 161 3.59 5.39 16.59
CA MET D 161 2.43 5.46 17.47
C MET D 161 1.19 5.69 16.61
N ASP D 162 0.28 4.72 16.66
CA ASP D 162 -0.98 4.77 15.90
C ASP D 162 -1.62 6.16 15.98
N GLN D 163 -2.10 6.67 14.86
CA GLN D 163 -2.73 7.99 14.84
C GLN D 163 -4.24 7.93 15.12
N ASN D 164 -4.84 6.75 14.92
CA ASN D 164 -6.27 6.54 15.14
C ASN D 164 -6.79 7.28 16.37
N ASP D 165 -7.39 8.45 16.14
CA ASP D 165 -7.94 9.27 17.22
C ASP D 165 -7.07 9.19 18.48
N PRO D 166 -6.04 10.04 18.57
CA PRO D 166 -5.13 10.08 19.72
C PRO D 166 -5.84 10.15 21.07
N ALA D 167 -7.17 10.23 21.03
CA ALA D 167 -7.99 10.29 22.23
C ALA D 167 -8.20 8.93 22.92
N GLN D 168 -8.22 7.85 22.14
CA GLN D 168 -8.41 6.51 22.70
C GLN D 168 -7.10 5.91 23.17
N GLN D 169 -5.99 6.55 22.78
CA GLN D 169 -4.66 6.11 23.15
C GLN D 169 -4.26 6.69 24.47
N TRP D 170 -4.18 5.85 25.49
CA TRP D 170 -3.83 6.37 26.80
C TRP D 170 -2.39 6.85 26.84
N ARG D 171 -1.59 6.41 25.87
CA ARG D 171 -0.18 6.81 25.79
C ARG D 171 -0.03 8.26 25.34
N LEU D 172 -1.09 8.82 24.76
CA LEU D 172 -1.04 10.19 24.30
C LEU D 172 -1.59 11.20 25.34
N ARG D 173 -2.22 10.69 26.39
CA ARG D 173 -2.74 11.56 27.43
C ARG D 173 -1.74 11.66 28.57
N ARG D 174 -1.20 12.86 28.76
CA ARG D 174 -0.21 13.11 29.82
C ARG D 174 -0.60 12.52 31.17
N GLU D 175 -1.86 12.68 31.54
CA GLU D 175 -2.37 12.15 32.80
C GLU D 175 -2.24 10.64 32.97
N LEU D 176 -2.60 9.88 31.93
CA LEU D 176 -2.54 8.42 31.98
C LEU D 176 -1.15 7.89 31.69
N ALA D 177 -0.38 8.66 30.91
CA ALA D 177 0.95 8.24 30.51
C ALA D 177 2.10 8.75 31.38
N GLY D 178 2.13 10.05 31.61
CA GLY D 178 3.20 10.63 32.40
C GLY D 178 4.28 11.23 31.51
N GLY D 179 4.33 10.77 30.26
CA GLY D 179 5.31 11.27 29.30
C GLY D 179 5.13 10.66 27.92
N GLY D 180 5.96 11.08 26.97
CA GLY D 180 5.88 10.55 25.62
C GLY D 180 6.70 9.30 25.39
N SER D 181 7.40 9.26 24.26
CA SER D 181 8.23 8.11 23.89
C SER D 181 9.30 7.77 24.93
N LEU D 182 9.77 8.76 25.68
CA LEU D 182 10.77 8.46 26.69
C LEU D 182 10.22 7.53 27.76
N MET D 183 9.08 7.92 28.36
CA MET D 183 8.42 7.12 29.39
C MET D 183 8.04 5.75 28.87
N ASP D 184 7.54 5.72 27.65
CA ASP D 184 7.09 4.48 27.01
C ASP D 184 8.19 3.53 26.56
N ILE D 185 9.16 4.02 25.79
CA ILE D 185 10.21 3.15 25.28
C ILE D 185 11.65 3.61 25.42
N GLY D 186 11.86 4.91 25.48
CA GLY D 186 13.21 5.43 25.64
C GLY D 186 13.79 4.84 26.90
N ILE D 187 12.91 4.62 27.87
CA ILE D 187 13.27 4.06 29.15
C ILE D 187 14.12 2.81 28.97
N TYR D 188 13.93 2.09 27.86
CA TYR D 188 14.75 0.90 27.61
C TYR D 188 16.18 1.32 27.37
N GLY D 189 16.36 2.40 26.61
CA GLY D 189 17.70 2.88 26.34
C GLY D 189 18.34 3.40 27.61
N LEU D 190 17.58 4.20 28.36
CA LEU D 190 18.09 4.76 29.59
C LEU D 190 18.49 3.65 30.55
N ASN D 191 17.57 2.72 30.76
CA ASN D 191 17.78 1.60 31.65
C ASN D 191 18.94 0.71 31.18
N GLY D 192 19.03 0.52 29.87
CA GLY D 192 20.08 -0.30 29.32
C GLY D 192 21.46 0.32 29.46
N THR D 193 21.54 1.63 29.24
CA THR D 193 22.81 2.33 29.34
C THR D 193 23.38 2.09 30.72
N ARG D 194 22.49 2.15 31.71
CA ARG D 194 22.85 1.96 33.10
C ARG D 194 23.32 0.55 33.43
N TYR D 195 22.58 -0.48 33.03
CA TYR D 195 23.03 -1.82 33.37
C TYR D 195 24.12 -2.32 32.43
N LEU D 196 24.28 -1.68 31.28
CA LEU D 196 25.33 -2.08 30.35
C LEU D 196 26.63 -1.49 30.88
N LEU D 197 26.58 -0.25 31.32
CA LEU D 197 27.75 0.41 31.87
C LEU D 197 28.02 -0.03 33.31
N GLY D 198 26.96 -0.42 34.02
CA GLY D 198 27.08 -0.86 35.40
C GLY D 198 27.33 0.32 36.34
N GLU D 199 26.69 1.45 36.05
CA GLU D 199 26.85 2.65 36.86
C GLU D 199 25.75 3.66 36.56
N GLU D 200 25.68 4.71 37.36
CA GLU D 200 24.64 5.72 37.18
C GLU D 200 25.13 7.04 36.60
N PRO D 201 24.27 7.72 35.84
CA PRO D 201 24.66 9.00 35.25
C PRO D 201 24.72 10.03 36.36
N ILE D 202 25.74 10.88 36.35
CA ILE D 202 25.86 11.90 37.39
C ILE D 202 25.40 13.24 36.84
N GLU D 203 25.34 13.33 35.52
CA GLU D 203 24.94 14.56 34.85
C GLU D 203 24.06 14.20 33.64
N VAL D 204 23.10 15.05 33.33
CA VAL D 204 22.19 14.78 32.22
C VAL D 204 21.81 15.99 31.38
N ARG D 205 21.73 15.80 30.06
CA ARG D 205 21.33 16.86 29.14
C ARG D 205 20.38 16.26 28.12
N ALA D 206 19.44 17.06 27.64
CA ALA D 206 18.48 16.55 26.67
C ALA D 206 17.82 17.63 25.87
N TYR D 207 17.12 17.22 24.83
CA TYR D 207 16.39 18.14 23.98
C TYR D 207 15.26 17.34 23.35
N THR D 208 14.11 17.99 23.17
CA THR D 208 12.98 17.30 22.56
C THR D 208 12.29 18.14 21.50
N TYR D 209 11.66 17.47 20.56
CA TYR D 209 10.94 18.14 19.51
C TYR D 209 9.86 17.22 18.97
N SER D 210 8.67 17.79 18.79
CA SER D 210 7.53 17.06 18.25
C SER D 210 6.88 18.01 17.25
N ASP D 211 6.41 17.48 16.14
CA ASP D 211 5.76 18.34 15.14
C ASP D 211 4.54 19.01 15.77
N PRO D 212 4.48 20.35 15.70
CA PRO D 212 3.37 21.12 16.27
C PRO D 212 2.04 20.87 15.56
N ASN D 213 2.09 20.26 14.38
CA ASN D 213 0.87 19.98 13.62
C ASN D 213 0.44 18.52 13.69
N ASP D 214 1.05 17.75 14.58
CA ASP D 214 0.70 16.35 14.70
C ASP D 214 -0.19 16.14 15.94
N GLU D 215 -1.45 15.79 15.69
CA GLU D 215 -2.45 15.59 16.73
C GLU D 215 -2.01 14.66 17.85
N ARG D 216 -1.08 13.76 17.56
CA ARG D 216 -0.61 12.79 18.53
C ARG D 216 0.20 13.35 19.68
N PHE D 217 1.04 14.33 19.39
CA PHE D 217 1.92 14.88 20.40
C PHE D 217 1.53 16.23 20.95
N VAL D 218 0.29 16.32 21.41
CA VAL D 218 -0.21 17.55 21.97
C VAL D 218 0.07 17.57 23.48
N GLU D 219 0.16 16.39 24.08
CA GLU D 219 0.42 16.28 25.51
C GLU D 219 1.74 15.58 25.82
N VAL D 220 2.06 14.57 25.03
CA VAL D 220 3.30 13.82 25.23
C VAL D 220 4.24 14.00 24.05
N GLU D 221 5.54 14.02 24.32
CA GLU D 221 6.53 14.22 23.28
C GLU D 221 6.67 13.05 22.31
N ASP D 222 7.01 13.39 21.07
CA ASP D 222 7.21 12.39 20.02
C ASP D 222 8.66 11.89 20.03
N ARG D 223 9.59 12.83 19.89
CA ARG D 223 11.01 12.48 19.86
C ARG D 223 11.80 13.29 20.87
N ILE D 224 12.71 12.61 21.55
CA ILE D 224 13.55 13.26 22.55
C ILE D 224 14.93 12.60 22.58
N ILE D 225 15.96 13.45 22.57
CA ILE D 225 17.35 13.02 22.58
C ILE D 225 18.00 13.41 23.90
N TRP D 226 18.66 12.45 24.55
CA TRP D 226 19.32 12.74 25.80
C TRP D 226 20.78 12.28 25.80
N GLN D 227 21.61 13.02 26.50
CA GLN D 227 23.03 12.74 26.60
C GLN D 227 23.38 12.69 28.06
N MET D 228 24.16 11.69 28.45
CA MET D 228 24.54 11.55 29.85
C MET D 228 26.02 11.31 30.04
N ARG D 229 26.50 11.62 31.24
CA ARG D 229 27.90 11.41 31.59
C ARG D 229 27.95 10.62 32.87
N PHE D 230 28.94 9.73 32.98
CA PHE D 230 29.07 8.92 34.17
C PHE D 230 30.36 9.23 34.92
N ARG D 231 30.49 8.66 36.11
CA ARG D 231 31.67 8.88 36.94
C ARG D 231 32.93 8.35 36.27
N SER D 232 32.82 7.20 35.63
CA SER D 232 33.96 6.58 34.96
C SER D 232 34.43 7.40 33.75
N GLY D 233 33.68 8.46 33.43
CA GLY D 233 34.01 9.27 32.28
C GLY D 233 33.34 8.78 31.01
N ALA D 234 32.55 7.73 31.13
CA ALA D 234 31.86 7.20 29.97
C ALA D 234 30.78 8.18 29.56
N LEU D 235 30.40 8.13 28.30
CA LEU D 235 29.37 9.02 27.78
C LEU D 235 28.29 8.27 27.04
N SER D 236 27.16 8.92 26.82
CA SER D 236 26.11 8.26 26.11
C SER D 236 25.21 9.25 25.40
N HIS D 237 24.61 8.82 24.31
CA HIS D 237 23.67 9.63 23.59
C HIS D 237 22.62 8.68 23.05
N GLY D 238 21.38 8.97 23.42
CA GLY D 238 20.27 8.14 22.99
C GLY D 238 19.04 8.94 22.66
N ALA D 239 18.05 8.26 22.09
CA ALA D 239 16.81 8.90 21.71
C ALA D 239 15.66 7.90 21.61
N SER D 240 14.45 8.43 21.69
CA SER D 240 13.25 7.62 21.56
C SER D 240 12.37 8.39 20.58
N SER D 241 11.59 7.66 19.80
CA SER D 241 10.73 8.28 18.80
C SER D 241 9.38 7.59 18.68
N TYR D 242 8.33 8.39 18.48
CA TYR D 242 6.98 7.87 18.32
C TYR D 242 6.51 7.96 16.87
N SER D 243 7.34 8.55 16.01
CA SER D 243 6.96 8.71 14.61
C SER D 243 7.82 7.98 13.57
N THR D 244 8.65 7.05 14.00
CA THR D 244 9.50 6.31 13.08
C THR D 244 9.39 4.84 13.44
N THR D 245 9.49 3.95 12.45
CA THR D 245 9.35 2.52 12.72
C THR D 245 10.30 1.86 13.69
N THR D 246 9.95 0.61 13.99
CA THR D 246 10.66 -0.21 14.92
C THR D 246 12.18 -0.14 14.95
N THR D 247 12.68 0.38 16.06
CA THR D 247 14.09 0.53 16.28
C THR D 247 14.43 0.15 17.71
N SER D 248 15.30 -0.83 17.88
CA SER D 248 15.76 -1.25 19.19
C SER D 248 17.23 -1.53 18.98
N ARG D 249 18.04 -0.47 19.08
CA ARG D 249 19.46 -0.61 18.84
C ARG D 249 20.41 0.05 19.85
N PHE D 250 21.25 -0.77 20.48
CA PHE D 250 22.25 -0.31 21.46
C PHE D 250 23.68 -0.62 20.97
N SER D 251 24.60 0.31 21.21
CA SER D 251 26.00 0.10 20.86
C SER D 251 26.82 0.55 22.07
N VAL D 252 27.84 -0.22 22.41
CA VAL D 252 28.70 0.11 23.54
C VAL D 252 30.13 0.07 23.03
N GLN D 253 30.81 1.21 23.10
CA GLN D 253 32.21 1.32 22.63
C GLN D 253 33.25 1.28 23.74
N GLY D 254 34.20 0.37 23.61
CA GLY D 254 35.26 0.29 24.59
C GLY D 254 36.53 0.62 23.84
N ASP D 255 37.68 0.58 24.52
CA ASP D 255 38.91 0.85 23.83
C ASP D 255 39.39 -0.43 23.16
N LYS D 256 38.85 -1.57 23.60
CA LYS D 256 39.24 -2.85 23.02
C LYS D 256 38.33 -3.25 21.88
N ALA D 257 37.02 -3.10 22.10
CA ALA D 257 36.08 -3.48 21.07
C ALA D 257 34.74 -2.77 21.21
N VAL D 258 33.85 -3.03 20.28
CA VAL D 258 32.53 -2.44 20.27
C VAL D 258 31.42 -3.48 20.25
N LEU D 259 30.46 -3.33 21.16
CA LEU D 259 29.32 -4.22 21.26
C LEU D 259 28.09 -3.63 20.51
N LEU D 260 27.41 -4.48 19.73
CA LEU D 260 26.22 -4.04 19.02
C LEU D 260 25.04 -4.96 19.30
N MET D 261 23.98 -4.40 19.86
CA MET D 261 22.75 -5.14 20.17
C MET D 261 21.65 -4.62 19.26
N ASP D 262 21.26 -5.43 18.28
CA ASP D 262 20.24 -5.04 17.32
C ASP D 262 19.59 -6.27 16.67
N PRO D 263 18.35 -6.60 17.07
CA PRO D 263 17.55 -5.89 18.08
C PRO D 263 18.08 -6.10 19.50
N ALA D 264 17.94 -5.04 20.30
CA ALA D 264 18.41 -5.00 21.68
C ALA D 264 17.39 -5.37 22.74
N THR D 265 16.17 -4.88 22.57
CA THR D 265 15.13 -5.14 23.56
C THR D 265 13.84 -5.61 22.93
N GLY D 266 13.92 -6.51 21.96
CA GLY D 266 12.70 -6.97 21.33
C GLY D 266 12.01 -8.11 22.08
N TYR D 267 10.81 -8.46 21.62
CA TYR D 267 10.04 -9.54 22.25
C TYR D 267 10.64 -10.88 21.91
N TYR D 268 11.08 -11.04 20.66
CA TYR D 268 11.66 -12.29 20.20
C TYR D 268 13.13 -12.10 19.86
N GLN D 269 13.86 -13.21 19.87
CA GLN D 269 15.30 -13.27 19.59
C GLN D 269 16.09 -11.98 19.33
N ASN D 270 16.71 -11.46 20.37
CA ASN D 270 17.52 -10.26 20.27
C ASN D 270 18.91 -10.69 19.76
N LEU D 271 19.63 -9.79 19.11
CA LEU D 271 20.96 -10.11 18.55
C LEU D 271 22.08 -9.20 19.07
N ILE D 272 23.20 -9.80 19.43
CA ILE D 272 24.35 -9.02 19.88
C ILE D 272 25.61 -9.48 19.18
N SER D 273 26.48 -8.54 18.87
CA SER D 273 27.73 -8.89 18.21
C SER D 273 28.83 -7.98 18.69
N VAL D 274 30.06 -8.46 18.57
CA VAL D 274 31.22 -7.70 19.00
C VAL D 274 32.17 -7.46 17.82
N GLN D 275 32.65 -6.23 17.71
CA GLN D 275 33.57 -5.87 16.63
C GLN D 275 34.88 -5.43 17.25
N THR D 276 35.95 -6.13 16.90
CA THR D 276 37.26 -5.78 17.39
C THR D 276 38.09 -5.55 16.17
N PRO D 277 38.94 -4.52 16.18
CA PRO D 277 39.81 -4.19 15.05
C PRO D 277 40.62 -5.44 14.65
N GLY D 278 40.21 -6.11 13.59
CA GLY D 278 40.90 -7.32 13.19
C GLY D 278 40.39 -8.48 14.03
N ASN D 293 15.58 -19.63 28.82
CA ASN D 293 14.83 -18.82 29.82
C ASN D 293 14.28 -17.57 29.15
N ASN D 294 13.35 -17.72 28.20
CA ASN D 294 12.83 -16.52 27.56
C ASN D 294 12.48 -15.50 28.65
N GLN D 295 12.81 -14.24 28.38
CA GLN D 295 12.57 -13.15 29.31
C GLN D 295 11.23 -13.20 30.07
N PHE D 296 10.13 -13.30 29.33
CA PHE D 296 8.80 -13.35 29.94
C PHE D 296 8.68 -14.40 31.04
N SER D 297 8.93 -15.65 30.70
CA SER D 297 8.86 -16.71 31.69
C SER D 297 9.78 -16.37 32.85
N ALA D 298 11.07 -16.30 32.55
CA ALA D 298 12.08 -16.00 33.57
C ALA D 298 11.72 -14.81 34.45
N GLN D 299 10.96 -13.88 33.92
CA GLN D 299 10.57 -12.72 34.72
C GLN D 299 9.55 -13.15 35.75
N LEU D 300 8.51 -13.85 35.30
CA LEU D 300 7.44 -14.35 36.16
C LEU D 300 8.00 -15.28 37.23
N ASP D 301 8.74 -16.30 36.81
CA ASP D 301 9.31 -17.23 37.77
C ASP D 301 10.32 -16.58 38.69
N HIS D 302 10.78 -15.38 38.34
CA HIS D 302 11.77 -14.72 39.16
C HIS D 302 11.16 -14.14 40.43
N LEU D 303 9.93 -13.65 40.32
CA LEU D 303 9.25 -13.09 41.48
C LEU D 303 8.87 -14.23 42.41
N ALA D 304 8.44 -15.33 41.80
CA ALA D 304 8.05 -16.51 42.56
C ALA D 304 9.20 -16.95 43.46
N GLU D 305 10.26 -17.42 42.83
CA GLU D 305 11.43 -17.88 43.56
C GLU D 305 11.91 -16.90 44.62
N ALA D 306 11.90 -15.60 44.31
CA ALA D 306 12.34 -14.61 45.29
C ALA D 306 11.56 -14.81 46.58
N VAL D 307 10.25 -14.97 46.44
CA VAL D 307 9.37 -15.18 47.58
C VAL D 307 9.70 -16.53 48.22
N ILE D 308 9.66 -17.59 47.41
CA ILE D 308 9.96 -18.94 47.87
C ILE D 308 11.33 -19.05 48.54
N ASN D 309 12.09 -17.96 48.59
CA ASN D 309 13.41 -18.00 49.21
C ASN D 309 13.74 -16.74 50.01
N ASN D 310 12.74 -15.87 50.16
CA ASN D 310 12.89 -14.60 50.87
C ASN D 310 14.03 -13.75 50.30
N LYS D 311 14.57 -14.20 49.18
CA LYS D 311 15.67 -13.50 48.52
C LYS D 311 15.09 -12.29 47.77
N PRO D 312 15.77 -11.13 47.84
CA PRO D 312 15.32 -9.91 47.16
C PRO D 312 15.28 -10.09 45.65
N VAL D 313 14.34 -9.42 45.02
CA VAL D 313 14.18 -9.53 43.58
C VAL D 313 15.18 -8.64 42.85
N ARG D 314 15.56 -9.02 41.62
CA ARG D 314 16.54 -8.26 40.85
C ARG D 314 16.06 -6.89 40.41
N SER D 315 14.76 -6.78 40.14
CA SER D 315 14.21 -5.51 39.70
C SER D 315 13.21 -4.94 40.70
N PRO D 316 13.72 -4.37 41.81
CA PRO D 316 12.90 -3.78 42.87
C PRO D 316 12.28 -2.44 42.49
N GLY D 317 11.35 -1.97 43.31
CA GLY D 317 10.72 -0.70 43.03
C GLY D 317 11.68 0.45 43.23
N GLU D 318 12.81 0.17 43.85
CA GLU D 318 13.81 1.21 44.08
C GLU D 318 14.47 1.51 42.74
N GLU D 319 14.63 0.47 41.93
CA GLU D 319 15.22 0.57 40.60
C GLU D 319 14.24 1.26 39.67
N GLY D 320 12.96 0.93 39.81
CA GLY D 320 11.95 1.54 38.97
C GLY D 320 11.86 3.01 39.29
N MET D 321 12.14 3.36 40.53
CA MET D 321 12.08 4.74 40.96
C MET D 321 13.26 5.52 40.39
N GLN D 322 14.44 4.91 40.45
CA GLN D 322 15.64 5.54 39.92
C GLN D 322 15.40 5.98 38.47
N ASP D 323 14.83 5.10 37.67
CA ASP D 323 14.55 5.42 36.26
C ASP D 323 13.58 6.59 36.17
N VAL D 324 12.48 6.50 36.89
CA VAL D 324 11.47 7.56 36.89
C VAL D 324 12.11 8.89 37.27
N ARG D 325 12.95 8.86 38.28
CA ARG D 325 13.61 10.07 38.75
C ARG D 325 14.55 10.61 37.66
N LEU D 326 15.27 9.71 37.00
CA LEU D 326 16.17 10.11 35.94
C LEU D 326 15.36 10.70 34.79
N ILE D 327 14.27 10.05 34.42
CA ILE D 327 13.41 10.54 33.35
C ILE D 327 12.85 11.89 33.79
N GLN D 328 12.78 12.08 35.10
CA GLN D 328 12.28 13.33 35.65
C GLN D 328 13.26 14.43 35.32
N ALA D 329 14.56 14.16 35.53
CA ALA D 329 15.60 15.13 35.24
C ALA D 329 15.79 15.33 33.73
N ILE D 330 15.77 14.23 32.98
CA ILE D 330 15.93 14.35 31.55
C ILE D 330 14.89 15.30 30.97
N TYR D 331 13.65 15.20 31.44
CA TYR D 331 12.59 16.10 30.95
C TYR D 331 12.89 17.52 31.42
N GLU D 332 13.43 17.64 32.62
CA GLU D 332 13.76 18.94 33.18
C GLU D 332 14.81 19.60 32.29
N ALA D 333 15.87 18.84 31.97
CA ALA D 333 16.96 19.32 31.13
C ALA D 333 16.44 19.76 29.77
N ALA D 334 15.58 18.94 29.17
CA ALA D 334 15.02 19.28 27.86
C ALA D 334 14.21 20.56 27.95
N ARG D 335 13.57 20.76 29.10
CA ARG D 335 12.74 21.94 29.33
C ARG D 335 13.59 23.20 29.54
N THR D 336 14.63 23.09 30.37
CA THR D 336 15.49 24.23 30.68
C THR D 336 16.57 24.47 29.64
N GLY D 337 16.92 23.45 28.87
CA GLY D 337 17.95 23.63 27.87
C GLY D 337 19.30 23.83 28.53
N ARG D 338 19.48 23.14 29.64
CA ARG D 338 20.72 23.18 30.39
C ARG D 338 20.88 21.81 31.07
N PRO D 339 22.09 21.49 31.56
CA PRO D 339 22.26 20.18 32.19
C PRO D 339 21.48 20.03 33.48
N VAL D 340 21.52 18.83 34.04
CA VAL D 340 20.86 18.57 35.31
C VAL D 340 21.67 17.54 36.07
N ASN D 341 22.04 17.89 37.30
CA ASN D 341 22.81 17.01 38.17
C ASN D 341 21.89 15.88 38.58
N THR D 342 22.41 14.66 38.54
CA THR D 342 21.62 13.50 38.92
C THR D 342 22.45 12.63 39.84
N ASP D 343 23.55 13.19 40.30
CA ASP D 343 24.45 12.50 41.20
C ASP D 343 23.86 12.49 42.62
N TRP D 344 22.83 11.69 42.84
CA TRP D 344 22.17 11.62 44.13
C TRP D 344 22.36 10.31 44.88
N GLY D 345 23.55 9.75 44.78
CA GLY D 345 23.86 8.51 45.48
C GLY D 345 23.03 7.25 45.31
N TYR D 346 22.20 7.15 44.28
CA TYR D 346 21.42 5.93 44.12
C TYR D 346 22.39 4.75 44.03
N VAL D 347 21.95 3.57 44.46
CA VAL D 347 22.81 2.38 44.41
C VAL D 347 22.01 1.11 44.10
N ARG D 348 22.34 0.47 42.99
CA ARG D 348 21.65 -0.73 42.56
C ARG D 348 21.79 -1.87 43.54
N GLN D 349 20.76 -2.09 44.35
CA GLN D 349 20.77 -3.14 45.34
C GLN D 349 21.07 -4.49 44.68
N GLY D 350 22.28 -4.99 44.89
CA GLY D 350 22.68 -6.28 44.34
C GLY D 350 23.59 -6.26 43.12
N GLY D 351 23.26 -5.38 42.18
CA GLY D 351 24.03 -5.26 40.94
C GLY D 351 23.14 -4.85 39.78
N TYR D 352 23.63 -5.04 38.56
CA TYR D 352 22.88 -4.68 37.37
C TYR D 352 22.56 -5.90 36.51
#